data_1NYI
# 
_entry.id   1NYI 
# 
_audit_conform.dict_name       mmcif_pdbx.dic 
_audit_conform.dict_version    5.397 
_audit_conform.dict_location   http://mmcif.pdb.org/dictionaries/ascii/mmcif_pdbx.dic 
# 
loop_
_database_2.database_id 
_database_2.database_code 
_database_2.pdbx_database_accession 
_database_2.pdbx_DOI 
PDB   1NYI         pdb_00001nyi 10.2210/pdb1nyi/pdb 
NDB   UR0029       ?            ?                   
RCSB  RCSB018351   ?            ?                   
WWPDB D_1000018351 ?            ?                   
# 
loop_
_pdbx_audit_revision_history.ordinal 
_pdbx_audit_revision_history.data_content_type 
_pdbx_audit_revision_history.major_revision 
_pdbx_audit_revision_history.minor_revision 
_pdbx_audit_revision_history.revision_date 
1 'Structure model' 1 0 2004-02-24 
2 'Structure model' 1 1 2008-04-29 
3 'Structure model' 1 2 2011-07-13 
4 'Structure model' 1 3 2018-01-31 
5 'Structure model' 1 4 2018-02-28 
6 'Structure model' 1 5 2019-07-24 
7 'Structure model' 1 6 2024-02-14 
8 'Structure model' 1 7 2024-04-03 
9 'Structure model' 2 0 2024-10-16 
# 
_pdbx_audit_revision_details.ordinal             1 
_pdbx_audit_revision_details.revision_ordinal    1 
_pdbx_audit_revision_details.data_content_type   'Structure model' 
_pdbx_audit_revision_details.provider            repository 
_pdbx_audit_revision_details.type                'Initial release' 
_pdbx_audit_revision_details.description         ? 
_pdbx_audit_revision_details.details             ? 
# 
loop_
_pdbx_audit_revision_group.ordinal 
_pdbx_audit_revision_group.revision_ordinal 
_pdbx_audit_revision_group.data_content_type 
_pdbx_audit_revision_group.group 
1  2 'Structure model' 'Version format compliance' 
2  3 'Structure model' 'Version format compliance' 
3  4 'Structure model' Advisory                    
4  5 'Structure model' 'Experimental preparation'  
5  6 'Structure model' 'Data collection'           
6  6 'Structure model' 'Derived calculations'      
7  6 'Structure model' 'Refinement description'    
8  7 'Structure model' 'Data collection'           
9  7 'Structure model' 'Database references'       
10 7 'Structure model' 'Derived calculations'      
11 8 'Structure model' 'Refinement description'    
12 9 'Structure model' Advisory                    
13 9 'Structure model' 'Atomic model'              
14 9 'Structure model' 'Data collection'           
15 9 'Structure model' 'Derived calculations'      
16 9 'Structure model' 'Non-polymer description'   
17 9 'Structure model' 'Source and taxonomy'       
18 9 'Structure model' 'Structure summary'         
# 
loop_
_pdbx_audit_revision_category.ordinal 
_pdbx_audit_revision_category.revision_ordinal 
_pdbx_audit_revision_category.data_content_type 
_pdbx_audit_revision_category.category 
1  4 'Structure model' pdbx_unobs_or_zero_occ_atoms  
2  5 'Structure model' exptl_crystal_grow            
3  6 'Structure model' software                      
4  6 'Structure model' struct_conn                   
5  7 'Structure model' chem_comp_atom                
6  7 'Structure model' chem_comp_bond                
7  7 'Structure model' database_2                    
8  7 'Structure model' struct_conn                   
9  7 'Structure model' struct_site                   
10 8 'Structure model' pdbx_initial_refinement_model 
11 9 'Structure model' atom_site                     
12 9 'Structure model' chem_comp                     
13 9 'Structure model' chem_comp_atom                
14 9 'Structure model' chem_comp_bond                
15 9 'Structure model' ndb_struct_conf_na            
16 9 'Structure model' ndb_struct_na_base_pair       
17 9 'Structure model' pdbx_entity_nonpoly           
18 9 'Structure model' pdbx_entity_src_syn           
19 9 'Structure model' pdbx_entry_details            
20 9 'Structure model' pdbx_nonpoly_scheme           
21 9 'Structure model' pdbx_validate_close_contact   
22 9 'Structure model' struct_conn                   
23 9 'Structure model' struct_site                   
# 
loop_
_pdbx_audit_revision_item.ordinal 
_pdbx_audit_revision_item.revision_ordinal 
_pdbx_audit_revision_item.data_content_type 
_pdbx_audit_revision_item.item 
1  5 'Structure model' '_exptl_crystal_grow.temp'                    
2  6 'Structure model' '_software.classification'                    
3  6 'Structure model' '_software.name'                              
4  6 'Structure model' '_software.version'                           
5  6 'Structure model' '_struct_conn.pdbx_leaving_atom_flag'         
6  7 'Structure model' '_database_2.pdbx_DOI'                        
7  7 'Structure model' '_database_2.pdbx_database_accession'         
8  7 'Structure model' '_struct_conn.ptnr1_auth_comp_id'             
9  7 'Structure model' '_struct_conn.ptnr1_auth_seq_id'              
10 7 'Structure model' '_struct_conn.ptnr1_label_asym_id'            
11 7 'Structure model' '_struct_conn.ptnr1_label_atom_id'            
12 7 'Structure model' '_struct_conn.ptnr1_label_comp_id'            
13 7 'Structure model' '_struct_conn.ptnr1_label_seq_id'             
14 7 'Structure model' '_struct_conn.ptnr2_auth_comp_id'             
15 7 'Structure model' '_struct_conn.ptnr2_auth_seq_id'              
16 7 'Structure model' '_struct_conn.ptnr2_label_asym_id'            
17 7 'Structure model' '_struct_conn.ptnr2_label_atom_id'            
18 7 'Structure model' '_struct_conn.ptnr2_label_comp_id'            
19 7 'Structure model' '_struct_conn.ptnr2_label_seq_id'             
20 7 'Structure model' '_struct_site.pdbx_auth_asym_id'              
21 7 'Structure model' '_struct_site.pdbx_auth_comp_id'              
22 7 'Structure model' '_struct_site.pdbx_auth_seq_id'               
23 9 'Structure model' '_atom_site.auth_comp_id'                     
24 9 'Structure model' '_atom_site.label_comp_id'                    
25 9 'Structure model' '_chem_comp.formula'                          
26 9 'Structure model' '_chem_comp.formula_weight'                   
27 9 'Structure model' '_chem_comp.id'                               
28 9 'Structure model' '_chem_comp.mon_nstd_flag'                    
29 9 'Structure model' '_chem_comp.name'                             
30 9 'Structure model' '_chem_comp.type'                             
31 9 'Structure model' '_ndb_struct_na_base_pair.hbond_type_12'      
32 9 'Structure model' '_ndb_struct_na_base_pair.propeller'          
33 9 'Structure model' '_pdbx_entity_nonpoly.comp_id'                
34 9 'Structure model' '_pdbx_nonpoly_scheme.mon_id'                 
35 9 'Structure model' '_pdbx_nonpoly_scheme.pdb_mon_id'             
36 9 'Structure model' '_pdbx_validate_close_contact.auth_comp_id_2' 
37 9 'Structure model' '_struct_conn.ptnr2_auth_comp_id'             
38 9 'Structure model' '_struct_conn.ptnr2_label_comp_id'            
39 9 'Structure model' '_struct_site.details'                        
40 9 'Structure model' '_struct_site.pdbx_auth_comp_id'              
# 
_pdbx_database_status.status_code                     REL 
_pdbx_database_status.entry_id                        1NYI 
_pdbx_database_status.recvd_initial_deposition_date   2003-02-12 
_pdbx_database_status.deposit_site                    RCSB 
_pdbx_database_status.process_site                    RCSB 
_pdbx_database_status.SG_entry                        . 
_pdbx_database_status.pdb_format_compatible           Y 
_pdbx_database_status.status_code_mr                  ? 
_pdbx_database_status.status_code_sf                  ? 
_pdbx_database_status.status_code_cs                  ? 
_pdbx_database_status.methods_development_category    ? 
_pdbx_database_status.status_code_nmr_data            ? 
# 
loop_
_audit_author.name 
_audit_author.pdbx_ordinal 
'Dunham, C.M.' 1 
'Murray, J.B.' 2 
'Scott, W.G.'  3 
# 
_citation.id                        primary 
_citation.title                     'A helical twist-induced conformational switch activates cleavage in the hammerhead ribozyme.' 
_citation.journal_abbrev            J.Mol.Biol. 
_citation.journal_volume            332 
_citation.page_first                327 
_citation.page_last                 336 
_citation.year                      2003 
_citation.journal_id_ASTM           JMOBAK 
_citation.country                   UK 
_citation.journal_id_ISSN           0022-2836 
_citation.journal_id_CSD            0070 
_citation.book_publisher            ? 
_citation.pdbx_database_id_PubMed   12948485 
_citation.pdbx_database_id_DOI      '10.1016/S0022-2836(03)00843-X' 
# 
loop_
_citation_author.citation_id 
_citation_author.name 
_citation_author.ordinal 
_citation_author.identifier_ORCID 
primary 'Dunham, C.M.' 1 ? 
primary 'Murray, J.B.' 2 ? 
primary 'Scott, W.G.'  3 ? 
# 
loop_
_entity.id 
_entity.type 
_entity.src_method 
_entity.pdbx_description 
_entity.formula_weight 
_entity.pdbx_number_of_molecules 
_entity.pdbx_ec 
_entity.pdbx_mutation 
_entity.pdbx_fragment 
_entity.details 
1 polymer     syn "5'-R(P*GP*UP*GP*GP*UP*CP*UP*GP*AP*UP*GP*AP*GP*GP*CP*C)-3'"                        5170.103 1 ? ? ? ? 
2 polymer     syn "5'-R(*GP*CP*CP*GP*AP*AP*AP*CP*UP*CP*GP*UP*AP*AP*GP*AP*GP*UP*CP*AP*CP*CP*AP*C)-3'" 7674.670 1 ? ? ? ? 
3 non-polymer syn 'COBALT (II) ION'                                                                  58.933   4 ? ? ? ? 
4 non-polymer syn "GUANOSINE-5'-MONOPHOSPHATE"                                                       363.221  1 ? ? ? ? 
# 
loop_
_entity_poly.entity_id 
_entity_poly.type 
_entity_poly.nstd_linkage 
_entity_poly.nstd_monomer 
_entity_poly.pdbx_seq_one_letter_code 
_entity_poly.pdbx_seq_one_letter_code_can 
_entity_poly.pdbx_strand_id 
_entity_poly.pdbx_target_identifier 
1 polyribonucleotide no no GUGGUCUGAUGAGGCC         GUGGUCUGAUGAGGCC         A ? 
2 polyribonucleotide no no GCCGAAACUCGUAAGAGUCACCAC GCCGAAACUCGUAAGAGUCACCAC B ? 
# 
loop_
_pdbx_entity_nonpoly.entity_id 
_pdbx_entity_nonpoly.name 
_pdbx_entity_nonpoly.comp_id 
3 'COBALT (II) ION'            CO  
4 "GUANOSINE-5'-MONOPHOSPHATE" 5GP 
# 
loop_
_entity_poly_seq.entity_id 
_entity_poly_seq.num 
_entity_poly_seq.mon_id 
_entity_poly_seq.hetero 
1 1  G n 
1 2  U n 
1 3  G n 
1 4  G n 
1 5  U n 
1 6  C n 
1 7  U n 
1 8  G n 
1 9  A n 
1 10 U n 
1 11 G n 
1 12 A n 
1 13 G n 
1 14 G n 
1 15 C n 
1 16 C n 
2 1  G n 
2 2  C n 
2 3  C n 
2 4  G n 
2 5  A n 
2 6  A n 
2 7  A n 
2 8  C n 
2 9  U n 
2 10 C n 
2 11 G n 
2 12 U n 
2 13 A n 
2 14 A n 
2 15 G n 
2 16 A n 
2 17 G n 
2 18 U n 
2 19 C n 
2 20 A n 
2 21 C n 
2 22 C n 
2 23 A n 
2 24 C n 
# 
loop_
_pdbx_entity_src_syn.entity_id 
_pdbx_entity_src_syn.pdbx_src_id 
_pdbx_entity_src_syn.pdbx_alt_source_flag 
_pdbx_entity_src_syn.pdbx_beg_seq_num 
_pdbx_entity_src_syn.pdbx_end_seq_num 
_pdbx_entity_src_syn.organism_scientific 
_pdbx_entity_src_syn.organism_common_name 
_pdbx_entity_src_syn.ncbi_taxonomy_id 
_pdbx_entity_src_syn.details 
1 1 sample ? ? 'synthetic construct' ? 32630 ? 
2 1 sample ? ? 'synthetic construct' ? 32630 ? 
# 
loop_
_chem_comp.id 
_chem_comp.type 
_chem_comp.mon_nstd_flag 
_chem_comp.name 
_chem_comp.pdbx_synonyms 
_chem_comp.formula 
_chem_comp.formula_weight 
5GP non-polymer   . "GUANOSINE-5'-MONOPHOSPHATE" ? 'C10 H14 N5 O8 P' 363.221 
A   'RNA linking' y "ADENOSINE-5'-MONOPHOSPHATE" ? 'C10 H14 N5 O7 P' 347.221 
C   'RNA linking' y "CYTIDINE-5'-MONOPHOSPHATE"  ? 'C9 H14 N3 O8 P'  323.197 
CO  non-polymer   . 'COBALT (II) ION'            ? 'Co 2'            58.933  
G   'RNA linking' y "GUANOSINE-5'-MONOPHOSPHATE" ? 'C10 H14 N5 O8 P' 363.221 
U   'RNA linking' y "URIDINE-5'-MONOPHOSPHATE"   ? 'C9 H13 N2 O9 P'  324.181 
# 
loop_
_pdbx_poly_seq_scheme.asym_id 
_pdbx_poly_seq_scheme.entity_id 
_pdbx_poly_seq_scheme.seq_id 
_pdbx_poly_seq_scheme.mon_id 
_pdbx_poly_seq_scheme.ndb_seq_num 
_pdbx_poly_seq_scheme.pdb_seq_num 
_pdbx_poly_seq_scheme.auth_seq_num 
_pdbx_poly_seq_scheme.pdb_mon_id 
_pdbx_poly_seq_scheme.auth_mon_id 
_pdbx_poly_seq_scheme.pdb_strand_id 
_pdbx_poly_seq_scheme.pdb_ins_code 
_pdbx_poly_seq_scheme.hetero 
A 1 1  G 1  11  11  G GUA A . n 
A 1 2  U 2  12  12  U URI A . n 
A 1 3  G 3  13  13  G GUA A . n 
A 1 4  G 4  14  14  G GUA A . n 
A 1 5  U 5  15  15  U URI A . n 
A 1 6  C 6  16  16  C CYT A . n 
A 1 7  U 7  17  17  U URI A . n 
A 1 8  G 8  18  18  G GUA A . n 
A 1 9  A 9  19  19  A ADE A . n 
A 1 10 U 10 20  20  U URI A . n 
A 1 11 G 11 21  21  G GUA A . n 
A 1 12 A 12 22  22  A ADE A . n 
A 1 13 G 13 23  23  G GUA A . n 
A 1 14 G 14 24  24  G GUA A . n 
A 1 15 C 15 25  25  C CYT A . n 
A 1 16 C 16 26  26  C CYT A . n 
B 2 1  G 1  102 102 G GUA B . n 
B 2 2  C 2  103 103 C CYT B . n 
B 2 3  C 3  104 104 C CYT B . n 
B 2 4  G 4  105 105 G GUA B . n 
B 2 5  A 5  106 106 A ADE B . n 
B 2 6  A 6  107 107 A ADE B . n 
B 2 7  A 7  108 108 A ADE B . n 
B 2 8  C 8  109 109 C CYT B . n 
B 2 9  U 9  110 110 U URI B . n 
B 2 10 C 10 111 111 C CYT B . n 
B 2 11 G 11 112 112 G GUA B . n 
B 2 12 U 12 113 113 U URI B . n 
B 2 13 A 13 114 114 A ADE B . n 
B 2 14 A 14 115 115 A ADE B . n 
B 2 15 G 15 116 116 G GUA B . n 
B 2 16 A 16 117 117 A ADE B . n 
B 2 17 G 17 118 118 G GUA B . n 
B 2 18 U 18 119 119 U URI B . n 
B 2 19 C 19 120 120 C CYT B . n 
B 2 20 A 20 121 121 A ADE B . n 
B 2 21 C 21 122 122 C CYT B . n 
B 2 22 C 22 123 123 C CYT B . n 
B 2 23 A 23 124 124 A ADE B . n 
B 2 24 C 24 125 125 C CYT B . n 
# 
loop_
_pdbx_nonpoly_scheme.asym_id 
_pdbx_nonpoly_scheme.entity_id 
_pdbx_nonpoly_scheme.mon_id 
_pdbx_nonpoly_scheme.ndb_seq_num 
_pdbx_nonpoly_scheme.pdb_seq_num 
_pdbx_nonpoly_scheme.auth_seq_num 
_pdbx_nonpoly_scheme.pdb_mon_id 
_pdbx_nonpoly_scheme.auth_mon_id 
_pdbx_nonpoly_scheme.pdb_strand_id 
_pdbx_nonpoly_scheme.pdb_ins_code 
C 3 CO  1 2   2   CO  CO  A . 
D 4 5GP 1 500 500 5GP GUA A . 
E 3 CO  1 1   1   CO  CO  B . 
F 3 CO  1 3   3   CO  CO  B . 
G 3 CO  1 4   4   CO  CO  B . 
# 
loop_
_software.name 
_software.classification 
_software.version 
_software.citation_id 
_software.pdbx_ordinal 
REFMAC refinement       5.1       ? 1 
SCALA  'data scaling'   .         ? 2 
CNS    refinement       .         ? 3 
MOSFLM 'data reduction' .         ? 4 
CCP4   'data scaling'   '(SCALA)' ? 5 
CNS    phasing          .         ? 6 
# 
_cell.entry_id           1NYI 
_cell.length_a           65.639 
_cell.length_b           65.639 
_cell.length_c           137.475 
_cell.angle_alpha        90.00 
_cell.angle_beta         90.00 
_cell.angle_gamma        120.00 
_cell.Z_PDB              6 
_cell.pdbx_unique_axis   ? 
# 
_symmetry.entry_id                         1NYI 
_symmetry.space_group_name_H-M             'P 31 2 1' 
_symmetry.pdbx_full_space_group_name_H-M   ? 
_symmetry.cell_setting                     ? 
_symmetry.Int_Tables_number                152 
# 
_exptl.entry_id          1NYI 
_exptl.method            'X-RAY DIFFRACTION' 
_exptl.crystals_number   1 
# 
_exptl_crystal.id                    1 
_exptl_crystal.density_meas          ? 
_exptl_crystal.density_Matthews      ? 
_exptl_crystal.density_percent_sol   ? 
_exptl_crystal.description           ? 
# 
_exptl_crystal_grow.crystal_id      1 
_exptl_crystal_grow.method          'VAPOR DIFFUSION, HANGING DROP' 
_exptl_crystal_grow.temp            293.0 
_exptl_crystal_grow.temp_details    ? 
_exptl_crystal_grow.pH              6.0 
_exptl_crystal_grow.pdbx_details    
'1.8 M Lithium sulphate and 50 mM sodium cacodylate, pH 6.0, VAPOR DIFFUSION, HANGING DROP, temperature 20.0K' 
_exptl_crystal_grow.pdbx_pH_range   . 
# 
loop_
_exptl_crystal_grow_comp.crystal_id 
_exptl_crystal_grow_comp.id 
_exptl_crystal_grow_comp.sol_id 
_exptl_crystal_grow_comp.name 
_exptl_crystal_grow_comp.volume 
_exptl_crystal_grow_comp.conc 
_exptl_crystal_grow_comp.details 
1 1 1 LiSO4               ? ? ? 
1 2 1 'sodium cacodylate' ? ? ? 
1 3 2 LiSO4               ? ? ? 
# 
_diffrn.id                     1 
_diffrn.ambient_temp           100 
_diffrn.ambient_temp_details   ? 
_diffrn.crystal_id             1 
# 
_diffrn_detector.diffrn_id              1 
_diffrn_detector.detector               CCD 
_diffrn_detector.type                   'ADSC QUANTUM 4' 
_diffrn_detector.pdbx_collection_date   2001-12-01 
_diffrn_detector.details                ? 
# 
_diffrn_radiation.diffrn_id                        1 
_diffrn_radiation.wavelength_id                    1 
_diffrn_radiation.pdbx_monochromatic_or_laue_m_l   M 
_diffrn_radiation.monochromator                    ? 
_diffrn_radiation.pdbx_diffrn_protocol             'SINGLE WAVELENGTH' 
_diffrn_radiation.pdbx_scattering_type             x-ray 
# 
_diffrn_radiation_wavelength.id           1 
_diffrn_radiation_wavelength.wavelength   1.15 
_diffrn_radiation_wavelength.wt           1.0 
# 
_diffrn_source.diffrn_id                   1 
_diffrn_source.source                      SYNCHROTRON 
_diffrn_source.type                        'ALS BEAMLINE 5.0.2' 
_diffrn_source.pdbx_synchrotron_site       ALS 
_diffrn_source.pdbx_synchrotron_beamline   5.0.2 
_diffrn_source.pdbx_wavelength             ? 
_diffrn_source.pdbx_wavelength_list        1.15 
# 
_reflns.entry_id                     1NYI 
_reflns.observed_criterion_sigma_F   ? 
_reflns.observed_criterion_sigma_I   0.0 
_reflns.d_resolution_high            2.85 
_reflns.d_resolution_low             19.76 
_reflns.number_all                   7544 
_reflns.number_obs                   7544 
_reflns.percent_possible_obs         99.53 
_reflns.pdbx_Rmerge_I_obs            0.072 
_reflns.pdbx_Rsym_value              0.064 
_reflns.pdbx_netI_over_sigmaI        13.8 
_reflns.B_iso_Wilson_estimate        ? 
_reflns.pdbx_redundancy              5.2 
_reflns.R_free_details               ? 
_reflns.pdbx_diffrn_id               1 
_reflns.pdbx_ordinal                 1 
# 
_reflns_shell.d_res_high             2.85 
_reflns_shell.d_res_low              2.923 
_reflns_shell.percent_possible_all   99.3 
_reflns_shell.Rmerge_I_obs           0.349 
_reflns_shell.pdbx_Rsym_value        0.316 
_reflns_shell.meanI_over_sigI_obs    2.2 
_reflns_shell.pdbx_redundancy        5.3 
_reflns_shell.percent_possible_obs   ? 
_reflns_shell.number_unique_all      565 
_reflns_shell.pdbx_diffrn_id         ? 
_reflns_shell.pdbx_ordinal           1 
# 
_refine.entry_id                                 1NYI 
_refine.ls_number_reflns_obs                     7544 
_refine.ls_number_reflns_all                     7544 
_refine.pdbx_ls_sigma_I                          ? 
_refine.pdbx_ls_sigma_F                          0.0 
_refine.pdbx_data_cutoff_high_absF               ? 
_refine.pdbx_data_cutoff_low_absF                ? 
_refine.pdbx_data_cutoff_high_rms_absF           ? 
_refine.ls_d_res_low                             19.76 
_refine.ls_d_res_high                            2.85 
_refine.ls_percent_reflns_obs                    99.53 
_refine.ls_R_factor_obs                          0.20607 
_refine.ls_R_factor_all                          0.20607 
_refine.ls_R_factor_R_work                       0.20332 
_refine.ls_R_factor_R_free                       0.23241 
_refine.ls_R_factor_R_free_error                 ? 
_refine.ls_R_factor_R_free_error_details         ? 
_refine.ls_percent_reflns_R_free                 10.0 
_refine.ls_number_reflns_R_free                  840 
_refine.ls_number_parameters                     ? 
_refine.ls_number_restraints                     ? 
_refine.occupancy_min                            ? 
_refine.occupancy_max                            ? 
_refine.correlation_coeff_Fo_to_Fc               0.957 
_refine.correlation_coeff_Fo_to_Fc_free          0.939 
_refine.B_iso_mean                               41.892 
_refine.aniso_B[1][1]                            0.12 
_refine.aniso_B[2][2]                            0.12 
_refine.aniso_B[3][3]                            -0.18 
_refine.aniso_B[1][2]                            0.06 
_refine.aniso_B[1][3]                            0.00 
_refine.aniso_B[2][3]                            0.00 
_refine.solvent_model_details                    ? 
_refine.solvent_model_param_ksol                 ? 
_refine.solvent_model_param_bsol                 ? 
_refine.pdbx_solvent_vdw_probe_radii             1.40 
_refine.pdbx_solvent_ion_probe_radii             0.80 
_refine.pdbx_solvent_shrinkage_radii             0.80 
_refine.pdbx_ls_cross_valid_method               THROUGHOUT 
_refine.details                                  ? 
_refine.pdbx_starting_model                      'urx 057' 
_refine.pdbx_method_to_determine_struct          'FOURIER SYNTHESIS' 
_refine.pdbx_isotropic_thermal_model             ? 
_refine.pdbx_stereochemistry_target_values       'MAXIMUM LIKELIHOOD' 
_refine.pdbx_stereochem_target_val_spec_case     ? 
_refine.pdbx_R_Free_selection_details            ? 
_refine.pdbx_overall_ESU_R                       0.280 
_refine.pdbx_overall_ESU_R_Free                  0.234 
_refine.overall_SU_ML                            0.184 
_refine.overall_SU_B                             10.150 
_refine.ls_redundancy_reflns_obs                 ? 
_refine.overall_SU_R_Cruickshank_DPI             ? 
_refine.overall_SU_R_free                        ? 
_refine.pdbx_refine_id                           'X-RAY DIFFRACTION' 
_refine.pdbx_diffrn_id                           1 
_refine.pdbx_TLS_residual_ADP_flag               ? 
_refine.pdbx_overall_phase_error                 ? 
_refine.pdbx_overall_SU_R_free_Cruickshank_DPI   ? 
_refine.pdbx_overall_SU_R_Blow_DPI               ? 
_refine.pdbx_overall_SU_R_free_Blow_DPI          ? 
# 
_refine_analyze.entry_id                        1NYI 
_refine_analyze.Luzzati_coordinate_error_obs    .280 
_refine_analyze.Luzzati_sigma_a_obs             ? 
_refine_analyze.Luzzati_d_res_low_obs           ? 
_refine_analyze.Luzzati_coordinate_error_free   ? 
_refine_analyze.Luzzati_sigma_a_free            ? 
_refine_analyze.Luzzati_d_res_low_free          ? 
_refine_analyze.number_disordered_residues      ? 
_refine_analyze.occupancy_sum_non_hydrogen      ? 
_refine_analyze.occupancy_sum_hydrogen          ? 
_refine_analyze.pdbx_refine_id                  'X-RAY DIFFRACTION' 
# 
_refine_hist.pdbx_refine_id                   'X-RAY DIFFRACTION' 
_refine_hist.cycle_id                         LAST 
_refine_hist.pdbx_number_atoms_protein        0 
_refine_hist.pdbx_number_atoms_nucleic_acid   873 
_refine_hist.pdbx_number_atoms_ligand         4 
_refine_hist.number_atoms_solvent             0 
_refine_hist.number_atoms_total               877 
_refine_hist.d_res_high                       2.85 
_refine_hist.d_res_low                        19.76 
# 
loop_
_refine_ls_restr.type 
_refine_ls_restr.number 
_refine_ls_restr.dev_ideal 
_refine_ls_restr.dev_ideal_target 
_refine_ls_restr.weight 
_refine_ls_restr.pdbx_refine_id 
_refine_ls_restr.pdbx_restraint_function 
r_bond_refined_d         976  0.010 0.021 ? 'X-RAY DIFFRACTION' ? 
r_angle_refined_deg      1515 2.007 3.000 ? 'X-RAY DIFFRACTION' ? 
r_chiral_restr           164  0.097 0.200 ? 'X-RAY DIFFRACTION' ? 
r_gen_planes_refined     428  0.007 0.020 ? 'X-RAY DIFFRACTION' ? 
r_nbd_refined            427  0.203 0.200 ? 'X-RAY DIFFRACTION' ? 
r_xyhbond_nbd_refined    28   0.228 0.200 ? 'X-RAY DIFFRACTION' ? 
r_symmetry_vdw_refined   39   0.224 0.200 ? 'X-RAY DIFFRACTION' ? 
r_symmetry_hbond_refined 5    0.152 0.200 ? 'X-RAY DIFFRACTION' ? 
r_scbond_it              976  1.340 3.000 ? 'X-RAY DIFFRACTION' ? 
r_scangle_it             1515 2.152 4.500 ? 'X-RAY DIFFRACTION' ? 
# 
_refine_ls_shell.pdbx_total_number_of_bins_used   20 
_refine_ls_shell.d_res_high                       2.850 
_refine_ls_shell.d_res_low                        2.923 
_refine_ls_shell.number_reflns_R_work             514 
_refine_ls_shell.R_factor_R_work                  0.479 
_refine_ls_shell.percent_reflns_obs               ? 
_refine_ls_shell.R_factor_R_free                  ? 
_refine_ls_shell.R_factor_R_free_error            0.468 
_refine_ls_shell.percent_reflns_R_free            ? 
_refine_ls_shell.number_reflns_R_free             64 
_refine_ls_shell.redundancy_reflns_obs            ? 
_refine_ls_shell.pdbx_refine_id                   'X-RAY DIFFRACTION' 
_refine_ls_shell.number_reflns_all                ? 
_refine_ls_shell.R_factor_all                     ? 
# 
_struct.entry_id                  1NYI 
_struct.title                     'Crosslinked Hammerhead Ribozyme Initial State' 
_struct.pdbx_model_details        ? 
_struct.pdbx_CASP_flag            ? 
_struct.pdbx_model_type_details   ? 
# 
_struct_keywords.entry_id        1NYI 
_struct_keywords.pdbx_keywords   RNA 
_struct_keywords.text            'Hammerhead Ribozyme crosslink conformational change, RNA' 
# 
loop_
_struct_asym.id 
_struct_asym.pdbx_blank_PDB_chainid_flag 
_struct_asym.pdbx_modified 
_struct_asym.entity_id 
_struct_asym.details 
A N N 1 ? 
B N N 2 ? 
C N N 3 ? 
D N N 4 ? 
E N N 3 ? 
F N N 3 ? 
G N N 3 ? 
# 
loop_
_struct_ref.id 
_struct_ref.entity_id 
_struct_ref.db_name 
_struct_ref.db_code 
_struct_ref.pdbx_db_accession 
_struct_ref.pdbx_db_isoform 
_struct_ref.pdbx_seq_one_letter_code 
_struct_ref.pdbx_align_begin 
1 1 PDB 1NYI 1NYI ? ? ? 
2 2 PDB 1NYI 1NYI ? ? ? 
# 
loop_
_struct_ref_seq.align_id 
_struct_ref_seq.ref_id 
_struct_ref_seq.pdbx_PDB_id_code 
_struct_ref_seq.pdbx_strand_id 
_struct_ref_seq.seq_align_beg 
_struct_ref_seq.pdbx_seq_align_beg_ins_code 
_struct_ref_seq.seq_align_end 
_struct_ref_seq.pdbx_seq_align_end_ins_code 
_struct_ref_seq.pdbx_db_accession 
_struct_ref_seq.db_align_beg 
_struct_ref_seq.pdbx_db_align_beg_ins_code 
_struct_ref_seq.db_align_end 
_struct_ref_seq.pdbx_db_align_end_ins_code 
_struct_ref_seq.pdbx_auth_seq_align_beg 
_struct_ref_seq.pdbx_auth_seq_align_end 
1 1 1NYI A 1 ? 16 ? 1NYI 11  ? 26  ? 11  26  
2 2 1NYI B 1 ? 24 ? 1NYI 102 ? 125 ? 102 125 
# 
_pdbx_struct_assembly.id                   1 
_pdbx_struct_assembly.details              author_defined_assembly 
_pdbx_struct_assembly.method_details       ? 
_pdbx_struct_assembly.oligomeric_details   dimeric 
_pdbx_struct_assembly.oligomeric_count     2 
# 
_pdbx_struct_assembly_gen.assembly_id       1 
_pdbx_struct_assembly_gen.oper_expression   1 
_pdbx_struct_assembly_gen.asym_id_list      A,B,C,D,E,F,G 
# 
_pdbx_struct_oper_list.id                   1 
_pdbx_struct_oper_list.type                 'identity operation' 
_pdbx_struct_oper_list.name                 1_555 
_pdbx_struct_oper_list.symmetry_operation   x,y,z 
_pdbx_struct_oper_list.matrix[1][1]         1.0000000000 
_pdbx_struct_oper_list.matrix[1][2]         0.0000000000 
_pdbx_struct_oper_list.matrix[1][3]         0.0000000000 
_pdbx_struct_oper_list.vector[1]            0.0000000000 
_pdbx_struct_oper_list.matrix[2][1]         0.0000000000 
_pdbx_struct_oper_list.matrix[2][2]         1.0000000000 
_pdbx_struct_oper_list.matrix[2][3]         0.0000000000 
_pdbx_struct_oper_list.vector[2]            0.0000000000 
_pdbx_struct_oper_list.matrix[3][1]         0.0000000000 
_pdbx_struct_oper_list.matrix[3][2]         0.0000000000 
_pdbx_struct_oper_list.matrix[3][3]         1.0000000000 
_pdbx_struct_oper_list.vector[3]            0.0000000000 
# 
loop_
_struct_conn.id 
_struct_conn.conn_type_id 
_struct_conn.pdbx_leaving_atom_flag 
_struct_conn.pdbx_PDB_id 
_struct_conn.ptnr1_label_asym_id 
_struct_conn.ptnr1_label_comp_id 
_struct_conn.ptnr1_label_seq_id 
_struct_conn.ptnr1_label_atom_id 
_struct_conn.pdbx_ptnr1_label_alt_id 
_struct_conn.pdbx_ptnr1_PDB_ins_code 
_struct_conn.pdbx_ptnr1_standard_comp_id 
_struct_conn.ptnr1_symmetry 
_struct_conn.ptnr2_label_asym_id 
_struct_conn.ptnr2_label_comp_id 
_struct_conn.ptnr2_label_seq_id 
_struct_conn.ptnr2_label_atom_id 
_struct_conn.pdbx_ptnr2_label_alt_id 
_struct_conn.pdbx_ptnr2_PDB_ins_code 
_struct_conn.ptnr1_auth_asym_id 
_struct_conn.ptnr1_auth_comp_id 
_struct_conn.ptnr1_auth_seq_id 
_struct_conn.ptnr2_auth_asym_id 
_struct_conn.ptnr2_auth_comp_id 
_struct_conn.ptnr2_auth_seq_id 
_struct_conn.ptnr2_symmetry 
_struct_conn.pdbx_ptnr3_label_atom_id 
_struct_conn.pdbx_ptnr3_label_seq_id 
_struct_conn.pdbx_ptnr3_label_comp_id 
_struct_conn.pdbx_ptnr3_label_asym_id 
_struct_conn.pdbx_ptnr3_label_alt_id 
_struct_conn.pdbx_ptnr3_PDB_ins_code 
_struct_conn.details 
_struct_conn.pdbx_dist_value 
_struct_conn.pdbx_value_order 
_struct_conn.pdbx_role 
covale1  covale one ? A G  1  P  ? ? ? 1_555 D 5GP .  "O5'" ? ? A G  11  A 5GP 500 1_555 ? ? ? ? ? ? ?             1.579 ? ? 
metalc1  metalc ?   ? A U  10 O4 ? ? ? 1_555 G CO  .  CO    ? ? A U  20  B CO  4   1_555 ? ? ? ? ? ? ?             2.229 ? ? 
metalc2  metalc ?   ? G CO .  CO ? ? ? 1_555 B U   18 "O2'" ? ? B CO 4   B U   119 1_555 ? ? ? ? ? ? ?             1.784 ? ? 
hydrog1  hydrog ?   ? A G  1  N1 ? ? ? 1_555 B C   24 N3    ? ? A G  11  B C   125 1_555 ? ? ? ? ? ? WATSON-CRICK  ?     ? ? 
hydrog2  hydrog ?   ? A G  1  N2 ? ? ? 1_555 B C   24 O2    ? ? A G  11  B C   125 1_555 ? ? ? ? ? ? WATSON-CRICK  ?     ? ? 
hydrog3  hydrog ?   ? A G  1  O6 ? ? ? 1_555 B C   24 N4    ? ? A G  11  B C   125 1_555 ? ? ? ? ? ? WATSON-CRICK  ?     ? ? 
hydrog4  hydrog ?   ? A U  2  N3 ? ? ? 1_555 B A   23 N1    ? ? A U  12  B A   124 1_555 ? ? ? ? ? ? WATSON-CRICK  ?     ? ? 
hydrog5  hydrog ?   ? A U  2  O4 ? ? ? 1_555 B A   23 N6    ? ? A U  12  B A   124 1_555 ? ? ? ? ? ? WATSON-CRICK  ?     ? ? 
hydrog6  hydrog ?   ? A G  3  N1 ? ? ? 1_555 B C   22 N3    ? ? A G  13  B C   123 1_555 ? ? ? ? ? ? WATSON-CRICK  ?     ? ? 
hydrog7  hydrog ?   ? A G  3  N2 ? ? ? 1_555 B C   22 O2    ? ? A G  13  B C   123 1_555 ? ? ? ? ? ? WATSON-CRICK  ?     ? ? 
hydrog8  hydrog ?   ? A G  3  O6 ? ? ? 1_555 B C   22 N4    ? ? A G  13  B C   123 1_555 ? ? ? ? ? ? WATSON-CRICK  ?     ? ? 
hydrog9  hydrog ?   ? A G  4  N1 ? ? ? 1_555 B C   21 N3    ? ? A G  14  B C   122 1_555 ? ? ? ? ? ? WATSON-CRICK  ?     ? ? 
hydrog10 hydrog ?   ? A G  4  N2 ? ? ? 1_555 B C   21 O2    ? ? A G  14  B C   122 1_555 ? ? ? ? ? ? WATSON-CRICK  ?     ? ? 
hydrog11 hydrog ?   ? A G  4  O6 ? ? ? 1_555 B C   21 N4    ? ? A G  14  B C   122 1_555 ? ? ? ? ? ? WATSON-CRICK  ?     ? ? 
hydrog12 hydrog ?   ? A U  5  N3 ? ? ? 1_555 B A   20 N1    ? ? A U  15  B A   121 1_555 ? ? ? ? ? ? WATSON-CRICK  ?     ? ? 
hydrog13 hydrog ?   ? A U  5  O4 ? ? ? 1_555 B A   20 N6    ? ? A U  15  B A   121 1_555 ? ? ? ? ? ? WATSON-CRICK  ?     ? ? 
hydrog14 hydrog ?   ? A C  6  N3 ? ? ? 1_555 B C   19 N4    ? ? A C  16  B C   120 1_555 ? ? ? ? ? ? 'C-C MISPAIR' ?     ? ? 
hydrog15 hydrog ?   ? A U  10 O2 ? ? ? 1_555 B A   6  N6    ? ? A U  20  B A   107 1_555 ? ? ? ? ? ? 'U-A PAIR'    ?     ? ? 
hydrog16 hydrog ?   ? A G  11 N2 ? ? ? 1_555 B A   5  N7    ? ? A G  21  B A   106 1_555 ? ? ? ? ? ? TYPE_11_PAIR  ?     ? ? 
hydrog17 hydrog ?   ? A G  11 N3 ? ? ? 1_555 B A   5  N6    ? ? A G  21  B A   106 1_555 ? ? ? ? ? ? TYPE_11_PAIR  ?     ? ? 
hydrog18 hydrog ?   ? A A  12 N6 ? ? ? 1_555 B G   4  N3    ? ? A A  22  B G   105 1_555 ? ? ? ? ? ? TYPE_11_PAIR  ?     ? ? 
hydrog19 hydrog ?   ? A A  12 N7 ? ? ? 1_555 B G   4  N2    ? ? A A  22  B G   105 1_555 ? ? ? ? ? ? TYPE_11_PAIR  ?     ? ? 
hydrog20 hydrog ?   ? A G  13 N1 ? ? ? 1_555 B C   3  N3    ? ? A G  23  B C   104 1_555 ? ? ? ? ? ? WATSON-CRICK  ?     ? ? 
hydrog21 hydrog ?   ? A G  13 N2 ? ? ? 1_555 B C   3  O2    ? ? A G  23  B C   104 1_555 ? ? ? ? ? ? WATSON-CRICK  ?     ? ? 
hydrog22 hydrog ?   ? A G  13 O6 ? ? ? 1_555 B C   3  N4    ? ? A G  23  B C   104 1_555 ? ? ? ? ? ? WATSON-CRICK  ?     ? ? 
hydrog23 hydrog ?   ? A G  14 N1 ? ? ? 1_555 B C   2  N3    ? ? A G  24  B C   103 1_555 ? ? ? ? ? ? WATSON-CRICK  ?     ? ? 
hydrog24 hydrog ?   ? A G  14 N2 ? ? ? 1_555 B C   2  O2    ? ? A G  24  B C   103 1_555 ? ? ? ? ? ? WATSON-CRICK  ?     ? ? 
hydrog25 hydrog ?   ? A G  14 O6 ? ? ? 1_555 B C   2  N4    ? ? A G  24  B C   103 1_555 ? ? ? ? ? ? WATSON-CRICK  ?     ? ? 
hydrog26 hydrog ?   ? A C  15 N3 ? ? ? 1_555 B G   1  N1    ? ? A C  25  B G   102 1_555 ? ? ? ? ? ? WATSON-CRICK  ?     ? ? 
hydrog27 hydrog ?   ? A C  15 N4 ? ? ? 1_555 B G   1  O6    ? ? A C  25  B G   102 1_555 ? ? ? ? ? ? WATSON-CRICK  ?     ? ? 
hydrog28 hydrog ?   ? A C  15 O2 ? ? ? 1_555 B G   1  N2    ? ? A C  25  B G   102 1_555 ? ? ? ? ? ? WATSON-CRICK  ?     ? ? 
hydrog29 hydrog ?   ? B A  7  N6 ? ? ? 1_555 B U   18 O4    ? ? B A  108 B U   119 1_555 ? ? ? ? ? ? 'A-U PAIR'    ?     ? ? 
hydrog30 hydrog ?   ? B C  8  N3 ? ? ? 1_555 B G   17 N1    ? ? B C  109 B G   118 1_555 ? ? ? ? ? ? WATSON-CRICK  ?     ? ? 
hydrog31 hydrog ?   ? B C  8  N4 ? ? ? 1_555 B G   17 O6    ? ? B C  109 B G   118 1_555 ? ? ? ? ? ? WATSON-CRICK  ?     ? ? 
hydrog32 hydrog ?   ? B C  8  O2 ? ? ? 1_555 B G   17 N2    ? ? B C  109 B G   118 1_555 ? ? ? ? ? ? WATSON-CRICK  ?     ? ? 
hydrog33 hydrog ?   ? B U  9  N3 ? ? ? 1_555 B A   16 N1    ? ? B U  110 B A   117 1_555 ? ? ? ? ? ? WATSON-CRICK  ?     ? ? 
hydrog34 hydrog ?   ? B U  9  O4 ? ? ? 1_555 B A   16 N6    ? ? B U  110 B A   117 1_555 ? ? ? ? ? ? WATSON-CRICK  ?     ? ? 
hydrog35 hydrog ?   ? B C  10 N3 ? ? ? 1_555 B G   15 N1    ? ? B C  111 B G   116 1_555 ? ? ? ? ? ? WATSON-CRICK  ?     ? ? 
hydrog36 hydrog ?   ? B C  10 N4 ? ? ? 1_555 B G   15 O6    ? ? B C  111 B G   116 1_555 ? ? ? ? ? ? WATSON-CRICK  ?     ? ? 
hydrog37 hydrog ?   ? B C  10 O2 ? ? ? 1_555 B G   15 N2    ? ? B C  111 B G   116 1_555 ? ? ? ? ? ? WATSON-CRICK  ?     ? ? 
hydrog38 hydrog ?   ? B G  11 N2 ? ? ? 1_555 B A   14 N7    ? ? B G  112 B A   115 1_555 ? ? ? ? ? ? 'G-A MISPAIR' ?     ? ? 
# 
loop_
_struct_conn_type.id 
_struct_conn_type.criteria 
_struct_conn_type.reference 
covale ? ? 
metalc ? ? 
hydrog ? ? 
# 
_pdbx_struct_conn_angle.id                    1 
_pdbx_struct_conn_angle.ptnr1_label_atom_id   O4 
_pdbx_struct_conn_angle.ptnr1_label_alt_id    ? 
_pdbx_struct_conn_angle.ptnr1_label_asym_id   A 
_pdbx_struct_conn_angle.ptnr1_label_comp_id   U 
_pdbx_struct_conn_angle.ptnr1_label_seq_id    10 
_pdbx_struct_conn_angle.ptnr1_auth_atom_id    ? 
_pdbx_struct_conn_angle.ptnr1_auth_asym_id    A 
_pdbx_struct_conn_angle.ptnr1_auth_comp_id    U 
_pdbx_struct_conn_angle.ptnr1_auth_seq_id     20 
_pdbx_struct_conn_angle.ptnr1_PDB_ins_code    ? 
_pdbx_struct_conn_angle.ptnr1_symmetry        1_555 
_pdbx_struct_conn_angle.ptnr2_label_atom_id   CO 
_pdbx_struct_conn_angle.ptnr2_label_alt_id    ? 
_pdbx_struct_conn_angle.ptnr2_label_asym_id   G 
_pdbx_struct_conn_angle.ptnr2_label_comp_id   CO 
_pdbx_struct_conn_angle.ptnr2_label_seq_id    . 
_pdbx_struct_conn_angle.ptnr2_auth_atom_id    ? 
_pdbx_struct_conn_angle.ptnr2_auth_asym_id    B 
_pdbx_struct_conn_angle.ptnr2_auth_comp_id    CO 
_pdbx_struct_conn_angle.ptnr2_auth_seq_id     4 
_pdbx_struct_conn_angle.ptnr2_PDB_ins_code    ? 
_pdbx_struct_conn_angle.ptnr2_symmetry        1_555 
_pdbx_struct_conn_angle.ptnr3_label_atom_id   "O2'" 
_pdbx_struct_conn_angle.ptnr3_label_alt_id    ? 
_pdbx_struct_conn_angle.ptnr3_label_asym_id   B 
_pdbx_struct_conn_angle.ptnr3_label_comp_id   U 
_pdbx_struct_conn_angle.ptnr3_label_seq_id    18 
_pdbx_struct_conn_angle.ptnr3_auth_atom_id    ? 
_pdbx_struct_conn_angle.ptnr3_auth_asym_id    B 
_pdbx_struct_conn_angle.ptnr3_auth_comp_id    U 
_pdbx_struct_conn_angle.ptnr3_auth_seq_id     119 
_pdbx_struct_conn_angle.ptnr3_PDB_ins_code    ? 
_pdbx_struct_conn_angle.ptnr3_symmetry        1_555 
_pdbx_struct_conn_angle.value                 162.1 
_pdbx_struct_conn_angle.value_esd             ? 
# 
loop_
_struct_site.id 
_struct_site.pdbx_evidence_code 
_struct_site.pdbx_auth_asym_id 
_struct_site.pdbx_auth_comp_id 
_struct_site.pdbx_auth_seq_id 
_struct_site.pdbx_auth_ins_code 
_struct_site.pdbx_num_residues 
_struct_site.details 
AC1 Software B CO  1   ? 1 'BINDING SITE FOR RESIDUE CO B 1'    
AC2 Software A CO  2   ? 1 'BINDING SITE FOR RESIDUE CO A 2'    
AC3 Software B CO  3   ? 2 'BINDING SITE FOR RESIDUE CO B 3'    
AC4 Software B CO  4   ? 2 'BINDING SITE FOR RESIDUE CO B 4'    
AC5 Software A 5GP 500 ? 4 'BINDING SITE FOR RESIDUE 5GP A 500' 
# 
loop_
_struct_site_gen.id 
_struct_site_gen.site_id 
_struct_site_gen.pdbx_num_res 
_struct_site_gen.label_comp_id 
_struct_site_gen.label_asym_id 
_struct_site_gen.label_seq_id 
_struct_site_gen.pdbx_auth_ins_code 
_struct_site_gen.auth_comp_id 
_struct_site_gen.auth_asym_id 
_struct_site_gen.auth_seq_id 
_struct_site_gen.label_atom_id 
_struct_site_gen.label_alt_id 
_struct_site_gen.symmetry 
_struct_site_gen.details 
1  AC1 1 C B 21 ? C B 122 . ? 1_555 ? 
2  AC2 1 G A 8  ? G A 18  . ? 1_555 ? 
3  AC3 2 G A 4  ? G A 14  . ? 6_655 ? 
4  AC3 2 U A 5  ? U A 15  . ? 6_655 ? 
5  AC4 2 U A 10 ? U A 20  . ? 1_555 ? 
6  AC4 2 U B 18 ? U B 119 . ? 1_555 ? 
7  AC5 4 G A 1  ? G A 11  . ? 1_555 ? 
8  AC5 4 G A 1  ? G A 11  . ? 5_555 ? 
9  AC5 4 C A 16 ? C A 26  . ? 1_555 ? 
10 AC5 4 G B 1  ? G B 102 . ? 1_555 ? 
# 
_pdbx_entry_details.entry_id                   1NYI 
_pdbx_entry_details.compound_details           ? 
_pdbx_entry_details.source_details             ? 
_pdbx_entry_details.nonpolymer_details         ? 
_pdbx_entry_details.sequence_details           ? 
_pdbx_entry_details.has_ligand_of_interest     ? 
_pdbx_entry_details.has_protein_modification   N 
# 
_pdbx_validate_close_contact.id               1 
_pdbx_validate_close_contact.PDB_model_num    1 
_pdbx_validate_close_contact.auth_atom_id_1   OP1 
_pdbx_validate_close_contact.auth_asym_id_1   A 
_pdbx_validate_close_contact.auth_comp_id_1   G 
_pdbx_validate_close_contact.auth_seq_id_1    11 
_pdbx_validate_close_contact.PDB_ins_code_1   ? 
_pdbx_validate_close_contact.label_alt_id_1   ? 
_pdbx_validate_close_contact.auth_atom_id_2   "O5'" 
_pdbx_validate_close_contact.auth_asym_id_2   A 
_pdbx_validate_close_contact.auth_comp_id_2   5GP 
_pdbx_validate_close_contact.auth_seq_id_2    500 
_pdbx_validate_close_contact.PDB_ins_code_2   ? 
_pdbx_validate_close_contact.label_alt_id_2   ? 
_pdbx_validate_close_contact.dist             2.14 
# 
_pdbx_validate_symm_contact.id                1 
_pdbx_validate_symm_contact.PDB_model_num     1 
_pdbx_validate_symm_contact.auth_atom_id_1    "O5'" 
_pdbx_validate_symm_contact.auth_asym_id_1    A 
_pdbx_validate_symm_contact.auth_comp_id_1    U 
_pdbx_validate_symm_contact.auth_seq_id_1     15 
_pdbx_validate_symm_contact.PDB_ins_code_1    ? 
_pdbx_validate_symm_contact.label_alt_id_1    ? 
_pdbx_validate_symm_contact.site_symmetry_1   1_555 
_pdbx_validate_symm_contact.auth_atom_id_2    CO 
_pdbx_validate_symm_contact.auth_asym_id_2    B 
_pdbx_validate_symm_contact.auth_comp_id_2    CO 
_pdbx_validate_symm_contact.auth_seq_id_2     3 
_pdbx_validate_symm_contact.PDB_ins_code_2    ? 
_pdbx_validate_symm_contact.label_alt_id_2    ? 
_pdbx_validate_symm_contact.site_symmetry_2   6_665 
_pdbx_validate_symm_contact.dist              1.67 
# 
loop_
_pdbx_validate_rmsd_angle.id 
_pdbx_validate_rmsd_angle.PDB_model_num 
_pdbx_validate_rmsd_angle.auth_atom_id_1 
_pdbx_validate_rmsd_angle.auth_asym_id_1 
_pdbx_validate_rmsd_angle.auth_comp_id_1 
_pdbx_validate_rmsd_angle.auth_seq_id_1 
_pdbx_validate_rmsd_angle.PDB_ins_code_1 
_pdbx_validate_rmsd_angle.label_alt_id_1 
_pdbx_validate_rmsd_angle.auth_atom_id_2 
_pdbx_validate_rmsd_angle.auth_asym_id_2 
_pdbx_validate_rmsd_angle.auth_comp_id_2 
_pdbx_validate_rmsd_angle.auth_seq_id_2 
_pdbx_validate_rmsd_angle.PDB_ins_code_2 
_pdbx_validate_rmsd_angle.label_alt_id_2 
_pdbx_validate_rmsd_angle.auth_atom_id_3 
_pdbx_validate_rmsd_angle.auth_asym_id_3 
_pdbx_validate_rmsd_angle.auth_comp_id_3 
_pdbx_validate_rmsd_angle.auth_seq_id_3 
_pdbx_validate_rmsd_angle.PDB_ins_code_3 
_pdbx_validate_rmsd_angle.label_alt_id_3 
_pdbx_validate_rmsd_angle.angle_value 
_pdbx_validate_rmsd_angle.angle_target_value 
_pdbx_validate_rmsd_angle.angle_deviation 
_pdbx_validate_rmsd_angle.angle_standard_deviation 
_pdbx_validate_rmsd_angle.linker_flag 
1  1 "O4'" A U 15  ? ? "C1'" A U 15  ? ? N1    A U 15  ? ? 113.46 108.50 4.96  0.70 N 
2  1 "O4'" A C 16  ? ? "C1'" A C 16  ? ? N1    A C 16  ? ? 113.96 108.50 5.46  0.70 N 
3  1 "O4'" A G 21  ? ? "C1'" A G 21  ? ? N9    A G 21  ? ? 115.56 108.50 7.06  0.70 N 
4  1 "C3'" A G 21  ? ? "O3'" A G 21  ? ? P     A A 22  ? ? 128.48 119.70 8.78  1.20 Y 
5  1 "O4'" A C 26  ? ? "C1'" A C 26  ? ? N1    A C 26  ? ? 112.76 108.50 4.26  0.70 N 
6  1 "C5'" B A 106 ? ? "C4'" B A 106 ? ? "O4'" B A 106 ? ? 116.94 109.80 7.14  0.90 N 
7  1 C5    B U 110 ? ? C4    B U 110 ? ? O4    B U 110 ? ? 122.05 125.90 -3.85 0.60 N 
8  1 "C4'" B G 112 ? ? "C3'" B G 112 ? ? "C2'" B G 112 ? ? 95.96  102.60 -6.64 1.00 N 
9  1 "C4'" B G 118 ? ? "C3'" B G 118 ? ? "C2'" B G 118 ? ? 94.89  102.60 -7.71 1.00 N 
10 1 "O4'" B U 119 ? ? "C1'" B U 119 ? ? N1    B U 119 ? ? 116.33 108.50 7.83  0.70 N 
# 
loop_
_chem_comp_atom.comp_id 
_chem_comp_atom.atom_id 
_chem_comp_atom.type_symbol 
_chem_comp_atom.pdbx_aromatic_flag 
_chem_comp_atom.pdbx_stereo_config 
_chem_comp_atom.pdbx_ordinal 
5GP P      P  N N 1   
5GP O1P    O  N N 2   
5GP O2P    O  N N 3   
5GP O3P    O  N N 4   
5GP "O5'"  O  N N 5   
5GP "C5'"  C  N N 6   
5GP "C4'"  C  N R 7   
5GP "O4'"  O  N N 8   
5GP "C3'"  C  N S 9   
5GP "O3'"  O  N N 10  
5GP "C2'"  C  N R 11  
5GP "O2'"  O  N N 12  
5GP "C1'"  C  N R 13  
5GP N9     N  Y N 14  
5GP C8     C  Y N 15  
5GP N7     N  Y N 16  
5GP C5     C  Y N 17  
5GP C6     C  N N 18  
5GP O6     O  N N 19  
5GP N1     N  N N 20  
5GP C2     C  N N 21  
5GP N2     N  N N 22  
5GP N3     N  N N 23  
5GP C4     C  Y N 24  
5GP HOP2   H  N N 25  
5GP HOP3   H  N N 26  
5GP "H5'1" H  N N 27  
5GP "H5'2" H  N N 28  
5GP "H4'"  H  N N 29  
5GP "H3'"  H  N N 30  
5GP "HO3'" H  N N 31  
5GP "H2'"  H  N N 32  
5GP "HO2'" H  N N 33  
5GP "H1'"  H  N N 34  
5GP H8     H  N N 35  
5GP HN1    H  N N 36  
5GP HN21   H  N N 37  
5GP HN22   H  N N 38  
A   OP3    O  N N 39  
A   P      P  N N 40  
A   OP1    O  N N 41  
A   OP2    O  N N 42  
A   "O5'"  O  N N 43  
A   "C5'"  C  N N 44  
A   "C4'"  C  N R 45  
A   "O4'"  O  N N 46  
A   "C3'"  C  N S 47  
A   "O3'"  O  N N 48  
A   "C2'"  C  N R 49  
A   "O2'"  O  N N 50  
A   "C1'"  C  N R 51  
A   N9     N  Y N 52  
A   C8     C  Y N 53  
A   N7     N  Y N 54  
A   C5     C  Y N 55  
A   C6     C  Y N 56  
A   N6     N  N N 57  
A   N1     N  Y N 58  
A   C2     C  Y N 59  
A   N3     N  Y N 60  
A   C4     C  Y N 61  
A   HOP3   H  N N 62  
A   HOP2   H  N N 63  
A   "H5'"  H  N N 64  
A   "H5''" H  N N 65  
A   "H4'"  H  N N 66  
A   "H3'"  H  N N 67  
A   "HO3'" H  N N 68  
A   "H2'"  H  N N 69  
A   "HO2'" H  N N 70  
A   "H1'"  H  N N 71  
A   H8     H  N N 72  
A   H61    H  N N 73  
A   H62    H  N N 74  
A   H2     H  N N 75  
C   OP3    O  N N 76  
C   P      P  N N 77  
C   OP1    O  N N 78  
C   OP2    O  N N 79  
C   "O5'"  O  N N 80  
C   "C5'"  C  N N 81  
C   "C4'"  C  N R 82  
C   "O4'"  O  N N 83  
C   "C3'"  C  N S 84  
C   "O3'"  O  N N 85  
C   "C2'"  C  N R 86  
C   "O2'"  O  N N 87  
C   "C1'"  C  N R 88  
C   N1     N  N N 89  
C   C2     C  N N 90  
C   O2     O  N N 91  
C   N3     N  N N 92  
C   C4     C  N N 93  
C   N4     N  N N 94  
C   C5     C  N N 95  
C   C6     C  N N 96  
C   HOP3   H  N N 97  
C   HOP2   H  N N 98  
C   "H5'"  H  N N 99  
C   "H5''" H  N N 100 
C   "H4'"  H  N N 101 
C   "H3'"  H  N N 102 
C   "HO3'" H  N N 103 
C   "H2'"  H  N N 104 
C   "HO2'" H  N N 105 
C   "H1'"  H  N N 106 
C   H41    H  N N 107 
C   H42    H  N N 108 
C   H5     H  N N 109 
C   H6     H  N N 110 
CO  CO     CO N N 111 
G   OP3    O  N N 112 
G   P      P  N N 113 
G   OP1    O  N N 114 
G   OP2    O  N N 115 
G   "O5'"  O  N N 116 
G   "C5'"  C  N N 117 
G   "C4'"  C  N R 118 
G   "O4'"  O  N N 119 
G   "C3'"  C  N S 120 
G   "O3'"  O  N N 121 
G   "C2'"  C  N R 122 
G   "O2'"  O  N N 123 
G   "C1'"  C  N R 124 
G   N9     N  Y N 125 
G   C8     C  Y N 126 
G   N7     N  Y N 127 
G   C5     C  Y N 128 
G   C6     C  N N 129 
G   O6     O  N N 130 
G   N1     N  N N 131 
G   C2     C  N N 132 
G   N2     N  N N 133 
G   N3     N  N N 134 
G   C4     C  Y N 135 
G   HOP3   H  N N 136 
G   HOP2   H  N N 137 
G   "H5'"  H  N N 138 
G   "H5''" H  N N 139 
G   "H4'"  H  N N 140 
G   "H3'"  H  N N 141 
G   "HO3'" H  N N 142 
G   "H2'"  H  N N 143 
G   "HO2'" H  N N 144 
G   "H1'"  H  N N 145 
G   H8     H  N N 146 
G   H1     H  N N 147 
G   H21    H  N N 148 
G   H22    H  N N 149 
U   OP3    O  N N 150 
U   P      P  N N 151 
U   OP1    O  N N 152 
U   OP2    O  N N 153 
U   "O5'"  O  N N 154 
U   "C5'"  C  N N 155 
U   "C4'"  C  N R 156 
U   "O4'"  O  N N 157 
U   "C3'"  C  N S 158 
U   "O3'"  O  N N 159 
U   "C2'"  C  N R 160 
U   "O2'"  O  N N 161 
U   "C1'"  C  N R 162 
U   N1     N  N N 163 
U   C2     C  N N 164 
U   O2     O  N N 165 
U   N3     N  N N 166 
U   C4     C  N N 167 
U   O4     O  N N 168 
U   C5     C  N N 169 
U   C6     C  N N 170 
U   HOP3   H  N N 171 
U   HOP2   H  N N 172 
U   "H5'"  H  N N 173 
U   "H5''" H  N N 174 
U   "H4'"  H  N N 175 
U   "H3'"  H  N N 176 
U   "HO3'" H  N N 177 
U   "H2'"  H  N N 178 
U   "HO2'" H  N N 179 
U   "H1'"  H  N N 180 
U   H3     H  N N 181 
U   H5     H  N N 182 
U   H6     H  N N 183 
# 
loop_
_chem_comp_bond.comp_id 
_chem_comp_bond.atom_id_1 
_chem_comp_bond.atom_id_2 
_chem_comp_bond.value_order 
_chem_comp_bond.pdbx_aromatic_flag 
_chem_comp_bond.pdbx_stereo_config 
_chem_comp_bond.pdbx_ordinal 
5GP P     O1P    doub N N 1   
5GP P     O2P    sing N N 2   
5GP P     O3P    sing N N 3   
5GP P     "O5'"  sing N N 4   
5GP O2P   HOP2   sing N N 5   
5GP O3P   HOP3   sing N N 6   
5GP "O5'" "C5'"  sing N N 7   
5GP "C5'" "C4'"  sing N N 8   
5GP "C5'" "H5'1" sing N N 9   
5GP "C5'" "H5'2" sing N N 10  
5GP "C4'" "O4'"  sing N N 11  
5GP "C4'" "C3'"  sing N N 12  
5GP "C4'" "H4'"  sing N N 13  
5GP "O4'" "C1'"  sing N N 14  
5GP "C3'" "O3'"  sing N N 15  
5GP "C3'" "C2'"  sing N N 16  
5GP "C3'" "H3'"  sing N N 17  
5GP "O3'" "HO3'" sing N N 18  
5GP "C2'" "O2'"  sing N N 19  
5GP "C2'" "C1'"  sing N N 20  
5GP "C2'" "H2'"  sing N N 21  
5GP "O2'" "HO2'" sing N N 22  
5GP "C1'" N9     sing N N 23  
5GP "C1'" "H1'"  sing N N 24  
5GP N9    C8     sing Y N 25  
5GP N9    C4     sing Y N 26  
5GP C8    N7     doub Y N 27  
5GP C8    H8     sing N N 28  
5GP N7    C5     sing Y N 29  
5GP C5    C6     sing N N 30  
5GP C5    C4     doub Y N 31  
5GP C6    O6     doub N N 32  
5GP C6    N1     sing N N 33  
5GP N1    C2     sing N N 34  
5GP N1    HN1    sing N N 35  
5GP C2    N2     sing N N 36  
5GP C2    N3     doub N N 37  
5GP N2    HN21   sing N N 38  
5GP N2    HN22   sing N N 39  
5GP N3    C4     sing N N 40  
A   OP3   P      sing N N 41  
A   OP3   HOP3   sing N N 42  
A   P     OP1    doub N N 43  
A   P     OP2    sing N N 44  
A   P     "O5'"  sing N N 45  
A   OP2   HOP2   sing N N 46  
A   "O5'" "C5'"  sing N N 47  
A   "C5'" "C4'"  sing N N 48  
A   "C5'" "H5'"  sing N N 49  
A   "C5'" "H5''" sing N N 50  
A   "C4'" "O4'"  sing N N 51  
A   "C4'" "C3'"  sing N N 52  
A   "C4'" "H4'"  sing N N 53  
A   "O4'" "C1'"  sing N N 54  
A   "C3'" "O3'"  sing N N 55  
A   "C3'" "C2'"  sing N N 56  
A   "C3'" "H3'"  sing N N 57  
A   "O3'" "HO3'" sing N N 58  
A   "C2'" "O2'"  sing N N 59  
A   "C2'" "C1'"  sing N N 60  
A   "C2'" "H2'"  sing N N 61  
A   "O2'" "HO2'" sing N N 62  
A   "C1'" N9     sing N N 63  
A   "C1'" "H1'"  sing N N 64  
A   N9    C8     sing Y N 65  
A   N9    C4     sing Y N 66  
A   C8    N7     doub Y N 67  
A   C8    H8     sing N N 68  
A   N7    C5     sing Y N 69  
A   C5    C6     sing Y N 70  
A   C5    C4     doub Y N 71  
A   C6    N6     sing N N 72  
A   C6    N1     doub Y N 73  
A   N6    H61    sing N N 74  
A   N6    H62    sing N N 75  
A   N1    C2     sing Y N 76  
A   C2    N3     doub Y N 77  
A   C2    H2     sing N N 78  
A   N3    C4     sing Y N 79  
C   OP3   P      sing N N 80  
C   OP3   HOP3   sing N N 81  
C   P     OP1    doub N N 82  
C   P     OP2    sing N N 83  
C   P     "O5'"  sing N N 84  
C   OP2   HOP2   sing N N 85  
C   "O5'" "C5'"  sing N N 86  
C   "C5'" "C4'"  sing N N 87  
C   "C5'" "H5'"  sing N N 88  
C   "C5'" "H5''" sing N N 89  
C   "C4'" "O4'"  sing N N 90  
C   "C4'" "C3'"  sing N N 91  
C   "C4'" "H4'"  sing N N 92  
C   "O4'" "C1'"  sing N N 93  
C   "C3'" "O3'"  sing N N 94  
C   "C3'" "C2'"  sing N N 95  
C   "C3'" "H3'"  sing N N 96  
C   "O3'" "HO3'" sing N N 97  
C   "C2'" "O2'"  sing N N 98  
C   "C2'" "C1'"  sing N N 99  
C   "C2'" "H2'"  sing N N 100 
C   "O2'" "HO2'" sing N N 101 
C   "C1'" N1     sing N N 102 
C   "C1'" "H1'"  sing N N 103 
C   N1    C2     sing N N 104 
C   N1    C6     sing N N 105 
C   C2    O2     doub N N 106 
C   C2    N3     sing N N 107 
C   N3    C4     doub N N 108 
C   C4    N4     sing N N 109 
C   C4    C5     sing N N 110 
C   N4    H41    sing N N 111 
C   N4    H42    sing N N 112 
C   C5    C6     doub N N 113 
C   C5    H5     sing N N 114 
C   C6    H6     sing N N 115 
G   OP3   P      sing N N 116 
G   OP3   HOP3   sing N N 117 
G   P     OP1    doub N N 118 
G   P     OP2    sing N N 119 
G   P     "O5'"  sing N N 120 
G   OP2   HOP2   sing N N 121 
G   "O5'" "C5'"  sing N N 122 
G   "C5'" "C4'"  sing N N 123 
G   "C5'" "H5'"  sing N N 124 
G   "C5'" "H5''" sing N N 125 
G   "C4'" "O4'"  sing N N 126 
G   "C4'" "C3'"  sing N N 127 
G   "C4'" "H4'"  sing N N 128 
G   "O4'" "C1'"  sing N N 129 
G   "C3'" "O3'"  sing N N 130 
G   "C3'" "C2'"  sing N N 131 
G   "C3'" "H3'"  sing N N 132 
G   "O3'" "HO3'" sing N N 133 
G   "C2'" "O2'"  sing N N 134 
G   "C2'" "C1'"  sing N N 135 
G   "C2'" "H2'"  sing N N 136 
G   "O2'" "HO2'" sing N N 137 
G   "C1'" N9     sing N N 138 
G   "C1'" "H1'"  sing N N 139 
G   N9    C8     sing Y N 140 
G   N9    C4     sing Y N 141 
G   C8    N7     doub Y N 142 
G   C8    H8     sing N N 143 
G   N7    C5     sing Y N 144 
G   C5    C6     sing N N 145 
G   C5    C4     doub Y N 146 
G   C6    O6     doub N N 147 
G   C6    N1     sing N N 148 
G   N1    C2     sing N N 149 
G   N1    H1     sing N N 150 
G   C2    N2     sing N N 151 
G   C2    N3     doub N N 152 
G   N2    H21    sing N N 153 
G   N2    H22    sing N N 154 
G   N3    C4     sing N N 155 
U   OP3   P      sing N N 156 
U   OP3   HOP3   sing N N 157 
U   P     OP1    doub N N 158 
U   P     OP2    sing N N 159 
U   P     "O5'"  sing N N 160 
U   OP2   HOP2   sing N N 161 
U   "O5'" "C5'"  sing N N 162 
U   "C5'" "C4'"  sing N N 163 
U   "C5'" "H5'"  sing N N 164 
U   "C5'" "H5''" sing N N 165 
U   "C4'" "O4'"  sing N N 166 
U   "C4'" "C3'"  sing N N 167 
U   "C4'" "H4'"  sing N N 168 
U   "O4'" "C1'"  sing N N 169 
U   "C3'" "O3'"  sing N N 170 
U   "C3'" "C2'"  sing N N 171 
U   "C3'" "H3'"  sing N N 172 
U   "O3'" "HO3'" sing N N 173 
U   "C2'" "O2'"  sing N N 174 
U   "C2'" "C1'"  sing N N 175 
U   "C2'" "H2'"  sing N N 176 
U   "O2'" "HO2'" sing N N 177 
U   "C1'" N1     sing N N 178 
U   "C1'" "H1'"  sing N N 179 
U   N1    C2     sing N N 180 
U   N1    C6     sing N N 181 
U   C2    O2     doub N N 182 
U   C2    N3     sing N N 183 
U   N3    C4     sing N N 184 
U   N3    H3     sing N N 185 
U   C4    O4     doub N N 186 
U   C4    C5     sing N N 187 
U   C5    C6     doub N N 188 
U   C5    H5     sing N N 189 
U   C6    H6     sing N N 190 
# 
loop_
_ndb_struct_conf_na.entry_id 
_ndb_struct_conf_na.feature 
1NYI 'double helix'         
1NYI 'a-form double helix'  
1NYI 'mismatched base pair' 
# 
loop_
_ndb_struct_na_base_pair.model_number 
_ndb_struct_na_base_pair.i_label_asym_id 
_ndb_struct_na_base_pair.i_label_comp_id 
_ndb_struct_na_base_pair.i_label_seq_id 
_ndb_struct_na_base_pair.i_symmetry 
_ndb_struct_na_base_pair.j_label_asym_id 
_ndb_struct_na_base_pair.j_label_comp_id 
_ndb_struct_na_base_pair.j_label_seq_id 
_ndb_struct_na_base_pair.j_symmetry 
_ndb_struct_na_base_pair.shear 
_ndb_struct_na_base_pair.stretch 
_ndb_struct_na_base_pair.stagger 
_ndb_struct_na_base_pair.buckle 
_ndb_struct_na_base_pair.propeller 
_ndb_struct_na_base_pair.opening 
_ndb_struct_na_base_pair.pair_number 
_ndb_struct_na_base_pair.pair_name 
_ndb_struct_na_base_pair.i_auth_asym_id 
_ndb_struct_na_base_pair.i_auth_seq_id 
_ndb_struct_na_base_pair.i_PDB_ins_code 
_ndb_struct_na_base_pair.j_auth_asym_id 
_ndb_struct_na_base_pair.j_auth_seq_id 
_ndb_struct_na_base_pair.j_PDB_ins_code 
_ndb_struct_na_base_pair.hbond_type_28 
_ndb_struct_na_base_pair.hbond_type_12 
1 A G 1  1_555 B C 24 1_555 -0.535 -0.119 -0.201 -7.186  -11.917 -1.092  1  A_G11:C125_B  A 11  ? B 125 ? 19 1  
1 A U 2  1_555 B A 23 1_555 -0.264 -0.045 -0.144 5.077   -13.002 4.485   2  A_U12:A124_B  A 12  ? B 124 ? 20 1  
1 A G 3  1_555 B C 22 1_555 0.283  -0.341 -0.009 1.527   -6.468  -1.271  3  A_G13:C123_B  A 13  ? B 123 ? 19 1  
1 A G 4  1_555 B C 21 1_555 -0.308 -0.449 -0.062 -2.895  -12.832 -2.501  4  A_G14:C122_B  A 14  ? B 122 ? 19 1  
1 A U 5  1_555 B A 20 1_555 0.065  -0.365 -0.056 1.849   -16.261 6.533   5  A_U15:A121_B  A 15  ? B 121 ? 20 1  
1 A C 6  1_555 B C 19 1_555 2.391  -1.473 0.331  7.190   -15.247 28.395  6  A_C16:C120_B  A 16  ? B 120 ? ?  1  
1 B G 1  1_555 A C 15 1_555 -0.362 -0.166 0.279  4.616   -9.351  -2.906  7  B_G102:C25_A  B 102 ? A 25  ? 19 1  
1 B C 2  1_555 A G 14 1_555 -0.148 -0.232 0.037  2.730   -13.212 1.779   8  B_C103:G24_A  B 103 ? A 24  ? 19 1  
1 B C 3  1_555 A G 13 1_555 0.223  -0.386 0.090  1.396   -9.848  1.034   9  B_C104:G23_A  B 104 ? A 23  ? 19 1  
1 B G 4  1_555 A A 12 1_555 6.870  -4.357 -0.440 9.566   -9.381  -9.633  10 B_G105:A22_A  B 105 ? A 22  ? 11 10 
1 B A 5  1_555 A G 11 1_555 -6.638 -4.991 0.675  -23.201 9.098   -4.556  11 B_A106:G21_A  B 106 ? A 21  ? 11 10 
1 B A 6  1_555 A U 10 1_555 -6.380 -0.607 0.186  14.484  -6.125  57.292  12 B_A107:U20_A  B 107 ? A 20  ? ?  5  
1 B A 7  1_555 B U 18 1_555 0.847  1.385  -0.855 -11.085 -26.726 -37.778 13 B_A108:U119_B B 108 ? B 119 ? ?  ?  
1 B C 8  1_555 B G 17 1_555 0.366  -0.365 0.475  -0.203  -18.382 -1.536  14 B_C109:G118_B B 109 ? B 118 ? 19 1  
1 B U 9  1_555 B A 16 1_555 -0.058 -0.320 0.085  5.875   -8.757  1.438   15 B_U110:A117_B B 110 ? B 117 ? 20 1  
1 B C 10 1_555 B G 15 1_555 -0.423 -0.296 0.024  11.275  -1.177  -2.950  16 B_C111:G116_B B 111 ? B 116 ? 19 1  
1 B G 11 1_555 B A 14 1_555 7.496  -5.650 0.344  0.327   -20.950 -43.867 17 B_G112:A115_B B 112 ? B 115 ? ?  ?  
# 
loop_
_ndb_struct_na_base_pair_step.model_number 
_ndb_struct_na_base_pair_step.i_label_asym_id_1 
_ndb_struct_na_base_pair_step.i_label_comp_id_1 
_ndb_struct_na_base_pair_step.i_label_seq_id_1 
_ndb_struct_na_base_pair_step.i_symmetry_1 
_ndb_struct_na_base_pair_step.j_label_asym_id_1 
_ndb_struct_na_base_pair_step.j_label_comp_id_1 
_ndb_struct_na_base_pair_step.j_label_seq_id_1 
_ndb_struct_na_base_pair_step.j_symmetry_1 
_ndb_struct_na_base_pair_step.i_label_asym_id_2 
_ndb_struct_na_base_pair_step.i_label_comp_id_2 
_ndb_struct_na_base_pair_step.i_label_seq_id_2 
_ndb_struct_na_base_pair_step.i_symmetry_2 
_ndb_struct_na_base_pair_step.j_label_asym_id_2 
_ndb_struct_na_base_pair_step.j_label_comp_id_2 
_ndb_struct_na_base_pair_step.j_label_seq_id_2 
_ndb_struct_na_base_pair_step.j_symmetry_2 
_ndb_struct_na_base_pair_step.shift 
_ndb_struct_na_base_pair_step.slide 
_ndb_struct_na_base_pair_step.rise 
_ndb_struct_na_base_pair_step.tilt 
_ndb_struct_na_base_pair_step.roll 
_ndb_struct_na_base_pair_step.twist 
_ndb_struct_na_base_pair_step.x_displacement 
_ndb_struct_na_base_pair_step.y_displacement 
_ndb_struct_na_base_pair_step.helical_rise 
_ndb_struct_na_base_pair_step.inclination 
_ndb_struct_na_base_pair_step.tip 
_ndb_struct_na_base_pair_step.helical_twist 
_ndb_struct_na_base_pair_step.step_number 
_ndb_struct_na_base_pair_step.step_name 
_ndb_struct_na_base_pair_step.i_auth_asym_id_1 
_ndb_struct_na_base_pair_step.i_auth_seq_id_1 
_ndb_struct_na_base_pair_step.i_PDB_ins_code_1 
_ndb_struct_na_base_pair_step.j_auth_asym_id_1 
_ndb_struct_na_base_pair_step.j_auth_seq_id_1 
_ndb_struct_na_base_pair_step.j_PDB_ins_code_1 
_ndb_struct_na_base_pair_step.i_auth_asym_id_2 
_ndb_struct_na_base_pair_step.i_auth_seq_id_2 
_ndb_struct_na_base_pair_step.i_PDB_ins_code_2 
_ndb_struct_na_base_pair_step.j_auth_asym_id_2 
_ndb_struct_na_base_pair_step.j_auth_seq_id_2 
_ndb_struct_na_base_pair_step.j_PDB_ins_code_2 
1 A G 1  1_555 B C 24 1_555 A U 2  1_555 B A 23 1_555 -0.338 -1.457 2.949 -3.469  0.867  37.403  -2.364 0.117  2.934  1.349  5.394 
37.568  1  AA_G11U12:A124C125_BB   A 11  ? B 125 ? A 12  ? B 124 ? 
1 A U 2  1_555 B A 23 1_555 A G 3  1_555 B C 22 1_555 -0.236 -1.439 3.316 -1.216  6.541  32.222  -3.630 0.214  2.981  11.631 2.163 
32.884  2  AA_U12G13:C123A124_BB   A 12  ? B 124 ? A 13  ? B 123 ? 
1 A G 3  1_555 B C 22 1_555 A G 4  1_555 B C 21 1_555 0.621  -2.485 3.306 0.805   3.043  25.271  -6.482 -1.185 3.008  6.922  
-1.831 25.463  3  AA_G13G14:C122C123_BB   A 13  ? B 123 ? A 14  ? B 122 ? 
1 A G 4  1_555 B C 21 1_555 A U 5  1_555 B A 20 1_555 -0.379 -2.604 3.075 -2.093  3.011  23.534  -7.196 0.304  2.747  7.326  5.092 
23.814  4  AA_G14U15:A121C122_BB   A 14  ? B 122 ? A 15  ? B 121 ? 
1 A U 5  1_555 B A 20 1_555 A C 6  1_555 B C 19 1_555 0.959  -0.481 3.191 -2.894  5.517  42.327  -1.188 -1.593 3.039  7.591  3.982 
42.763  5  AA_U15C16:C120A121_BB   A 15  ? B 121 ? A 16  ? B 120 ? 
1 B G 1  1_555 A C 15 1_555 B C 2  1_555 A G 14 1_555 0.052  -1.986 3.293 -0.462  -0.369 34.337  -3.305 -0.162 3.313  -0.624 0.783 
34.342  6  BB_G102C103:G24C25_AA   B 102 ? A 25  ? B 103 ? A 24  ? 
1 B C 2  1_555 A G 14 1_555 B C 3  1_555 A G 13 1_555 -0.271 -1.850 3.287 -1.776  3.269  31.083  -4.034 0.174  3.092  6.073  3.299 
31.300  7  BB_C103C104:G23G24_AA   B 103 ? A 24  ? B 104 ? A 23  ? 
1 B C 3  1_555 A G 13 1_555 B G 4  1_555 A A 12 1_555 -0.816 -0.697 3.353 2.168   -0.230 56.296  -0.725 0.989  3.325  -0.244 
-2.297 56.334  8  BB_C104G105:A22G23_AA   B 104 ? A 23  ? B 105 ? A 22  ? 
1 B G 4  1_555 A A 12 1_555 B A 5  1_555 A G 11 1_555 1.092  -1.183 3.898 5.130   -0.648 -14.660 4.942  8.516  3.271  2.443  
19.336 -15.540 9  BB_G105A106:G21A22_AA   B 105 ? A 22  ? B 106 ? A 21  ? 
1 B A 5  1_555 A G 11 1_555 B A 6  1_555 A U 10 1_555 3.280  -0.877 1.968 -20.057 15.231 33.994  -1.691 -5.187 -0.223 22.609 
29.774 42.084  10 BB_A106A107:U20G21_AA   B 106 ? A 21  ? B 107 ? A 20  ? 
1 B A 6  1_555 A U 10 1_555 B A 7  1_555 B U 18 1_555 -2.335 -1.678 3.937 -4.844  9.215  75.881  -1.679 1.716  3.865  7.460  3.922 
76.485  11 BB_A107A108:U119U20_BA  B 107 ? A 20  ? B 108 ? B 119 ? 
1 B A 7  1_555 B U 18 1_555 B C 8  1_555 B G 17 1_555 1.536  -1.026 2.943 -11.088 0.642  28.698  -2.039 -4.666 2.189  1.239  
21.384 30.730  12 BB_A108C109:G118U119_BB B 108 ? B 119 ? B 109 ? B 118 ? 
1 B C 8  1_555 B G 17 1_555 B U 9  1_555 B A 16 1_555 -0.133 -1.361 3.101 -1.892  2.271  34.398  -2.622 -0.050 3.010  3.831  3.192 
34.521  13 BB_C109U110:A117G118_BB B 109 ? B 118 ? B 110 ? B 117 ? 
1 B U 9  1_555 B A 16 1_555 B C 10 1_555 B G 15 1_555 -0.052 -1.792 3.153 -2.384  3.444  27.876  -4.430 -0.413 2.909  7.099  4.914 
28.183  14 BB_U110C111:G116A117_BB B 110 ? B 117 ? B 111 ? B 116 ? 
1 B C 10 1_555 B G 15 1_555 B G 11 1_555 B A 14 1_555 -4.089 -1.680 3.824 4.174   18.940 56.604  -2.700 4.338  2.897  19.356 
-4.265 59.574  15 BB_C111G112:A115G116_BB B 111 ? B 116 ? B 112 ? B 115 ? 
# 
_pdbx_initial_refinement_model.accession_code   ? 
_pdbx_initial_refinement_model.id               1 
_pdbx_initial_refinement_model.entity_id_list   ? 
_pdbx_initial_refinement_model.type             'experimental model' 
_pdbx_initial_refinement_model.source_name      Other 
_pdbx_initial_refinement_model.details          'urx 057' 
# 
_atom_sites.entry_id                    1NYI 
_atom_sites.fract_transf_matrix[1][1]   0.00007197 
_atom_sites.fract_transf_matrix[1][2]   -0.00843618 
_atom_sites.fract_transf_matrix[1][3]   0.01543698 
_atom_sites.fract_transf_matrix[2][1]   0.00559766 
_atom_sites.fract_transf_matrix[2][2]   0.00823908 
_atom_sites.fract_transf_matrix[2][3]   0.01450042 
_atom_sites.fract_transf_matrix[3][1]   -0.00677192 
_atom_sites.fract_transf_matrix[3][2]   0.00231690 
_atom_sites.fract_transf_matrix[3][3]   0.00129774 
_atom_sites.fract_transf_vector[1]      0.410881 
_atom_sites.fract_transf_vector[2]      0.011246 
_atom_sites.fract_transf_vector[3]      0.203619 
# 
loop_
_atom_type.symbol 
C  
CO 
N  
O  
P  
# 
loop_
_atom_site.group_PDB 
_atom_site.id 
_atom_site.type_symbol 
_atom_site.label_atom_id 
_atom_site.label_alt_id 
_atom_site.label_comp_id 
_atom_site.label_asym_id 
_atom_site.label_entity_id 
_atom_site.label_seq_id 
_atom_site.pdbx_PDB_ins_code 
_atom_site.Cartn_x 
_atom_site.Cartn_y 
_atom_site.Cartn_z 
_atom_site.occupancy 
_atom_site.B_iso_or_equiv 
_atom_site.pdbx_formal_charge 
_atom_site.auth_seq_id 
_atom_site.auth_comp_id 
_atom_site.auth_asym_id 
_atom_site.auth_atom_id 
_atom_site.pdbx_PDB_model_num 
ATOM   1   P  P     . G   A 1 1  ? -12.759 6.145   1.378   1.00 52.76 ? 11  G   A P     1 
ATOM   2   O  OP1   . G   A 1 1  ? -13.150 6.129   2.813   1.00 53.85 ? 11  G   A OP1   1 
ATOM   3   O  OP2   . G   A 1 1  ? -11.491 5.509   0.934   1.00 52.01 ? 11  G   A OP2   1 
ATOM   4   O  "O5'" . G   A 1 1  ? -12.739 7.669   0.920   1.00 50.80 ? 11  G   A "O5'" 1 
ATOM   5   C  "C5'" . G   A 1 1  ? -13.799 8.139   0.172   1.00 48.85 ? 11  G   A "C5'" 1 
ATOM   6   C  "C4'" . G   A 1 1  ? -14.205 9.482   0.707   1.00 48.15 ? 11  G   A "C4'" 1 
ATOM   7   O  "O4'" . G   A 1 1  ? -14.803 9.328   2.007   1.00 48.27 ? 11  G   A "O4'" 1 
ATOM   8   C  "C3'" . G   A 1 1  ? -13.076 10.442  0.989   1.00 48.17 ? 11  G   A "C3'" 1 
ATOM   9   O  "O3'" . G   A 1 1  ? -12.589 10.955  -0.213  1.00 48.33 ? 11  G   A "O3'" 1 
ATOM   10  C  "C2'" . G   A 1 1  ? -13.812 11.482  1.814   1.00 48.61 ? 11  G   A "C2'" 1 
ATOM   11  O  "O2'" . G   A 1 1  ? -14.544 12.411  1.043   1.00 49.20 ? 11  G   A "O2'" 1 
ATOM   12  C  "C1'" . G   A 1 1  ? -14.752 10.598  2.640   1.00 48.27 ? 11  G   A "C1'" 1 
ATOM   13  N  N9    . G   A 1 1  ? -14.276 10.393  4.010   1.00 47.83 ? 11  G   A N9    1 
ATOM   14  C  C8    . G   A 1 1  ? -14.129 9.182   4.658   1.00 47.41 ? 11  G   A C8    1 
ATOM   15  N  N7    . G   A 1 1  ? -13.686 9.298   5.880   1.00 46.82 ? 11  G   A N7    1 
ATOM   16  C  C5    . G   A 1 1  ? -13.513 10.667  6.047   1.00 46.26 ? 11  G   A C5    1 
ATOM   17  C  C6    . G   A 1 1  ? -13.044 11.386  7.166   1.00 46.34 ? 11  G   A C6    1 
ATOM   18  O  O6    . G   A 1 1  ? -12.684 10.923  8.256   1.00 47.69 ? 11  G   A O6    1 
ATOM   19  N  N1    . G   A 1 1  ? -13.005 12.760  6.933   1.00 45.34 ? 11  G   A N1    1 
ATOM   20  C  C2    . G   A 1 1  ? -13.377 13.356  5.754   1.00 45.25 ? 11  G   A C2    1 
ATOM   21  N  N2    . G   A 1 1  ? -13.284 14.691  5.698   1.00 44.98 ? 11  G   A N2    1 
ATOM   22  N  N3    . G   A 1 1  ? -13.820 12.692  4.699   1.00 45.57 ? 11  G   A N3    1 
ATOM   23  C  C4    . G   A 1 1  ? -13.863 11.356  4.911   1.00 46.34 ? 11  G   A C4    1 
ATOM   24  P  P     . U   A 1 2  ? -11.022 10.826  -0.504  1.00 49.77 ? 12  U   A P     1 
ATOM   25  O  OP1   . U   A 1 2  ? -10.768 10.999  -1.949  1.00 50.64 ? 12  U   A OP1   1 
ATOM   26  O  OP2   . U   A 1 2  ? -10.490 9.587   0.134   1.00 47.82 ? 12  U   A OP2   1 
ATOM   27  O  "O5'" . U   A 1 2  ? -10.567 12.192  0.203   1.00 48.19 ? 12  U   A "O5'" 1 
ATOM   28  C  "C5'" . U   A 1 2  ? -11.170 13.375  -0.287  1.00 46.83 ? 12  U   A "C5'" 1 
ATOM   29  C  "C4'" . U   A 1 2  ? -10.820 14.595  0.539   1.00 47.03 ? 12  U   A "C4'" 1 
ATOM   30  O  "O4'" . U   A 1 2  ? -11.552 14.606  1.788   1.00 46.44 ? 12  U   A "O4'" 1 
ATOM   31  C  "C3'" . U   A 1 2  ? -9.381  14.705  0.989   1.00 46.94 ? 12  U   A "C3'" 1 
ATOM   32  O  "O3'" . U   A 1 2  ? -8.647  15.270  -0.046  1.00 49.30 ? 12  U   A "O3'" 1 
ATOM   33  C  "C2'" . U   A 1 2  ? -9.541  15.709  2.115   1.00 45.64 ? 12  U   A "C2'" 1 
ATOM   34  O  "O2'" . U   A 1 2  ? -9.853  16.990  1.606   1.00 44.33 ? 12  U   A "O2'" 1 
ATOM   35  C  "C1'" . U   A 1 2  ? -10.746 15.126  2.827   1.00 44.37 ? 12  U   A "C1'" 1 
ATOM   36  N  N1    . U   A 1 2  ? -10.493 14.031  3.848   1.00 41.83 ? 12  U   A N1    1 
ATOM   37  C  C2    . U   A 1 2  ? -10.155 14.337  5.153   1.00 40.50 ? 12  U   A C2    1 
ATOM   38  O  O2    . U   A 1 2  ? -10.016 15.480  5.566   1.00 41.39 ? 12  U   A O2    1 
ATOM   39  N  N3    . U   A 1 2  ? -9.984  13.249  5.974   1.00 38.14 ? 12  U   A N3    1 
ATOM   40  C  C4    . U   A 1 2  ? -10.112 11.924  5.639   1.00 37.61 ? 12  U   A C4    1 
ATOM   41  O  O4    . U   A 1 2  ? -9.937  11.043  6.460   1.00 36.88 ? 12  U   A O4    1 
ATOM   42  C  C5    . U   A 1 2  ? -10.462 11.685  4.279   1.00 39.69 ? 12  U   A C5    1 
ATOM   43  C  C6    . U   A 1 2  ? -10.640 12.720  3.461   1.00 41.02 ? 12  U   A C6    1 
ATOM   44  P  P     . G   A 1 3  ? -7.105  14.894  -0.189  1.00 51.14 ? 13  G   A P     1 
ATOM   45  O  OP1   . G   A 1 3  ? -6.608  15.652  -1.367  1.00 51.26 ? 13  G   A OP1   1 
ATOM   46  O  OP2   . G   A 1 3  ? -6.959  13.415  -0.101  1.00 49.53 ? 13  G   A OP2   1 
ATOM   47  O  "O5'" . G   A 1 3  ? -6.482  15.556  1.135   1.00 51.09 ? 13  G   A "O5'" 1 
ATOM   48  C  "C5'" . G   A 1 3  ? -6.312  16.971  1.240   1.00 50.69 ? 13  G   A "C5'" 1 
ATOM   49  C  "C4'" . G   A 1 3  ? -5.815  17.315  2.632   1.00 50.83 ? 13  G   A "C4'" 1 
ATOM   50  O  "O4'" . G   A 1 3  ? -6.731  16.836  3.648   1.00 49.73 ? 13  G   A "O4'" 1 
ATOM   51  C  "C3'" . G   A 1 3  ? -4.510  16.655  3.043   1.00 51.09 ? 13  G   A "C3'" 1 
ATOM   52  O  "O3'" . G   A 1 3  ? -3.430  17.345  2.459   1.00 52.36 ? 13  G   A "O3'" 1 
ATOM   53  C  "C2'" . G   A 1 3  ? -4.564  16.897  4.543   1.00 50.13 ? 13  G   A "C2'" 1 
ATOM   54  O  "O2'" . G   A 1 3  ? -4.335  18.252  4.875   1.00 51.08 ? 13  G   A "O2'" 1 
ATOM   55  C  "C1'" . G   A 1 3  ? -6.014  16.546  4.829   1.00 47.93 ? 13  G   A "C1'" 1 
ATOM   56  N  N9    . G   A 1 3  ? -6.219  15.147  5.180   1.00 44.82 ? 13  G   A N9    1 
ATOM   57  C  C8    . G   A 1 3  ? -6.673  14.137  4.371   1.00 43.67 ? 13  G   A C8    1 
ATOM   58  N  N7    . G   A 1 3  ? -6.757  12.986  4.984   1.00 42.75 ? 13  G   A N7    1 
ATOM   59  C  C5    . G   A 1 3  ? -6.335  13.252  6.279   1.00 42.33 ? 13  G   A C5    1 
ATOM   60  C  C6    . G   A 1 3  ? -6.206  12.405  7.407   1.00 41.88 ? 13  G   A C6    1 
ATOM   61  O  O6    . G   A 1 3  ? -6.448  11.204  7.503   1.00 41.50 ? 13  G   A O6    1 
ATOM   62  N  N1    . G   A 1 3  ? -5.728  13.070  8.527   1.00 41.71 ? 13  G   A N1    1 
ATOM   63  C  C2    . G   A 1 3  ? -5.416  14.394  8.542   1.00 41.96 ? 13  G   A C2    1 
ATOM   64  N  N2    . G   A 1 3  ? -4.979  14.870  9.707   1.00 43.63 ? 13  G   A N2    1 
ATOM   65  N  N3    . G   A 1 3  ? -5.540  15.205  7.504   1.00 42.44 ? 13  G   A N3    1 
ATOM   66  C  C4    . G   A 1 3  ? -6.000  14.575  6.408   1.00 43.01 ? 13  G   A C4    1 
ATOM   67  P  P     . G   A 1 4  ? -2.011  16.629  2.260   1.00 54.30 ? 14  G   A P     1 
ATOM   68  O  OP1   . G   A 1 4  ? -1.337  17.531  1.293   1.00 55.08 ? 14  G   A OP1   1 
ATOM   69  O  OP2   . G   A 1 4  ? -2.120  15.152  2.032   1.00 50.65 ? 14  G   A OP2   1 
ATOM   70  O  "O5'" . G   A 1 4  ? -1.346  16.862  3.694   1.00 51.73 ? 14  G   A "O5'" 1 
ATOM   71  C  "C5'" . G   A 1 4  ? -0.820  15.745  4.375   1.00 47.56 ? 14  G   A "C5'" 1 
ATOM   72  C  "C4'" . G   A 1 4  ? -0.905  16.026  5.853   1.00 44.33 ? 14  G   A "C4'" 1 
ATOM   73  O  "O4'" . G   A 1 4  ? -2.205  15.613  6.338   1.00 42.87 ? 14  G   A "O4'" 1 
ATOM   74  C  "C3'" . G   A 1 4  ? 0.095   15.245  6.681   1.00 42.72 ? 14  G   A "C3'" 1 
ATOM   75  O  "O3'" . G   A 1 4  ? 1.337   15.965  6.764   1.00 41.30 ? 14  G   A "O3'" 1 
ATOM   76  C  "C2'" . G   A 1 4  ? -0.615  15.222  8.021   1.00 41.97 ? 14  G   A "C2'" 1 
ATOM   77  O  "O2'" . G   A 1 4  ? -0.438  16.459  8.706   1.00 42.46 ? 14  G   A "O2'" 1 
ATOM   78  C  "C1'" . G   A 1 4  ? -2.067  15.009  7.601   1.00 40.85 ? 14  G   A "C1'" 1 
ATOM   79  N  N9    . G   A 1 4  ? -2.447  13.618  7.429   1.00 38.55 ? 14  G   A N9    1 
ATOM   80  C  C8    . G   A 1 4  ? -2.891  13.052  6.264   1.00 37.55 ? 14  G   A C8    1 
ATOM   81  N  N7    . G   A 1 4  ? -3.156  11.784  6.376   1.00 36.65 ? 14  G   A N7    1 
ATOM   82  C  C5    . G   A 1 4  ? -2.873  11.484  7.694   1.00 37.34 ? 14  G   A C5    1 
ATOM   83  C  C6    . G   A 1 4  ? -2.973  10.251  8.392   1.00 37.71 ? 14  G   A C6    1 
ATOM   84  O  O6    . G   A 1 4  ? -3.346  9.155   7.966   1.00 38.05 ? 14  G   A O6    1 
ATOM   85  N  N1    . G   A 1 4  ? -2.569  10.360  9.722   1.00 37.90 ? 14  G   A N1    1 
ATOM   86  C  C2    . G   A 1 4  ? -2.144  11.535  10.295  1.00 37.88 ? 14  G   A C2    1 
ATOM   87  N  N2    . G   A 1 4  ? -1.815  11.446  11.580  1.00 38.42 ? 14  G   A N2    1 
ATOM   88  N  N3    . G   A 1 4  ? -2.055  12.705  9.663   1.00 37.19 ? 14  G   A N3    1 
ATOM   89  C  C4    . G   A 1 4  ? -2.433  12.609  8.362   1.00 37.96 ? 14  G   A C4    1 
ATOM   90  P  P     . U   A 1 5  ? 2.725   15.234  6.420   1.00 39.74 ? 15  U   A P     1 
ATOM   91  O  OP1   . U   A 1 5  ? 3.697   16.308  6.118   1.00 38.78 ? 15  U   A OP1   1 
ATOM   92  O  OP2   . U   A 1 5  ? 2.477   14.223  5.353   1.00 38.13 ? 15  U   A OP2   1 
ATOM   93  O  "O5'" . U   A 1 5  ? 3.125   14.443  7.775   1.00 36.77 ? 15  U   A "O5'" 1 
ATOM   94  C  "C5'" . U   A 1 5  ? 2.823   14.927  9.089   1.00 33.66 ? 15  U   A "C5'" 1 
ATOM   95  C  "C4'" . U   A 1 5  ? 2.835   13.835  10.142  1.00 32.00 ? 15  U   A "C4'" 1 
ATOM   96  O  "O4'" . U   A 1 5  ? 1.526   13.242  10.256  1.00 33.00 ? 15  U   A "O4'" 1 
ATOM   97  C  "C3'" . U   A 1 5  ? 3.697   12.614  9.897   1.00 32.03 ? 15  U   A "C3'" 1 
ATOM   98  O  "O3'" . U   A 1 5  ? 4.997   12.910  10.188  1.00 32.39 ? 15  U   A "O3'" 1 
ATOM   99  C  "C2'" . U   A 1 5  ? 3.132   11.716  10.987  1.00 32.91 ? 15  U   A "C2'" 1 
ATOM   100 O  "O2'" . U   A 1 5  ? 3.524   12.082  12.292  1.00 33.67 ? 15  U   A "O2'" 1 
ATOM   101 C  "C1'" . U   A 1 5  ? 1.637   11.936  10.795  1.00 33.00 ? 15  U   A "C1'" 1 
ATOM   102 N  N1    . U   A 1 5  ? 1.060   10.868  9.902   1.00 33.54 ? 15  U   A N1    1 
ATOM   103 C  C2    . U   A 1 5  ? 0.852   9.640   10.467  1.00 34.94 ? 15  U   A C2    1 
ATOM   104 O  O2    . U   A 1 5  ? 1.099   9.422   11.640  1.00 36.85 ? 15  U   A O2    1 
ATOM   105 N  N3    . U   A 1 5  ? 0.348   8.691   9.613   1.00 35.39 ? 15  U   A N3    1 
ATOM   106 C  C4    . U   A 1 5  ? 0.033   8.846   8.271   1.00 35.60 ? 15  U   A C4    1 
ATOM   107 O  O4    . U   A 1 5  ? -0.424  7.896   7.641   1.00 36.02 ? 15  U   A O4    1 
ATOM   108 C  C5    . U   A 1 5  ? 0.284   10.155  7.732   1.00 33.52 ? 15  U   A C5    1 
ATOM   109 C  C6    . U   A 1 5  ? 0.779   11.079  8.562   1.00 33.84 ? 15  U   A C6    1 
ATOM   110 P  P     . C   A 1 6  ? 6.276   12.156  9.620   1.00 33.35 ? 16  C   A P     1 
ATOM   111 O  OP1   . C   A 1 6  ? 7.361   12.775  10.401  1.00 36.16 ? 16  C   A OP1   1 
ATOM   112 O  OP2   . C   A 1 6  ? 6.347   12.295  8.154   1.00 34.08 ? 16  C   A OP2   1 
ATOM   113 O  "O5'" . C   A 1 6  ? 6.157   10.635  10.079  1.00 33.24 ? 16  C   A "O5'" 1 
ATOM   114 C  "C5'" . C   A 1 6  ? 6.358   10.402  11.456  1.00 34.52 ? 16  C   A "C5'" 1 
ATOM   115 C  "C4'" . C   A 1 6  ? 6.139   8.967   11.868  1.00 35.48 ? 16  C   A "C4'" 1 
ATOM   116 O  "O4'" . C   A 1 6  ? 4.721   8.684   11.855  1.00 35.73 ? 16  C   A "O4'" 1 
ATOM   117 C  "C3'" . C   A 1 6  ? 6.788   7.972   10.936  1.00 37.26 ? 16  C   A "C3'" 1 
ATOM   118 O  "O3'" . C   A 1 6  ? 8.099   7.658   11.370  1.00 36.46 ? 16  C   A "O3'" 1 
ATOM   119 C  "C2'" . C   A 1 6  ? 5.849   6.790   11.097  1.00 39.01 ? 16  C   A "C2'" 1 
ATOM   120 O  "O2'" . C   A 1 6  ? 6.100   6.069   12.277  1.00 42.83 ? 16  C   A "O2'" 1 
ATOM   121 C  "C1'" . C   A 1 6  ? 4.493   7.466   11.187  1.00 38.40 ? 16  C   A "C1'" 1 
ATOM   122 N  N1    . C   A 1 6  ? 3.931   7.624   9.808   1.00 39.11 ? 16  C   A N1    1 
ATOM   123 C  C2    . C   A 1 6  ? 3.252   6.531   9.244   1.00 39.17 ? 16  C   A C2    1 
ATOM   124 O  O2    . C   A 1 6  ? 3.144   5.508   9.935   1.00 39.04 ? 16  C   A O2    1 
ATOM   125 N  N3    . C   A 1 6  ? 2.747   6.633   7.976   1.00 38.60 ? 16  C   A N3    1 
ATOM   126 C  C4    . C   A 1 6  ? 2.916   7.770   7.291   1.00 38.80 ? 16  C   A C4    1 
ATOM   127 N  N4    . C   A 1 6  ? 2.422   7.864   6.062   1.00 37.85 ? 16  C   A N4    1 
ATOM   128 C  C5    . C   A 1 6  ? 3.608   8.895   7.844   1.00 40.26 ? 16  C   A C5    1 
ATOM   129 C  C6    . C   A 1 6  ? 4.101   8.775   9.083   1.00 39.89 ? 16  C   A C6    1 
ATOM   130 P  P     . U   A 1 7  ? 9.182   7.176   10.295  1.00 36.73 ? 17  U   A P     1 
ATOM   131 O  OP1   . U   A 1 7  ? 10.515  7.073   10.944  1.00 37.15 ? 17  U   A OP1   1 
ATOM   132 O  OP2   . U   A 1 7  ? 9.035   7.979   9.052   1.00 35.23 ? 17  U   A OP2   1 
ATOM   133 O  "O5'" . U   A 1 7  ? 8.708   5.674   10.045  1.00 37.88 ? 17  U   A "O5'" 1 
ATOM   134 C  "C5'" . U   A 1 7  ? 8.889   4.727   11.104  1.00 39.79 ? 17  U   A "C5'" 1 
ATOM   135 C  "C4'" . U   A 1 7  ? 8.331   3.352   10.767  1.00 41.17 ? 17  U   A "C4'" 1 
ATOM   136 O  "O4'" . U   A 1 7  ? 6.871   3.415   10.634  1.00 42.48 ? 17  U   A "O4'" 1 
ATOM   137 C  "C3'" . U   A 1 7  ? 8.814   2.710   9.470   1.00 40.78 ? 17  U   A "C3'" 1 
ATOM   138 O  "O3'" . U   A 1 7  ? 10.102  2.074   9.577   1.00 39.39 ? 17  U   A "O3'" 1 
ATOM   139 C  "C2'" . U   A 1 7  ? 7.689   1.699   9.313   1.00 42.17 ? 17  U   A "C2'" 1 
ATOM   140 O  "O2'" . U   A 1 7  ? 7.810   0.701   10.312  1.00 42.73 ? 17  U   A "O2'" 1 
ATOM   141 C  "C1'" . U   A 1 7  ? 6.458   2.565   9.583   1.00 42.43 ? 17  U   A "C1'" 1 
ATOM   142 N  N1    . U   A 1 7  ? 5.995   3.393   8.395   1.00 43.84 ? 17  U   A N1    1 
ATOM   143 C  C2    . U   A 1 7  ? 5.011   2.922   7.527   1.00 43.56 ? 17  U   A C2    1 
ATOM   144 O  O2    . U   A 1 7  ? 4.467   1.854   7.664   1.00 44.11 ? 17  U   A O2    1 
ATOM   145 N  N3    . U   A 1 7  ? 4.678   3.744   6.475   1.00 42.37 ? 17  U   A N3    1 
ATOM   146 C  C4    . U   A 1 7  ? 5.230   4.980   6.211   1.00 42.98 ? 17  U   A C4    1 
ATOM   147 O  O4    . U   A 1 7  ? 4.868   5.632   5.248   1.00 44.19 ? 17  U   A O4    1 
ATOM   148 C  C5    . U   A 1 7  ? 6.239   5.415   7.139   1.00 43.89 ? 17  U   A C5    1 
ATOM   149 C  C6    . U   A 1 7  ? 6.580   4.627   8.163   1.00 43.91 ? 17  U   A C6    1 
ATOM   150 P  P     . G   A 1 8  ? 11.122  2.208   8.338   1.00 39.54 ? 18  G   A P     1 
ATOM   151 O  OP1   . G   A 1 8  ? 12.508  1.967   8.751   1.00 38.82 ? 18  G   A OP1   1 
ATOM   152 O  OP2   . G   A 1 8  ? 10.786  3.421   7.548   1.00 39.55 ? 18  G   A OP2   1 
ATOM   153 O  "O5'" . G   A 1 8  ? 10.742  0.950   7.421   1.00 41.63 ? 18  G   A "O5'" 1 
ATOM   154 C  "C5'" . G   A 1 8  ? 11.204  0.964   6.060   1.00 41.48 ? 18  G   A "C5'" 1 
ATOM   155 C  "C4'" . G   A 1 8  ? 10.471  -0.051  5.225   1.00 40.67 ? 18  G   A "C4'" 1 
ATOM   156 O  "O4'" . G   A 1 8  ? 10.598  -1.290  5.926   1.00 41.57 ? 18  G   A "O4'" 1 
ATOM   157 C  "C3'" . G   A 1 8  ? 8.980   0.140   5.147   1.00 41.23 ? 18  G   A "C3'" 1 
ATOM   158 O  "O3'" . G   A 1 8  ? 8.685   0.916   4.010   1.00 40.00 ? 18  G   A "O3'" 1 
ATOM   159 C  "C2'" . G   A 1 8  ? 8.463   -1.287  4.983   1.00 42.72 ? 18  G   A "C2'" 1 
ATOM   160 O  "O2'" . G   A 1 8  ? 8.566   -1.750  3.648   1.00 43.39 ? 18  G   A "O2'" 1 
ATOM   161 C  "C1'" . G   A 1 8  ? 9.455   -2.099  5.776   1.00 42.45 ? 18  G   A "C1'" 1 
ATOM   162 N  N9    . G   A 1 8  ? 9.157   -2.560  7.121   1.00 43.22 ? 18  G   A N9    1 
ATOM   163 C  C8    . G   A 1 8  ? 9.654   -1.985  8.254   1.00 43.93 ? 18  G   A C8    1 
ATOM   164 N  N7    . G   A 1 8  ? 9.307   -2.600  9.340   1.00 44.99 ? 18  G   A N7    1 
ATOM   165 C  C5    . G   A 1 8  ? 8.549   -3.661  8.900   1.00 45.10 ? 18  G   A C5    1 
ATOM   166 C  C6    . G   A 1 8  ? 7.913   -4.674  9.655   1.00 46.47 ? 18  G   A C6    1 
ATOM   167 O  O6    . G   A 1 8  ? 7.890   -4.821  10.879  1.00 47.12 ? 18  G   A O6    1 
ATOM   168 N  N1    . G   A 1 8  ? 7.218   -5.570  8.856   1.00 47.08 ? 18  G   A N1    1 
ATOM   169 C  C2    . G   A 1 8  ? 7.177   -5.492  7.486   1.00 47.85 ? 18  G   A C2    1 
ATOM   170 N  N2    . G   A 1 8  ? 6.481   -6.477  6.905   1.00 50.91 ? 18  G   A N2    1 
ATOM   171 N  N3    . G   A 1 8  ? 7.775   -4.544  6.750   1.00 47.01 ? 18  G   A N3    1 
ATOM   172 C  C4    . G   A 1 8  ? 8.449   -3.660  7.528   1.00 44.93 ? 18  G   A C4    1 
ATOM   173 P  P     . A   A 1 9  ? 7.400   1.856   4.095   1.00 40.23 ? 19  A   A P     1 
ATOM   174 O  OP1   . A   A 1 9  ? 7.244   2.455   2.745   1.00 39.64 ? 19  A   A OP1   1 
ATOM   175 O  OP2   . A   A 1 9  ? 7.494   2.652   5.333   1.00 41.23 ? 19  A   A OP2   1 
ATOM   176 O  "O5'" . A   A 1 9  ? 6.205   0.857   4.413   1.00 39.12 ? 19  A   A "O5'" 1 
ATOM   177 C  "C5'" . A   A 1 9  ? 5.555   0.179   3.344   1.00 36.53 ? 19  A   A "C5'" 1 
ATOM   178 C  "C4'" . A   A 1 9  ? 4.559   -0.786  3.926   1.00 34.26 ? 19  A   A "C4'" 1 
ATOM   179 O  "O4'" . A   A 1 9  ? 5.196   -1.574  4.947   1.00 33.93 ? 19  A   A "O4'" 1 
ATOM   180 C  "C3'" . A   A 1 9  ? 3.481   -0.035  4.653   1.00 33.09 ? 19  A   A "C3'" 1 
ATOM   181 O  "O3'" . A   A 1 9  ? 2.510   0.270   3.712   1.00 30.33 ? 19  A   A "O3'" 1 
ATOM   182 C  "C2'" . A   A 1 9  ? 3.036   -1.003  5.738   1.00 34.05 ? 19  A   A "C2'" 1 
ATOM   183 O  "O2'" . A   A 1 9  ? 1.868   -1.685  5.334   1.00 36.85 ? 19  A   A "O2'" 1 
ATOM   184 C  "C1'" . A   A 1 9  ? 4.232   -1.945  5.900   1.00 35.13 ? 19  A   A "C1'" 1 
ATOM   185 N  N9    . A   A 1 9  ? 4.842   -1.889  7.216   1.00 37.58 ? 19  A   A N9    1 
ATOM   186 C  C8    . A   A 1 9  ? 5.624   -0.891  7.713   1.00 40.45 ? 19  A   A C8    1 
ATOM   187 N  N7    . A   A 1 9  ? 6.043   -1.096  8.945   1.00 41.31 ? 19  A   A N7    1 
ATOM   188 C  C5    . A   A 1 9  ? 5.511   -2.318  9.281   1.00 40.45 ? 19  A   A C5    1 
ATOM   189 C  C6    . A   A 1 9  ? 5.559   -3.100  10.453  1.00 40.99 ? 19  A   A C6    1 
ATOM   190 N  N6    . A   A 1 9  ? 6.227   -2.769  11.550  1.00 40.20 ? 19  A   A N6    1 
ATOM   191 N  N1    . A   A 1 9  ? 4.922   -4.287  10.464  1.00 42.66 ? 19  A   A N1    1 
ATOM   192 C  C2    . A   A 1 9  ? 4.259   -4.644  9.368   1.00 42.35 ? 19  A   A C2    1 
ATOM   193 N  N3    . A   A 1 9  ? 4.135   -3.979  8.217   1.00 42.04 ? 19  A   A N3    1 
ATOM   194 C  C4    . A   A 1 9  ? 4.782   -2.815  8.224   1.00 39.65 ? 19  A   A C4    1 
ATOM   195 P  P     . U   A 1 10 ? 1.781   1.681   3.774   1.00 30.97 ? 20  U   A P     1 
ATOM   196 O  OP1   . U   A 1 10 ? 2.531   2.587   4.659   1.00 32.53 ? 20  U   A OP1   1 
ATOM   197 O  OP2   . U   A 1 10 ? 0.359   1.484   4.111   1.00 32.43 ? 20  U   A OP2   1 
ATOM   198 O  "O5'" . U   A 1 10 ? 1.840   2.219   2.265   1.00 29.32 ? 20  U   A "O5'" 1 
ATOM   199 C  "C5'" . U   A 1 10 ? 3.081   2.665   1.813   1.00 30.26 ? 20  U   A "C5'" 1 
ATOM   200 C  "C4'" . U   A 1 10 ? 3.290   2.424   0.347   1.00 31.65 ? 20  U   A "C4'" 1 
ATOM   201 O  "O4'" . U   A 1 10 ? 3.476   0.999   0.149   1.00 33.38 ? 20  U   A "O4'" 1 
ATOM   202 C  "C3'" . U   A 1 10 ? 2.094   2.729   -0.511  1.00 32.76 ? 20  U   A "C3'" 1 
ATOM   203 O  "O3'" . U   A 1 10 ? 2.086   4.086   -0.861  1.00 32.72 ? 20  U   A "O3'" 1 
ATOM   204 C  "C2'" . U   A 1 10 ? 2.348   1.810   -1.711  1.00 33.45 ? 20  U   A "C2'" 1 
ATOM   205 O  "O2'" . U   A 1 10 ? 3.387   2.313   -2.525  1.00 36.91 ? 20  U   A "O2'" 1 
ATOM   206 C  "C1'" . U   A 1 10 ? 2.877   0.553   -1.053  1.00 30.60 ? 20  U   A "C1'" 1 
ATOM   207 N  N1    . U   A 1 10 ? 1.859   -0.405  -0.656  1.00 28.67 ? 20  U   A N1    1 
ATOM   208 C  C2    . U   A 1 10 ? 1.241   -1.255  -1.584  1.00 30.60 ? 20  U   A C2    1 
ATOM   209 O  O2    . U   A 1 10 ? 1.465   -1.278  -2.791  1.00 31.53 ? 20  U   A O2    1 
ATOM   210 N  N3    . U   A 1 10 ? 0.306   -2.106  -1.048  1.00 28.40 ? 20  U   A N3    1 
ATOM   211 C  C4    . U   A 1 10 ? -0.030  -2.183  0.283   1.00 28.02 ? 20  U   A C4    1 
ATOM   212 O  O4    . U   A 1 10 ? -0.875  -2.973  0.627   1.00 27.97 ? 20  U   A O4    1 
ATOM   213 C  C5    . U   A 1 10 ? 0.656   -1.291  1.185   1.00 27.57 ? 20  U   A C5    1 
ATOM   214 C  C6    . U   A 1 10 ? 1.557   -0.459  0.685   1.00 26.54 ? 20  U   A C6    1 
ATOM   215 P  P     . G   A 1 11 ? 0.638   4.784   -0.930  1.00 34.34 ? 21  G   A P     1 
ATOM   216 O  OP1   . G   A 1 11 ? 0.796   6.234   -0.685  1.00 32.43 ? 21  G   A OP1   1 
ATOM   217 O  OP2   . G   A 1 11 ? -0.292  3.947   -0.115  1.00 32.89 ? 21  G   A OP2   1 
ATOM   218 O  "O5'" . G   A 1 11 ? 0.221   4.613   -2.469  1.00 35.58 ? 21  G   A "O5'" 1 
ATOM   219 C  "C5'" . G   A 1 11 ? 0.853   5.330   -3.546  1.00 38.50 ? 21  G   A "C5'" 1 
ATOM   220 C  "C4'" . G   A 1 11 ? 0.065   5.016   -4.807  1.00 41.70 ? 21  G   A "C4'" 1 
ATOM   221 O  "O4'" . G   A 1 11 ? 0.223   3.597   -5.044  1.00 44.15 ? 21  G   A "O4'" 1 
ATOM   222 C  "C3'" . G   A 1 11 ? -1.430  5.260   -4.590  1.00 44.27 ? 21  G   A "C3'" 1 
ATOM   223 O  "O3'" . G   A 1 11 ? -2.018  6.379   -5.346  1.00 48.37 ? 21  G   A "O3'" 1 
ATOM   224 C  "C2'" . G   A 1 11 ? -2.118  3.893   -4.701  1.00 43.05 ? 21  G   A "C2'" 1 
ATOM   225 O  "O2'" . G   A 1 11 ? -3.220  3.851   -5.573  1.00 43.24 ? 21  G   A "O2'" 1 
ATOM   226 C  "C1'" . G   A 1 11 ? -1.025  2.925   -5.146  1.00 42.72 ? 21  G   A "C1'" 1 
ATOM   227 N  N9    . G   A 1 11 ? -1.143  1.675   -4.363  1.00 40.65 ? 21  G   A N9    1 
ATOM   228 C  C8    . G   A 1 11 ? -1.499  1.551   -3.031  1.00 40.41 ? 21  G   A C8    1 
ATOM   229 N  N7    . G   A 1 11 ? -1.587  0.326   -2.583  1.00 38.52 ? 21  G   A N7    1 
ATOM   230 C  C5    . G   A 1 11 ? -1.280  -0.411  -3.707  1.00 37.90 ? 21  G   A C5    1 
ATOM   231 C  C6    . G   A 1 11 ? -1.212  -1.798  -3.836  1.00 37.09 ? 21  G   A C6    1 
ATOM   232 O  O6    . G   A 1 11 ? -1.413  -2.613  -2.946  1.00 37.80 ? 21  G   A O6    1 
ATOM   233 N  N1    . G   A 1 11 ? -0.884  -2.211  -5.120  1.00 37.44 ? 21  G   A N1    1 
ATOM   234 C  C2    . G   A 1 11 ? -0.630  -1.346  -6.160  1.00 38.53 ? 21  G   A C2    1 
ATOM   235 N  N2    . G   A 1 11 ? -0.320  -1.914  -7.336  1.00 39.00 ? 21  G   A N2    1 
ATOM   236 N  N3    . G   A 1 11 ? -0.674  -0.016  -6.053  1.00 38.71 ? 21  G   A N3    1 
ATOM   237 C  C4    . G   A 1 11 ? -1.009  0.381   -4.803  1.00 38.87 ? 21  G   A C4    1 
ATOM   238 P  P     . A   A 1 12 ? -2.230  6.510   -6.928  1.00 50.30 ? 22  A   A P     1 
ATOM   239 O  OP1   . A   A 1 12 ? -3.089  7.698   -7.093  1.00 50.05 ? 22  A   A OP1   1 
ATOM   240 O  OP2   . A   A 1 12 ? -2.613  5.194   -7.459  1.00 50.96 ? 22  A   A OP2   1 
ATOM   241 O  "O5'" . A   A 1 12 ? -0.808  6.815   -7.592  1.00 51.85 ? 22  A   A "O5'" 1 
ATOM   242 C  "C5'" . A   A 1 12 ? -0.600  8.023   -8.337  1.00 52.10 ? 22  A   A "C5'" 1 
ATOM   243 C  "C4'" . A   A 1 12 ? -0.197  7.741   -9.778  1.00 52.18 ? 22  A   A "C4'" 1 
ATOM   244 O  "O4'" . A   A 1 12 ? 0.497   6.476   -9.920  1.00 52.77 ? 22  A   A "O4'" 1 
ATOM   245 C  "C3'" . A   A 1 12 ? -1.358  7.585   -10.733 1.00 51.89 ? 22  A   A "C3'" 1 
ATOM   246 O  "O3'" . A   A 1 12 ? -1.864  8.870   -11.052 1.00 51.76 ? 22  A   A "O3'" 1 
ATOM   247 C  "C2'" . A   A 1 12 ? -0.704  6.864   -11.913 1.00 52.16 ? 22  A   A "C2'" 1 
ATOM   248 O  "O2'" . A   A 1 12 ? 0.098   7.684   -12.740 1.00 52.67 ? 22  A   A "O2'" 1 
ATOM   249 C  "C1'" . A   A 1 12 ? 0.195   5.885   -11.179 1.00 52.18 ? 22  A   A "C1'" 1 
ATOM   250 N  N9    . A   A 1 12 ? -0.436  4.590   -10.958 1.00 51.61 ? 22  A   A N9    1 
ATOM   251 C  C8    . A   A 1 12 ? -0.954  4.132   -9.779  1.00 51.61 ? 22  A   A C8    1 
ATOM   252 N  N7    . A   A 1 12 ? -1.464  2.928   -9.846  1.00 51.09 ? 22  A   A N7    1 
ATOM   253 C  C5    . A   A 1 12 ? -1.269  2.572   -11.159 1.00 51.10 ? 22  A   A C5    1 
ATOM   254 C  C6    . A   A 1 12 ? -1.596  1.396   -11.859 1.00 51.81 ? 22  A   A C6    1 
ATOM   255 N  N6    . A   A 1 12 ? -2.212  0.361   -11.269 1.00 51.43 ? 22  A   A N6    1 
ATOM   256 N  N1    . A   A 1 12 ? -1.264  1.338   -13.176 1.00 52.27 ? 22  A   A N1    1 
ATOM   257 C  C2    . A   A 1 12 ? -0.652  2.400   -13.734 1.00 52.41 ? 22  A   A C2    1 
ATOM   258 N  N3    . A   A 1 12 ? -0.301  3.565   -13.166 1.00 51.90 ? 22  A   A N3    1 
ATOM   259 C  C4    . A   A 1 12 ? -0.638  3.582   -11.865 1.00 51.28 ? 22  A   A C4    1 
ATOM   260 P  P     . G   A 1 13 ? -3.387  8.976   -11.525 1.00 51.35 ? 23  G   A P     1 
ATOM   261 O  OP1   . G   A 1 13 ? -3.774  10.405  -11.562 1.00 50.44 ? 23  G   A OP1   1 
ATOM   262 O  OP2   . G   A 1 13 ? -4.187  8.018   -10.719 1.00 51.27 ? 23  G   A OP2   1 
ATOM   263 O  "O5'" . G   A 1 13 ? -3.244  8.408   -13.019 1.00 49.89 ? 23  G   A "O5'" 1 
ATOM   264 C  "C5'" . G   A 1 13 ? -4.363  7.904   -13.720 1.00 47.58 ? 23  G   A "C5'" 1 
ATOM   265 C  "C4'" . G   A 1 13 ? -4.148  6.483   -14.204 1.00 45.56 ? 23  G   A "C4'" 1 
ATOM   266 O  "O4'" . G   A 1 13 ? -3.404  5.700   -13.241 1.00 44.27 ? 23  G   A "O4'" 1 
ATOM   267 C  "C3'" . G   A 1 13 ? -5.444  5.707   -14.306 1.00 45.10 ? 23  G   A "C3'" 1 
ATOM   268 O  "O3'" . G   A 1 13 ? -6.179  6.086   -15.448 1.00 45.62 ? 23  G   A "O3'" 1 
ATOM   269 C  "C2'" . G   A 1 13 ? -4.968  4.264   -14.316 1.00 43.67 ? 23  G   A "C2'" 1 
ATOM   270 O  "O2'" . G   A 1 13 ? -4.469  3.858   -15.570 1.00 43.54 ? 23  G   A "O2'" 1 
ATOM   271 C  "C1'" . G   A 1 13 ? -3.890  4.359   -13.235 1.00 42.51 ? 23  G   A "C1'" 1 
ATOM   272 N  N9    . G   A 1 13 ? -4.423  4.076   -11.903 1.00 39.67 ? 23  G   A N9    1 
ATOM   273 C  C8    . G   A 1 13 ? -4.502  4.950   -10.838 1.00 39.16 ? 23  G   A C8    1 
ATOM   274 N  N7    . G   A 1 13 ? -5.029  4.437   -9.759  1.00 37.73 ? 23  G   A N7    1 
ATOM   275 C  C5    . G   A 1 13 ? -5.324  3.136   -10.135 1.00 37.02 ? 23  G   A C5    1 
ATOM   276 C  C6    . G   A 1 13 ? -5.920  2.098   -9.381  1.00 36.57 ? 23  G   A C6    1 
ATOM   277 O  O6    . G   A 1 13 ? -6.302  2.137   -8.205  1.00 36.68 ? 23  G   A O6    1 
ATOM   278 N  N1    . G   A 1 13 ? -6.054  0.925   -10.117 1.00 35.45 ? 23  G   A N1    1 
ATOM   279 C  C2    . G   A 1 13 ? -5.653  0.796   -11.424 1.00 35.88 ? 23  G   A C2    1 
ATOM   280 N  N2    . G   A 1 13 ? -5.863  -0.408  -11.958 1.00 36.58 ? 23  G   A N2    1 
ATOM   281 N  N3    . G   A 1 13 ? -5.097  1.759   -12.156 1.00 35.65 ? 23  G   A N3    1 
ATOM   282 C  C4    . G   A 1 13 ? -4.962  2.898   -11.447 1.00 37.25 ? 23  G   A C4    1 
ATOM   283 P  P     . G   A 1 14 ? -7.655  6.663   -15.169 1.00 46.37 ? 24  G   A P     1 
ATOM   284 O  OP1   . G   A 1 14 ? -8.085  7.336   -16.422 1.00 45.99 ? 24  G   A OP1   1 
ATOM   285 O  OP2   . G   A 1 14 ? -7.697  7.411   -13.878 1.00 45.25 ? 24  G   A OP2   1 
ATOM   286 O  "O5'" . G   A 1 14 ? -8.471  5.299   -14.980 1.00 44.19 ? 24  G   A "O5'" 1 
ATOM   287 C  "C5'" . G   A 1 14 ? -8.715  4.558   -16.159 1.00 42.60 ? 24  G   A "C5'" 1 
ATOM   288 C  "C4'" . G   A 1 14 ? -8.706  3.073   -15.902 1.00 40.88 ? 24  G   A "C4'" 1 
ATOM   289 O  "O4'" . G   A 1 14 ? -7.772  2.729   -14.860 1.00 40.30 ? 24  G   A "O4'" 1 
ATOM   290 C  "C3'" . G   A 1 14 ? -10.014 2.560   -15.349 1.00 40.10 ? 24  G   A "C3'" 1 
ATOM   291 O  "O3'" . G   A 1 14 ? -10.935 2.484   -16.396 1.00 39.41 ? 24  G   A "O3'" 1 
ATOM   292 C  "C2'" . G   A 1 14 ? -9.571  1.206   -14.805 1.00 39.92 ? 24  G   A "C2'" 1 
ATOM   293 O  "O2'" . G   A 1 14 ? -9.261  0.227   -15.782 1.00 39.89 ? 24  G   A "O2'" 1 
ATOM   294 C  "C1'" . G   A 1 14 ? -8.312  1.672   -14.086 1.00 38.83 ? 24  G   A "C1'" 1 
ATOM   295 N  N9    . G   A 1 14 ? -8.555  2.169   -12.730 1.00 37.02 ? 24  G   A N9    1 
ATOM   296 C  C8    . G   A 1 14 ? -8.346  3.441   -12.246 1.00 36.19 ? 24  G   A C8    1 
ATOM   297 N  N7    . G   A 1 14 ? -8.646  3.567   -10.980 1.00 35.96 ? 24  G   A N7    1 
ATOM   298 C  C5    . G   A 1 14 ? -9.088  2.302   -10.603 1.00 35.34 ? 24  G   A C5    1 
ATOM   299 C  C6    . G   A 1 14 ? -9.551  1.823   -9.351  1.00 35.01 ? 24  G   A C6    1 
ATOM   300 O  O6    . G   A 1 14 ? -9.663  2.448   -8.288  1.00 34.86 ? 24  G   A O6    1 
ATOM   301 N  N1    . G   A 1 14 ? -9.903  0.478   -9.402  1.00 34.52 ? 24  G   A N1    1 
ATOM   302 C  C2    . G   A 1 14 ? -9.813  -0.304  -10.531 1.00 35.27 ? 24  G   A C2    1 
ATOM   303 N  N2    . G   A 1 14 ? -10.183 -1.586  -10.419 1.00 35.52 ? 24  G   A N2    1 
ATOM   304 N  N3    . G   A 1 14 ? -9.379  0.126   -11.707 1.00 35.59 ? 24  G   A N3    1 
ATOM   305 C  C4    . G   A 1 14 ? -9.036  1.436   -11.669 1.00 35.70 ? 24  G   A C4    1 
ATOM   306 P  P     . C   A 1 15 ? -12.415 3.052   -16.200 1.00 38.76 ? 25  C   A P     1 
ATOM   307 O  OP1   . C   A 1 15 ? -13.033 3.092   -17.556 1.00 38.32 ? 25  C   A OP1   1 
ATOM   308 O  OP2   . C   A 1 15 ? -12.404 4.270   -15.354 1.00 36.48 ? 25  C   A OP2   1 
ATOM   309 O  "O5'" . C   A 1 15 ? -13.029 1.805   -15.426 1.00 37.39 ? 25  C   A "O5'" 1 
ATOM   310 C  "C5'" . C   A 1 15 ? -13.009 0.571   -16.136 1.00 36.99 ? 25  C   A "C5'" 1 
ATOM   311 C  "C4'" . C   A 1 15 ? -13.302 -0.535  -15.170 1.00 37.17 ? 25  C   A "C4'" 1 
ATOM   312 O  "O4'" . C   A 1 15 ? -12.392 -0.431  -14.058 1.00 38.06 ? 25  C   A "O4'" 1 
ATOM   313 C  "C3'" . C   A 1 15 ? -14.652 -0.376  -14.506 1.00 37.27 ? 25  C   A "C3'" 1 
ATOM   314 O  "O3'" . C   A 1 15 ? -15.649 -0.873  -15.356 1.00 36.94 ? 25  C   A "O3'" 1 
ATOM   315 C  "C2'" . C   A 1 15 ? -14.474 -1.232  -13.262 1.00 37.64 ? 25  C   A "C2'" 1 
ATOM   316 O  "O2'" . C   A 1 15 ? -14.523 -2.628  -13.506 1.00 38.06 ? 25  C   A "O2'" 1 
ATOM   317 C  "C1'" . C   A 1 15 ? -13.069 -0.807  -12.864 1.00 37.32 ? 25  C   A "C1'" 1 
ATOM   318 N  N1    . C   A 1 15 ? -13.022 0.305   -11.856 1.00 36.16 ? 25  C   A N1    1 
ATOM   319 C  C2    . C   A 1 15 ? -13.373 0.036   -10.530 1.00 35.66 ? 25  C   A C2    1 
ATOM   320 O  O2    . C   A 1 15 ? -13.735 -1.109  -10.237 1.00 35.38 ? 25  C   A O2    1 
ATOM   321 N  N3    . C   A 1 15 ? -13.307 1.041   -9.616  1.00 35.68 ? 25  C   A N3    1 
ATOM   322 C  C4    . C   A 1 15 ? -12.918 2.268   -9.987  1.00 35.49 ? 25  C   A C4    1 
ATOM   323 N  N4    . C   A 1 15 ? -12.874 3.230   -9.064  1.00 35.08 ? 25  C   A N4    1 
ATOM   324 C  C5    . C   A 1 15 ? -12.556 2.566   -11.330 1.00 35.76 ? 25  C   A C5    1 
ATOM   325 C  C6    . C   A 1 15 ? -12.619 1.563   -12.217 1.00 36.34 ? 25  C   A C6    1 
ATOM   326 P  P     . C   A 1 16 ? -17.043 -0.118  -15.508 1.00 35.73 ? 26  C   A P     1 
ATOM   327 O  OP1   . C   A 1 16 ? -17.694 -0.885  -16.588 1.00 36.43 ? 26  C   A OP1   1 
ATOM   328 O  OP2   . C   A 1 16 ? -16.877 1.346   -15.617 1.00 33.76 ? 26  C   A OP2   1 
ATOM   329 O  "O5'" . C   A 1 16 ? -17.738 -0.461  -14.114 1.00 37.92 ? 26  C   A "O5'" 1 
ATOM   330 C  "C5'" . C   A 1 16 ? -18.089 -1.832  -13.852 1.00 40.39 ? 26  C   A "C5'" 1 
ATOM   331 C  "C4'" . C   A 1 16 ? -18.314 -2.091  -12.374 1.00 41.63 ? 26  C   A "C4'" 1 
ATOM   332 O  "O4'" . C   A 1 16 ? -17.152 -1.658  -11.620 1.00 42.52 ? 26  C   A "O4'" 1 
ATOM   333 C  "C3'" . C   A 1 16 ? -19.454 -1.316  -11.724 1.00 42.63 ? 26  C   A "C3'" 1 
ATOM   334 O  "O3'" . C   A 1 16 ? -20.726 -1.888  -12.011 1.00 40.13 ? 26  C   A "O3'" 1 
ATOM   335 C  "C2'" . C   A 1 16 ? -19.044 -1.441  -10.250 1.00 43.95 ? 26  C   A "C2'" 1 
ATOM   336 O  "O2'" . C   A 1 16 ? -19.177 -2.740  -9.701  1.00 47.24 ? 26  C   A "O2'" 1 
ATOM   337 C  "C1'" . C   A 1 16 ? -17.547 -1.214  -10.330 1.00 42.88 ? 26  C   A "C1'" 1 
ATOM   338 N  N1    . C   A 1 16 ? -17.135 0.190   -10.053 1.00 41.82 ? 26  C   A N1    1 
ATOM   339 C  C2    . C   A 1 16 ? -17.213 0.671   -8.743  1.00 41.47 ? 26  C   A C2    1 
ATOM   340 O  O2    . C   A 1 16 ? -17.636 -0.086  -7.863  1.00 41.09 ? 26  C   A O2    1 
ATOM   341 N  N3    . C   A 1 16 ? -16.820 1.954   -8.489  1.00 41.30 ? 26  C   A N3    1 
ATOM   342 C  C4    . C   A 1 16 ? -16.372 2.727   -9.490  1.00 41.19 ? 26  C   A C4    1 
ATOM   343 N  N4    . C   A 1 16 ? -15.994 3.977   -9.229  1.00 41.05 ? 26  C   A N4    1 
ATOM   344 C  C5    . C   A 1 16 ? -16.286 2.252   -10.827 1.00 41.68 ? 26  C   A C5    1 
ATOM   345 C  C6    . C   A 1 16 ? -16.676 0.992   -11.059 1.00 42.09 ? 26  C   A C6    1 
ATOM   346 O  "O5'" . G   B 2 1  ? -13.100 -0.089  0.558   1.00 55.61 ? 102 G   B "O5'" 1 
ATOM   347 C  "C5'" . G   B 2 1  ? -13.867 -1.211  1.010   1.00 54.37 ? 102 G   B "C5'" 1 
ATOM   348 C  "C4'" . G   B 2 1  ? -14.470 -2.037  -0.124  1.00 53.62 ? 102 G   B "C4'" 1 
ATOM   349 O  "O4'" . G   B 2 1  ? -15.410 -1.274  -0.927  1.00 52.33 ? 102 G   B "O4'" 1 
ATOM   350 C  "C3'" . G   B 2 1  ? -13.491 -2.623  -1.129  1.00 53.14 ? 102 G   B "C3'" 1 
ATOM   351 O  "O3'" . G   B 2 1  ? -12.971 -3.815  -0.608  1.00 54.52 ? 102 G   B "O3'" 1 
ATOM   352 C  "C2'" . G   B 2 1  ? -14.438 -2.920  -2.282  1.00 52.10 ? 102 G   B "C2'" 1 
ATOM   353 O  "O2'" . G   B 2 1  ? -15.262 -4.041  -2.023  1.00 51.01 ? 102 G   B "O2'" 1 
ATOM   354 C  "C1'" . G   B 2 1  ? -15.256 -1.637  -2.287  1.00 51.22 ? 102 G   B "C1'" 1 
ATOM   355 N  N9    . G   B 2 1  ? -14.664 -0.517  -3.039  1.00 49.29 ? 102 G   B N9    1 
ATOM   356 C  C8    . G   B 2 1  ? -14.208 0.678   -2.539  1.00 48.21 ? 102 G   B C8    1 
ATOM   357 N  N7    . G   B 2 1  ? -13.752 1.497   -3.445  1.00 47.54 ? 102 G   B N7    1 
ATOM   358 C  C5    . G   B 2 1  ? -13.917 0.803   -4.633  1.00 46.93 ? 102 G   B C5    1 
ATOM   359 C  C6    . G   B 2 1  ? -13.602 1.178   -5.960  1.00 45.95 ? 102 G   B C6    1 
ATOM   360 O  O6    . G   B 2 1  ? -13.101 2.230   -6.358  1.00 45.72 ? 102 G   B O6    1 
ATOM   361 N  N1    . G   B 2 1  ? -13.912 0.185   -6.880  1.00 45.77 ? 102 G   B N1    1 
ATOM   362 C  C2    . G   B 2 1  ? -14.472 -1.024  -6.551  1.00 46.19 ? 102 G   B C2    1 
ATOM   363 N  N2    . G   B 2 1  ? -14.718 -1.854  -7.569  1.00 46.55 ? 102 G   B N2    1 
ATOM   364 N  N3    . G   B 2 1  ? -14.783 -1.393  -5.315  1.00 46.71 ? 102 G   B N3    1 
ATOM   365 C  C4    . G   B 2 1  ? -14.477 -0.435  -4.404  1.00 47.69 ? 102 G   B C4    1 
ATOM   366 P  P     . C   B 2 2  ? -11.562 -4.395  -1.086  1.00 55.35 ? 103 C   B P     1 
ATOM   367 O  OP1   . C   B 2 2  ? -11.485 -5.757  -0.514  1.00 56.52 ? 103 C   B OP1   1 
ATOM   368 O  OP2   . C   B 2 2  ? -10.528 -3.389  -0.762  1.00 53.71 ? 103 C   B OP2   1 
ATOM   369 O  "O5'" . C   B 2 2  ? -11.724 -4.580  -2.670  1.00 54.25 ? 103 C   B "O5'" 1 
ATOM   370 C  "C5'" . C   B 2 2  ? -12.379 -5.758  -3.149  1.00 53.40 ? 103 C   B "C5'" 1 
ATOM   371 C  "C4'" . C   B 2 2  ? -12.344 -5.846  -4.664  1.00 52.78 ? 103 C   B "C4'" 1 
ATOM   372 O  "O4'" . C   B 2 2  ? -13.017 -4.698  -5.236  1.00 51.76 ? 103 C   B "O4'" 1 
ATOM   373 C  "C3'" . C   B 2 2  ? -10.967 -5.792  -5.305  1.00 52.59 ? 103 C   B "C3'" 1 
ATOM   374 O  "O3'" . C   B 2 2  ? -10.404 -7.077  -5.319  1.00 53.85 ? 103 C   B "O3'" 1 
ATOM   375 C  "C2'" . C   B 2 2  ? -11.335 -5.357  -6.717  1.00 51.03 ? 103 C   B "C2'" 1 
ATOM   376 O  "O2'" . C   B 2 2  ? -11.986 -6.375  -7.447  1.00 50.79 ? 103 C   B "O2'" 1 
ATOM   377 C  "C1'" . C   B 2 2  ? -12.343 -4.267  -6.405  1.00 49.09 ? 103 C   B "C1'" 1 
ATOM   378 N  N1    . C   B 2 2  ? -11.745 -2.896  -6.233  1.00 45.45 ? 103 C   B N1    1 
ATOM   379 C  C2    . C   B 2 2  ? -11.360 -2.199  -7.383  1.00 44.11 ? 103 C   B C2    1 
ATOM   380 O  O2    . C   B 2 2  ? -11.512 -2.742  -8.478  1.00 44.09 ? 103 C   B O2    1 
ATOM   381 N  N3    . C   B 2 2  ? -10.826 -0.959  -7.282  1.00 42.79 ? 103 C   B N3    1 
ATOM   382 C  C4    . C   B 2 2  ? -10.673 -0.407  -6.081  1.00 42.32 ? 103 C   B C4    1 
ATOM   383 N  N4    . C   B 2 2  ? -10.145 0.813   -6.037  1.00 40.49 ? 103 C   B N4    1 
ATOM   384 C  C5    . C   B 2 2  ? -11.060 -1.090  -4.885  1.00 43.44 ? 103 C   B C5    1 
ATOM   385 C  C6    . C   B 2 2  ? -11.587 -2.322  -5.006  1.00 44.10 ? 103 C   B C6    1 
ATOM   386 P  P     . C   B 2 3  ? -8.816  -7.269  -5.390  1.00 55.74 ? 104 C   B P     1 
ATOM   387 O  OP1   . C   B 2 3  ? -8.667  -8.746  -5.420  1.00 56.47 ? 104 C   B OP1   1 
ATOM   388 O  OP2   . C   B 2 3  ? -8.156  -6.443  -4.348  1.00 54.22 ? 104 C   B OP2   1 
ATOM   389 O  "O5'" . C   B 2 3  ? -8.345  -6.689  -6.804  1.00 53.09 ? 104 C   B "O5'" 1 
ATOM   390 C  "C5'" . C   B 2 3  ? -8.430  -7.554  -7.913  1.00 49.78 ? 104 C   B "C5'" 1 
ATOM   391 C  "C4'" . C   B 2 3  ? -8.203  -6.776  -9.176  1.00 47.54 ? 104 C   B "C4'" 1 
ATOM   392 O  "O4'" . C   B 2 3  ? -8.877  -5.504  -9.086  1.00 45.35 ? 104 C   B "O4'" 1 
ATOM   393 C  "C3'" . C   B 2 3  ? -6.765  -6.357  -9.369  1.00 47.32 ? 104 C   B "C3'" 1 
ATOM   394 O  "O3'" . C   B 2 3  ? -5.957  -7.467  -9.775  1.00 48.89 ? 104 C   B "O3'" 1 
ATOM   395 C  "C2'" . C   B 2 3  ? -6.941  -5.270  -10.425 1.00 45.35 ? 104 C   B "C2'" 1 
ATOM   396 O  "O2'" . C   B 2 3  ? -7.226  -5.744  -11.728 1.00 44.35 ? 104 C   B "O2'" 1 
ATOM   397 C  "C1'" . C   B 2 3  ? -8.162  -4.562  -9.859  1.00 43.53 ? 104 C   B "C1'" 1 
ATOM   398 N  N1    . C   B 2 3  ? -7.843  -3.385  -9.010  1.00 40.77 ? 104 C   B N1    1 
ATOM   399 C  C2    . C   B 2 3  ? -7.329  -2.220  -9.612  1.00 40.14 ? 104 C   B C2    1 
ATOM   400 O  O2    . C   B 2 3  ? -7.147  -2.202  -10.833 1.00 40.28 ? 104 C   B O2    1 
ATOM   401 N  N3    . C   B 2 3  ? -7.052  -1.129  -8.847  1.00 39.07 ? 104 C   B N3    1 
ATOM   402 C  C4    . C   B 2 3  ? -7.269  -1.190  -7.533  1.00 39.00 ? 104 C   B C4    1 
ATOM   403 N  N4    . C   B 2 3  ? -6.985  -0.104  -6.819  1.00 38.38 ? 104 C   B N4    1 
ATOM   404 C  C5    . C   B 2 3  ? -7.788  -2.366  -6.896  1.00 39.30 ? 104 C   B C5    1 
ATOM   405 C  C6    . C   B 2 3  ? -8.064  -3.432  -7.662  1.00 39.44 ? 104 C   B C6    1 
ATOM   406 P  P     . G   B 2 4  ? -4.579  -7.720  -9.005  1.00 49.20 ? 105 G   B P     1 
ATOM   407 O  OP1   . G   B 2 4  ? -3.994  -8.946  -9.557  1.00 50.07 ? 105 G   B OP1   1 
ATOM   408 O  OP2   . G   B 2 4  ? -4.808  -7.625  -7.544  1.00 49.65 ? 105 G   B OP2   1 
ATOM   409 O  "O5'" . G   B 2 4  ? -3.696  -6.480  -9.489  1.00 48.49 ? 105 G   B "O5'" 1 
ATOM   410 C  "C5'" . G   B 2 4  ? -3.451  -6.307  -10.888 1.00 47.27 ? 105 G   B "C5'" 1 
ATOM   411 C  "C4'" . G   B 2 4  ? -3.139  -4.855  -11.187 1.00 46.73 ? 105 G   B "C4'" 1 
ATOM   412 O  "O4'" . G   B 2 4  ? -4.163  -4.016  -10.609 1.00 45.61 ? 105 G   B "O4'" 1 
ATOM   413 C  "C3'" . G   B 2 4  ? -1.866  -4.339  -10.531 1.00 47.16 ? 105 G   B "C3'" 1 
ATOM   414 O  "O3'" . G   B 2 4  ? -0.816  -4.618  -11.383 1.00 48.70 ? 105 G   B "O3'" 1 
ATOM   415 C  "C2'" . G   B 2 4  ? -2.106  -2.837  -10.480 1.00 45.76 ? 105 G   B "C2'" 1 
ATOM   416 O  "O2'" . G   B 2 4  ? -1.926  -2.194  -11.734 1.00 45.21 ? 105 G   B "O2'" 1 
ATOM   417 C  "C1'" . G   B 2 4  ? -3.570  -2.834  -10.081 1.00 43.99 ? 105 G   B "C1'" 1 
ATOM   418 N  N9    . G   B 2 4  ? -3.831  -2.734  -8.639  1.00 41.09 ? 105 G   B N9    1 
ATOM   419 C  C8    . G   B 2 4  ? -4.201  -3.719  -7.740  1.00 39.77 ? 105 G   B C8    1 
ATOM   420 N  N7    . G   B 2 4  ? -4.386  -3.265  -6.521  1.00 38.59 ? 105 G   B N7    1 
ATOM   421 C  C5    . G   B 2 4  ? -4.123  -1.903  -6.628  1.00 38.18 ? 105 G   B C5    1 
ATOM   422 C  C6    . G   B 2 4  ? -4.153  -0.886  -5.648  1.00 37.77 ? 105 G   B C6    1 
ATOM   423 O  O6    . G   B 2 4  ? -4.431  -1.022  -4.451  1.00 39.49 ? 105 G   B O6    1 
ATOM   424 N  N1    . G   B 2 4  ? -3.826  0.369   -6.173  1.00 35.92 ? 105 G   B N1    1 
ATOM   425 C  C2    . G   B 2 4  ? -3.495  0.593   -7.494  1.00 35.89 ? 105 G   B C2    1 
ATOM   426 N  N2    . G   B 2 4  ? -3.196  1.843   -7.861  1.00 35.32 ? 105 G   B N2    1 
ATOM   427 N  N3    . G   B 2 4  ? -3.459  -0.349  -8.421  1.00 36.95 ? 105 G   B N3    1 
ATOM   428 C  C4    . G   B 2 4  ? -3.784  -1.564  -7.918  1.00 38.74 ? 105 G   B C4    1 
ATOM   429 P  P     . A   B 2 5  ? 0.691   -4.635  -10.879 1.00 48.89 ? 106 A   B P     1 
ATOM   430 O  OP1   . A   B 2 5  ? 0.866   -5.814  -9.995  1.00 47.91 ? 106 A   B OP1   1 
ATOM   431 O  OP2   . A   B 2 5  ? 1.086   -3.289  -10.434 1.00 48.85 ? 106 A   B OP2   1 
ATOM   432 O  "O5'" . A   B 2 5  ? 1.297   -4.869  -12.333 1.00 49.68 ? 106 A   B "O5'" 1 
ATOM   433 C  "C5'" . A   B 2 5  ? 2.461   -4.243  -12.777 1.00 50.75 ? 106 A   B "C5'" 1 
ATOM   434 C  "C4'" . A   B 2 5  ? 2.327   -2.852  -13.381 1.00 51.05 ? 106 A   B "C4'" 1 
ATOM   435 O  "O4'" . A   B 2 5  ? 1.154   -2.083  -13.007 1.00 50.01 ? 106 A   B "O4'" 1 
ATOM   436 C  "C3'" . A   B 2 5  ? 3.452   -1.977  -12.865 1.00 52.60 ? 106 A   B "C3'" 1 
ATOM   437 O  "O3'" . A   B 2 5  ? 4.711   -2.447  -13.338 1.00 53.93 ? 106 A   B "O3'" 1 
ATOM   438 C  "C2'" . A   B 2 5  ? 3.010   -0.601  -13.340 1.00 52.18 ? 106 A   B "C2'" 1 
ATOM   439 O  "O2'" . A   B 2 5  ? 3.206   -0.394  -14.722 1.00 53.07 ? 106 A   B "O2'" 1 
ATOM   440 C  "C1'" . A   B 2 5  ? 1.525   -0.692  -12.950 1.00 51.38 ? 106 A   B "C1'" 1 
ATOM   441 N  N9    . A   B 2 5  ? 1.342   -0.161  -11.585 1.00 50.10 ? 106 A   B N9    1 
ATOM   442 C  C8    . A   B 2 5  ? 0.747   -0.805  -10.529 1.00 49.33 ? 106 A   B C8    1 
ATOM   443 N  N7    . A   B 2 5  ? 0.729   -0.147  -9.399  1.00 47.82 ? 106 A   B N7    1 
ATOM   444 C  C5    . A   B 2 5  ? 1.363   1.030   -9.727  1.00 48.08 ? 106 A   B C5    1 
ATOM   445 C  C6    . A   B 2 5  ? 1.659   2.161   -8.945  1.00 47.79 ? 106 A   B C6    1 
ATOM   446 N  N6    . A   B 2 5  ? 1.313   2.231   -7.654  1.00 47.26 ? 106 A   B N6    1 
ATOM   447 N  N1    . A   B 2 5  ? 2.302   3.194   -9.547  1.00 47.77 ? 106 A   B N1    1 
ATOM   448 C  C2    . A   B 2 5  ? 2.630   3.086   -10.848 1.00 48.62 ? 106 A   B C2    1 
ATOM   449 N  N3    . A   B 2 5  ? 2.402   2.058   -11.684 1.00 49.25 ? 106 A   B N3    1 
ATOM   450 C  C4    . A   B 2 5  ? 1.754   1.050   -11.060 1.00 48.80 ? 106 A   B C4    1 
ATOM   451 P  P     . A   B 2 6  ? 5.658   -3.183  -12.264 1.00 55.55 ? 107 A   B P     1 
ATOM   452 O  OP1   . A   B 2 6  ? 6.754   -3.816  -13.025 1.00 55.94 ? 107 A   B OP1   1 
ATOM   453 O  OP2   . A   B 2 6  ? 4.902   -4.040  -11.310 1.00 54.35 ? 107 A   B OP2   1 
ATOM   454 O  "O5'" . A   B 2 6  ? 6.230   -1.911  -11.464 1.00 55.14 ? 107 A   B "O5'" 1 
ATOM   455 C  "C5'" . A   B 2 6  ? 6.738   -0.792  -12.206 1.00 54.72 ? 107 A   B "C5'" 1 
ATOM   456 C  "C4'" . A   B 2 6  ? 7.023   0.417   -11.323 1.00 54.76 ? 107 A   B "C4'" 1 
ATOM   457 O  "O4'" . A   B 2 6  ? 5.784   1.131   -11.020 1.00 54.37 ? 107 A   B "O4'" 1 
ATOM   458 C  "C3'" . A   B 2 6  ? 7.673   0.151   -9.960  1.00 54.17 ? 107 A   B "C3'" 1 
ATOM   459 O  "O3'" . A   B 2 6  ? 9.094   0.014   -10.055 1.00 53.60 ? 107 A   B "O3'" 1 
ATOM   460 C  "C2'" . A   B 2 6  ? 7.273   1.433   -9.236  1.00 54.19 ? 107 A   B "C2'" 1 
ATOM   461 O  "O2'" . A   B 2 6  ? 8.075   2.532   -9.627  1.00 54.19 ? 107 A   B "O2'" 1 
ATOM   462 C  "C1'" . A   B 2 6  ? 5.806   1.584   -9.673  1.00 52.93 ? 107 A   B "C1'" 1 
ATOM   463 N  N9    . A   B 2 6  ? 4.935   0.749   -8.830  1.00 50.64 ? 107 A   B N9    1 
ATOM   464 C  C8    . A   B 2 6  ? 4.349   -0.441  -9.155  1.00 49.78 ? 107 A   B C8    1 
ATOM   465 N  N7    . A   B 2 6  ? 3.647   -0.976  -8.188  1.00 48.91 ? 107 A   B N7    1 
ATOM   466 C  C5    . A   B 2 6  ? 3.788   -0.096  -7.145  1.00 47.68 ? 107 A   B C5    1 
ATOM   467 C  C6    . A   B 2 6  ? 3.290   -0.100  -5.828  1.00 47.41 ? 107 A   B C6    1 
ATOM   468 N  N6    . A   B 2 6  ? 2.510   -1.065  -5.346  1.00 46.79 ? 107 A   B N6    1 
ATOM   469 N  N1    . A   B 2 6  ? 3.614   0.932   -5.015  1.00 47.37 ? 107 A   B N1    1 
ATOM   470 C  C2    . A   B 2 6  ? 4.392   1.905   -5.514  1.00 47.74 ? 107 A   B C2    1 
ATOM   471 N  N3    . A   B 2 6  ? 4.922   2.017   -6.736  1.00 48.52 ? 107 A   B N3    1 
ATOM   472 C  C4    . A   B 2 6  ? 4.577   0.973   -7.517  1.00 49.18 ? 107 A   B C4    1 
ATOM   473 P  P     . A   B 2 7  ? 9.861   -1.149  -9.248  1.00 53.17 ? 108 A   B P     1 
ATOM   474 O  OP1   . A   B 2 7  ? 11.201  -1.319  -9.852  1.00 53.46 ? 108 A   B OP1   1 
ATOM   475 O  OP2   . A   B 2 7  ? 9.003   -2.343  -9.096  1.00 52.42 ? 108 A   B OP2   1 
ATOM   476 O  "O5'" . A   B 2 7  ? 10.009  -0.484  -7.795  1.00 52.35 ? 108 A   B "O5'" 1 
ATOM   477 C  "C5'" . A   B 2 7  ? 10.641  0.794   -7.583  1.00 48.60 ? 108 A   B "C5'" 1 
ATOM   478 C  "C4'" . A   B 2 7  ? 10.102  1.450   -6.317  1.00 46.37 ? 108 A   B "C4'" 1 
ATOM   479 O  "O4'" . A   B 2 7  ? 8.641   1.439   -6.309  1.00 45.80 ? 108 A   B "O4'" 1 
ATOM   480 C  "C3'" . A   B 2 7  ? 10.432  0.774   -4.992  1.00 44.43 ? 108 A   B "C3'" 1 
ATOM   481 O  "O3'" . A   B 2 7  ? 11.775  1.001   -4.616  1.00 42.96 ? 108 A   B "O3'" 1 
ATOM   482 C  "C2'" . A   B 2 7  ? 9.426   1.494   -4.098  1.00 44.33 ? 108 A   B "C2'" 1 
ATOM   483 O  "O2'" . A   B 2 7  ? 9.728   2.862   -3.903  1.00 45.04 ? 108 A   B "O2'" 1 
ATOM   484 C  "C1'" . A   B 2 7  ? 8.165   1.411   -4.963  1.00 43.55 ? 108 A   B "C1'" 1 
ATOM   485 N  N9    . A   B 2 7  ? 7.329   0.217   -4.736  1.00 40.56 ? 108 A   B N9    1 
ATOM   486 C  C8    . A   B 2 7  ? 6.981   -0.721  -5.668  1.00 38.05 ? 108 A   B C8    1 
ATOM   487 N  N7    . A   B 2 7  ? 6.224   -1.673  -5.176  1.00 37.58 ? 108 A   B N7    1 
ATOM   488 C  C5    . A   B 2 7  ? 6.061   -1.364  -3.839  1.00 37.27 ? 108 A   B C5    1 
ATOM   489 C  C6    . A   B 2 7  ? 5.369   -1.988  -2.765  1.00 36.99 ? 108 A   B C6    1 
ATOM   490 N  N6    . A   B 2 7  ? 4.672   -3.117  -2.911  1.00 36.63 ? 108 A   B N6    1 
ATOM   491 N  N1    . A   B 2 7  ? 5.407   -1.425  -1.526  1.00 36.14 ? 108 A   B N1    1 
ATOM   492 C  C2    . A   B 2 7  ? 6.094   -0.295  -1.404  1.00 35.64 ? 108 A   B C2    1 
ATOM   493 N  N3    . A   B 2 7  ? 6.777   0.379   -2.336  1.00 37.02 ? 108 A   B N3    1 
ATOM   494 C  C4    . A   B 2 7  ? 6.730   -0.196  -3.550  1.00 38.46 ? 108 A   B C4    1 
ATOM   495 P  P     . C   B 2 8  ? 12.723  -0.208  -4.123  1.00 43.40 ? 109 C   B P     1 
ATOM   496 O  OP1   . C   B 2 8  ? 14.120  0.268   -4.113  1.00 42.39 ? 109 C   B OP1   1 
ATOM   497 O  OP2   . C   B 2 8  ? 12.434  -1.488  -4.831  1.00 40.96 ? 109 C   B OP2   1 
ATOM   498 O  "O5'" . C   B 2 8  ? 12.342  -0.454  -2.594  1.00 40.41 ? 109 C   B "O5'" 1 
ATOM   499 C  "C5'" . C   B 2 8  ? 12.283  0.582   -1.684  1.00 37.10 ? 109 C   B "C5'" 1 
ATOM   500 C  "C4'" . C   B 2 8  ? 11.346  0.144   -0.593  1.00 35.62 ? 109 C   B "C4'" 1 
ATOM   501 O  "O4'" . C   B 2 8  ? 10.049  -0.085  -1.173  1.00 34.25 ? 109 C   B "O4'" 1 
ATOM   502 C  "C3'" . C   B 2 8  ? 11.673  -1.213  -0.016  1.00 34.98 ? 109 C   B "C3'" 1 
ATOM   503 O  "O3'" . C   B 2 8  ? 12.651  -1.106  0.929   1.00 35.84 ? 109 C   B "O3'" 1 
ATOM   504 C  "C2'" . C   B 2 8  ? 10.372  -1.568  0.670   1.00 35.37 ? 109 C   B "C2'" 1 
ATOM   505 O  "O2'" . C   B 2 8  ? 10.227  -0.963  1.942   1.00 35.76 ? 109 C   B "O2'" 1 
ATOM   506 C  "C1'" . C   B 2 8  ? 9.385   -1.044  -0.372  1.00 34.81 ? 109 C   B "C1'" 1 
ATOM   507 N  N1    . C   B 2 8  ? 8.871   -2.110  -1.282  1.00 35.20 ? 109 C   B N1    1 
ATOM   508 C  C2    . C   B 2 8  ? 8.067   -3.131  -0.765  1.00 35.23 ? 109 C   B C2    1 
ATOM   509 O  O2    . C   B 2 8  ? 7.802   -3.146  0.446   1.00 35.99 ? 109 C   B O2    1 
ATOM   510 N  N3    . C   B 2 8  ? 7.601   -4.085  -1.612  1.00 35.33 ? 109 C   B N3    1 
ATOM   511 C  C4    . C   B 2 8  ? 7.907   -4.034  -2.910  1.00 36.07 ? 109 C   B C4    1 
ATOM   512 N  N4    . C   B 2 8  ? 7.423   -4.999  -3.704  1.00 36.48 ? 109 C   B N4    1 
ATOM   513 C  C5    . C   B 2 8  ? 8.726   -2.998  -3.456  1.00 35.34 ? 109 C   B C5    1 
ATOM   514 C  C6    . C   B 2 8  ? 9.185   -2.072  -2.613  1.00 35.20 ? 109 C   B C6    1 
ATOM   515 P  P     . U   B 2 9  ? 13.786  -2.207  1.007   1.00 36.26 ? 110 U   B P     1 
ATOM   516 O  OP1   . U   B 2 9  ? 14.973  -1.695  1.728   1.00 38.51 ? 110 U   B OP1   1 
ATOM   517 O  OP2   . U   B 2 9  ? 13.980  -2.653  -0.379  1.00 38.53 ? 110 U   B OP2   1 
ATOM   518 O  "O5'" . U   B 2 9  ? 13.050  -3.293  1.935   1.00 37.05 ? 110 U   B "O5'" 1 
ATOM   519 C  "C5'" . U   B 2 9  ? 12.904  -3.080  3.340   1.00 35.98 ? 110 U   B "C5'" 1 
ATOM   520 C  "C4'" . U   B 2 9  ? 11.995  -4.111  3.954   1.00 37.06 ? 110 U   B "C4'" 1 
ATOM   521 O  "O4'" . U   B 2 9  ? 10.838  -4.149  3.106   1.00 38.87 ? 110 U   B "O4'" 1 
ATOM   522 C  "C3'" . U   B 2 9  ? 12.469  -5.527  3.762   1.00 39.01 ? 110 U   B "C3'" 1 
ATOM   523 O  "O3'" . U   B 2 9  ? 13.381  -5.919  4.748   1.00 40.76 ? 110 U   B "O3'" 1 
ATOM   524 C  "C2'" . U   B 2 9  ? 11.202  -6.379  3.757   1.00 38.49 ? 110 U   B "C2'" 1 
ATOM   525 O  "O2'" . U   B 2 9  ? 10.604  -6.565  5.019   1.00 42.08 ? 110 U   B "O2'" 1 
ATOM   526 C  "C1'" . U   B 2 9  ? 10.289  -5.466  2.994   1.00 35.66 ? 110 U   B "C1'" 1 
ATOM   527 N  N1    . U   B 2 9  ? 10.097  -5.832  1.584   1.00 31.29 ? 110 U   B N1    1 
ATOM   528 C  C2    . U   B 2 9  ? 9.252   -6.902  1.235   1.00 28.98 ? 110 U   B C2    1 
ATOM   529 O  O2    . U   B 2 9  ? 8.672   -7.574  2.068   1.00 26.85 ? 110 U   B O2    1 
ATOM   530 N  N3    . U   B 2 9  ? 9.110   -7.135  -0.125  1.00 26.06 ? 110 U   B N3    1 
ATOM   531 C  C4    . U   B 2 9  ? 9.757   -6.402  -1.125  1.00 28.15 ? 110 U   B C4    1 
ATOM   532 O  O4    . U   B 2 9  ? 9.589   -6.652  -2.308  1.00 26.48 ? 110 U   B O4    1 
ATOM   533 C  C5    . U   B 2 9  ? 10.609  -5.303  -0.678  1.00 30.45 ? 110 U   B C5    1 
ATOM   534 C  C6    . U   B 2 9  ? 10.748  -5.057  0.634   1.00 30.11 ? 110 U   B C6    1 
ATOM   535 P  P     . C   B 2 10 ? 14.588  -6.791  4.169   1.00 41.30 ? 111 C   B P     1 
ATOM   536 O  OP1   . C   B 2 10 ? 15.692  -6.706  5.158   1.00 38.97 ? 111 C   B OP1   1 
ATOM   537 O  OP2   . C   B 2 10 ? 14.780  -6.391  2.743   1.00 40.24 ? 111 C   B OP2   1 
ATOM   538 O  "O5'" . C   B 2 10 ? 13.961  -8.264  4.115   1.00 39.65 ? 111 C   B "O5'" 1 
ATOM   539 C  "C5'" . C   B 2 10 ? 13.587  -8.922  5.304   1.00 40.26 ? 111 C   B "C5'" 1 
ATOM   540 C  "C4'" . C   B 2 10 ? 12.670  -10.078 4.965   1.00 41.42 ? 111 C   B "C4'" 1 
ATOM   541 O  "O4'" . C   B 2 10 ? 11.579  -9.615  4.125   1.00 41.28 ? 111 C   B "O4'" 1 
ATOM   542 C  "C3'" . C   B 2 10 ? 13.237  -11.207 4.110   1.00 41.63 ? 111 C   B "C3'" 1 
ATOM   543 O  "O3'" . C   B 2 10 ? 14.076  -12.062 4.856   1.00 42.44 ? 111 C   B "O3'" 1 
ATOM   544 C  "C2'" . C   B 2 10 ? 11.936  -11.891 3.773   1.00 40.39 ? 111 C   B "C2'" 1 
ATOM   545 O  "O2'" . C   B 2 10 ? 11.400  -12.348 4.994   1.00 41.30 ? 111 C   B "O2'" 1 
ATOM   546 C  "C1'" . C   B 2 10 ? 11.131  -10.683 3.315   1.00 38.92 ? 111 C   B "C1'" 1 
ATOM   547 N  N1    . C   B 2 10 ? 11.215  -10.314 1.862   1.00 36.91 ? 111 C   B N1    1 
ATOM   548 C  C2    . C   B 2 10 ? 10.521  -11.135 0.973   1.00 39.15 ? 111 C   B C2    1 
ATOM   549 O  O2    . C   B 2 10 ? 9.904   -12.121 1.410   1.00 40.64 ? 111 C   B O2    1 
ATOM   550 N  N3    . C   B 2 10 ? 10.544  -10.840 -0.357  1.00 38.95 ? 111 C   B N3    1 
ATOM   551 C  C4    . C   B 2 10 ? 11.224  -9.769  -0.803  1.00 38.52 ? 111 C   B C4    1 
ATOM   552 N  N4    . C   B 2 10 ? 11.189  -9.575  -2.131  1.00 38.41 ? 111 C   B N4    1 
ATOM   553 C  C5    . C   B 2 10 ? 11.944  -8.894  0.083   1.00 34.90 ? 111 C   B C5    1 
ATOM   554 C  C6    . C   B 2 10 ? 11.900  -9.218  1.389   1.00 35.48 ? 111 C   B C6    1 
ATOM   555 P  P     . G   B 2 11 ? 15.574  -12.282 4.338   1.00 42.64 ? 112 G   B P     1 
ATOM   556 O  OP1   . G   B 2 11 ? 16.304  -12.999 5.402   1.00 42.23 ? 112 G   B OP1   1 
ATOM   557 O  OP2   . G   B 2 11 ? 16.069  -10.997 3.793   1.00 41.59 ? 112 G   B OP2   1 
ATOM   558 O  "O5'" . G   B 2 11 ? 15.318  -13.293 3.143   1.00 41.59 ? 112 G   B "O5'" 1 
ATOM   559 C  "C5'" . G   B 2 11 ? 14.813  -14.558 3.487   1.00 40.64 ? 112 G   B "C5'" 1 
ATOM   560 C  "C4'" . G   B 2 11 ? 14.251  -15.198 2.242   1.00 41.10 ? 112 G   B "C4'" 1 
ATOM   561 O  "O4'" . G   B 2 11 ? 13.142  -14.461 1.656   1.00 41.16 ? 112 G   B "O4'" 1 
ATOM   562 C  "C3'" . G   B 2 11 ? 15.218  -15.311 1.087   1.00 40.76 ? 112 G   B "C3'" 1 
ATOM   563 O  "O3'" . G   B 2 11 ? 16.156  -16.272 1.463   1.00 42.78 ? 112 G   B "O3'" 1 
ATOM   564 C  "C2'" . G   B 2 11 ? 14.206  -15.844 0.084   1.00 40.22 ? 112 G   B "C2'" 1 
ATOM   565 O  "O2'" . G   B 2 11 ? 13.919  -17.231 0.296   1.00 39.65 ? 112 G   B "O2'" 1 
ATOM   566 C  "C1'" . G   B 2 11 ? 13.010  -14.887 0.312   1.00 39.37 ? 112 G   B "C1'" 1 
ATOM   567 N  N9    . G   B 2 11 ? 13.167  -13.760 -0.612  1.00 37.67 ? 112 G   B N9    1 
ATOM   568 C  C8    . G   B 2 11 ? 13.746  -12.532 -0.356  1.00 36.86 ? 112 G   B C8    1 
ATOM   569 N  N7    . G   B 2 11 ? 13.793  -11.748 -1.398  1.00 35.94 ? 112 G   B N7    1 
ATOM   570 C  C5    . G   B 2 11 ? 13.212  -12.510 -2.410  1.00 36.19 ? 112 G   B C5    1 
ATOM   571 C  C6    . G   B 2 11 ? 12.987  -12.202 -3.771  1.00 36.27 ? 112 G   B C6    1 
ATOM   572 O  O6    . G   B 2 11 ? 13.274  -11.139 -4.334  1.00 37.61 ? 112 G   B O6    1 
ATOM   573 N  N1    . G   B 2 11 ? 12.368  -13.236 -4.483  1.00 35.33 ? 112 G   B N1    1 
ATOM   574 C  C2    . G   B 2 11 ? 12.002  -14.448 -3.925  1.00 36.78 ? 112 G   B C2    1 
ATOM   575 N  N2    . G   B 2 11 ? 11.410  -15.375 -4.720  1.00 35.20 ? 112 G   B N2    1 
ATOM   576 N  N3    . G   B 2 11 ? 12.212  -14.736 -2.641  1.00 37.15 ? 112 G   B N3    1 
ATOM   577 C  C4    . G   B 2 11 ? 12.827  -13.742 -1.948  1.00 36.41 ? 112 G   B C4    1 
ATOM   578 P  P     . U   B 2 12 ? 17.736  -16.157 1.270   1.00 44.49 ? 113 U   B P     1 
ATOM   579 O  OP1   . U   B 2 12 ? 18.176  -17.555 1.507   1.00 45.29 ? 113 U   B OP1   1 
ATOM   580 O  OP2   . U   B 2 12 ? 18.268  -15.027 2.074   1.00 43.36 ? 113 U   B OP2   1 
ATOM   581 O  "O5'" . U   B 2 12 ? 17.950  -15.846 -0.290  1.00 44.47 ? 113 U   B "O5'" 1 
ATOM   582 C  "C5'" . U   B 2 12 ? 19.110  -15.160 -0.779  1.00 43.09 ? 113 U   B "C5'" 1 
ATOM   583 C  "C4'" . U   B 2 12 ? 19.451  -15.652 -2.175  1.00 42.84 ? 113 U   B "C4'" 1 
ATOM   584 O  "O4'" . U   B 2 12 ? 19.936  -17.006 -2.070  1.00 43.38 ? 113 U   B "O4'" 1 
ATOM   585 C  "C3'" . U   B 2 12 ? 18.251  -15.748 -3.089  1.00 43.61 ? 113 U   B "C3'" 1 
ATOM   586 O  "O3'" . U   B 2 12 ? 18.105  -14.552 -3.846  1.00 44.78 ? 113 U   B "O3'" 1 
ATOM   587 C  "C2'" . U   B 2 12 ? 18.491  -16.977 -3.956  1.00 43.33 ? 113 U   B "C2'" 1 
ATOM   588 O  "O2'" . U   B 2 12 ? 19.096  -16.721 -5.209  1.00 45.26 ? 113 U   B "O2'" 1 
ATOM   589 C  "C1'" . U   B 2 12 ? 19.411  -17.822 -3.093  1.00 41.71 ? 113 U   B "C1'" 1 
ATOM   590 N  N1    . U   B 2 12 ? 18.682  -18.955 -2.505  1.00 38.98 ? 113 U   B N1    1 
ATOM   591 C  C2    . U   B 2 12 ? 18.342  -20.000 -3.358  1.00 38.73 ? 113 U   B C2    1 
ATOM   592 O  O2    . U   B 2 12 ? 18.648  -19.974 -4.541  1.00 39.94 ? 113 U   B O2    1 
ATOM   593 N  N3    . U   B 2 12 ? 17.639  -21.051 -2.790  1.00 35.44 ? 113 U   B N3    1 
ATOM   594 C  C4    . U   B 2 12 ? 17.285  -21.114 -1.453  1.00 34.28 ? 113 U   B C4    1 
ATOM   595 O  O4    . U   B 2 12 ? 16.683  -22.083 -1.047  1.00 31.74 ? 113 U   B O4    1 
ATOM   596 C  C5    . U   B 2 12 ? 17.671  -19.981 -0.626  1.00 36.12 ? 113 U   B C5    1 
ATOM   597 C  C6    . U   B 2 12 ? 18.336  -18.949 -1.166  1.00 36.94 ? 113 U   B C6    1 
ATOM   598 P  P     . A   B 2 13 ? 16.621  -13.959 -4.049  1.00 44.49 ? 114 A   B P     1 
ATOM   599 O  OP1   . A   B 2 13 ? 16.784  -12.649 -4.729  1.00 43.92 ? 114 A   B OP1   1 
ATOM   600 O  OP2   . A   B 2 13 ? 15.904  -14.037 -2.749  1.00 43.87 ? 114 A   B OP2   1 
ATOM   601 O  "O5'" . A   B 2 13 ? 15.954  -15.035 -5.035  1.00 41.33 ? 114 A   B "O5'" 1 
ATOM   602 C  "C5'" . A   B 2 13 ? 16.424  -15.091 -6.357  1.00 40.64 ? 114 A   B "C5'" 1 
ATOM   603 C  "C4'" . A   B 2 13 ? 15.849  -16.323 -7.003  1.00 42.14 ? 114 A   B "C4'" 1 
ATOM   604 O  "O4'" . A   B 2 13 ? 16.140  -17.479 -6.193  1.00 42.32 ? 114 A   B "O4'" 1 
ATOM   605 C  "C3'" . A   B 2 13 ? 14.338  -16.311 -7.097  1.00 42.31 ? 114 A   B "C3'" 1 
ATOM   606 O  "O3'" . A   B 2 13 ? 13.996  -15.665 -8.310  1.00 42.60 ? 114 A   B "O3'" 1 
ATOM   607 C  "C2'" . A   B 2 13 ? 13.982  -17.801 -7.088  1.00 41.56 ? 114 A   B "C2'" 1 
ATOM   608 O  "O2'" . A   B 2 13 ? 14.138  -18.398 -8.352  1.00 40.42 ? 114 A   B "O2'" 1 
ATOM   609 C  "C1'" . A   B 2 13 ? 15.043  -18.385 -6.187  1.00 40.97 ? 114 A   B "C1'" 1 
ATOM   610 N  N9    . A   B 2 13 ? 14.717  -18.616 -4.781  1.00 40.10 ? 114 A   B N9    1 
ATOM   611 C  C8    . A   B 2 13 ? 14.758  -17.696 -3.768  1.00 38.84 ? 114 A   B C8    1 
ATOM   612 N  N7    . A   B 2 13 ? 14.459  -18.207 -2.597  1.00 38.46 ? 114 A   B N7    1 
ATOM   613 C  C5    . A   B 2 13 ? 14.236  -19.545 -2.861  1.00 38.50 ? 114 A   B C5    1 
ATOM   614 C  C6    . A   B 2 13 ? 13.893  -20.632 -2.042  1.00 38.55 ? 114 A   B C6    1 
ATOM   615 N  N6    . A   B 2 13 ? 13.702  -20.512 -0.734  1.00 38.24 ? 114 A   B N6    1 
ATOM   616 N  N1    . A   B 2 13 ? 13.733  -21.849 -2.607  1.00 40.93 ? 114 A   B N1    1 
ATOM   617 C  C2    . A   B 2 13 ? 13.920  -21.972 -3.932  1.00 41.58 ? 114 A   B C2    1 
ATOM   618 N  N3    . A   B 2 13 ? 14.254  -21.004 -4.799  1.00 41.01 ? 114 A   B N3    1 
ATOM   619 C  C4    . A   B 2 13 ? 14.398  -19.814 -4.199  1.00 39.15 ? 114 A   B C4    1 
ATOM   620 P  P     . A   B 2 14 ? 12.539  -15.062 -8.511  1.00 42.72 ? 115 A   B P     1 
ATOM   621 O  OP1   . A   B 2 14 ? 12.498  -14.567 -9.903  1.00 43.52 ? 115 A   B OP1   1 
ATOM   622 O  OP2   . A   B 2 14 ? 12.241  -14.254 -7.306  1.00 42.99 ? 115 A   B OP2   1 
ATOM   623 O  "O5'" . A   B 2 14 ? 11.568  -16.305 -8.541  1.00 41.90 ? 115 A   B "O5'" 1 
ATOM   624 C  "C5'" . A   B 2 14 ? 11.571  -17.050 -9.742  1.00 41.31 ? 115 A   B "C5'" 1 
ATOM   625 C  "C4'" . A   B 2 14 ? 10.686  -18.246 -9.522  1.00 41.05 ? 115 A   B "C4'" 1 
ATOM   626 O  "O4'" . A   B 2 14 ? 11.210  -18.983 -8.403  1.00 41.59 ? 115 A   B "O4'" 1 
ATOM   627 C  "C3'" . A   B 2 14 ? 9.302   -17.858 -9.062  1.00 39.66 ? 115 A   B "C3'" 1 
ATOM   628 O  "O3'" . A   B 2 14 ? 8.563   -17.506 -10.213 1.00 37.70 ? 115 A   B "O3'" 1 
ATOM   629 C  "C2'" . A   B 2 14 ? 8.860   -19.136 -8.371  1.00 40.41 ? 115 A   B "C2'" 1 
ATOM   630 O  "O2'" . A   B 2 14 ? 8.474   -20.138 -9.291  1.00 41.66 ? 115 A   B "O2'" 1 
ATOM   631 C  "C1'" . A   B 2 14 ? 10.148  -19.592 -7.703  1.00 40.56 ? 115 A   B "C1'" 1 
ATOM   632 N  N9    . A   B 2 14 ? 10.309  -19.263 -6.293  1.00 39.80 ? 115 A   B N9    1 
ATOM   633 C  C8    . A   B 2 14 ? 10.447  -18.035 -5.736  1.00 40.90 ? 115 A   B C8    1 
ATOM   634 N  N7    . A   B 2 14 ? 10.611  -18.062 -4.430  1.00 41.57 ? 115 A   B N7    1 
ATOM   635 C  C5    . A   B 2 14 ? 10.578  -19.405 -4.103  1.00 39.33 ? 115 A   B C5    1 
ATOM   636 C  C6    . A   B 2 14 ? 10.686  -20.117 -2.885  1.00 38.22 ? 115 A   B C6    1 
ATOM   637 N  N6    . A   B 2 14 ? 10.848  -19.595 -1.675  1.00 37.08 ? 115 A   B N6    1 
ATOM   638 N  N1    . A   B 2 14 ? 10.623  -21.444 -2.929  1.00 38.70 ? 115 A   B N1    1 
ATOM   639 C  C2    . A   B 2 14 ? 10.466  -22.029 -4.118  1.00 39.96 ? 115 A   B C2    1 
ATOM   640 N  N3    . A   B 2 14 ? 10.343  -21.482 -5.325  1.00 40.26 ? 115 A   B N3    1 
ATOM   641 C  C4    . A   B 2 14 ? 10.406  -20.148 -5.250  1.00 39.64 ? 115 A   B C4    1 
ATOM   642 P  P     . G   B 2 15 ? 7.446   -16.356 -10.149 1.00 37.20 ? 116 G   B P     1 
ATOM   643 O  OP1   . G   B 2 15 ? 6.849   -16.330 -11.506 1.00 37.11 ? 116 G   B OP1   1 
ATOM   644 O  OP2   . G   B 2 15 ? 7.991   -15.130 -9.521  1.00 37.51 ? 116 G   B OP2   1 
ATOM   645 O  "O5'" . G   B 2 15 ? 6.361   -16.933 -9.131  1.00 35.93 ? 116 G   B "O5'" 1 
ATOM   646 C  "C5'" . G   B 2 15 ? 5.807   -16.132 -8.138  1.00 34.93 ? 116 G   B "C5'" 1 
ATOM   647 C  "C4'" . G   B 2 15 ? 6.013   -16.727 -6.771  1.00 34.63 ? 116 G   B "C4'" 1 
ATOM   648 O  "O4'" . G   B 2 15 ? 7.399   -16.579 -6.424  1.00 34.94 ? 116 G   B "O4'" 1 
ATOM   649 C  "C3'" . G   B 2 15 ? 5.305   -15.912 -5.723  1.00 36.04 ? 116 G   B "C3'" 1 
ATOM   650 O  "O3'" . G   B 2 15 ? 3.917   -16.293 -5.606  1.00 36.33 ? 116 G   B "O3'" 1 
ATOM   651 C  "C2'" . G   B 2 15 ? 6.149   -16.120 -4.474  1.00 35.37 ? 116 G   B "C2'" 1 
ATOM   652 O  "O2'" . G   B 2 15 ? 5.845   -17.346 -3.842  1.00 36.05 ? 116 G   B "O2'" 1 
ATOM   653 C  "C1'" . G   B 2 15 ? 7.542   -16.128 -5.085  1.00 34.10 ? 116 G   B "C1'" 1 
ATOM   654 N  N9    . G   B 2 15 ? 8.195   -14.826 -5.120  1.00 32.37 ? 116 G   B N9    1 
ATOM   655 C  C8    . G   B 2 15 ? 8.576   -14.129 -6.245  1.00 32.86 ? 116 G   B C8    1 
ATOM   656 N  N7    . G   B 2 15 ? 9.153   -12.967 -5.995  1.00 32.52 ? 116 G   B N7    1 
ATOM   657 C  C5    . G   B 2 15 ? 9.147   -12.890 -4.623  1.00 31.36 ? 116 G   B C5    1 
ATOM   658 C  C6    . G   B 2 15 ? 9.630   -11.860 -3.812  1.00 33.08 ? 116 G   B C6    1 
ATOM   659 O  O6    . G   B 2 15 ? 10.179  -10.787 -4.138  1.00 35.86 ? 116 G   B O6    1 
ATOM   660 N  N1    . G   B 2 15 ? 9.449   -12.162 -2.470  1.00 33.33 ? 116 G   B N1    1 
ATOM   661 C  C2    . G   B 2 15 ? 8.876   -13.308 -1.988  1.00 33.26 ? 116 G   B C2    1 
ATOM   662 N  N2    . G   B 2 15 ? 8.826   -13.354 -0.653  1.00 33.54 ? 116 G   B N2    1 
ATOM   663 N  N3    . G   B 2 15 ? 8.397   -14.304 -2.741  1.00 32.49 ? 116 G   B N3    1 
ATOM   664 C  C4    . G   B 2 15 ? 8.577   -14.025 -4.058  1.00 32.48 ? 116 G   B C4    1 
ATOM   665 P  P     . A   B 2 16 ? 2.861   -15.068 -5.455  1.00 36.63 ? 117 A   B P     1 
ATOM   666 O  OP1   . A   B 2 16 ? 1.465   -15.567 -5.632  1.00 31.02 ? 117 A   B OP1   1 
ATOM   667 O  OP2   . A   B 2 16 ? 3.404   -13.959 -6.295  1.00 35.71 ? 117 A   B OP2   1 
ATOM   668 O  "O5'" . A   B 2 16 ? 3.138   -14.611 -3.933  1.00 33.12 ? 117 A   B "O5'" 1 
ATOM   669 C  "C5'" . A   B 2 16 ? 2.693   -15.454 -2.873  1.00 32.87 ? 117 A   B "C5'" 1 
ATOM   670 C  "C4'" . A   B 2 16 ? 3.328   -15.050 -1.556  1.00 32.80 ? 117 A   B "C4'" 1 
ATOM   671 O  "O4'" . A   B 2 16 ? 4.665   -14.568 -1.814  1.00 34.18 ? 117 A   B "O4'" 1 
ATOM   672 C  "C3'" . A   B 2 16 ? 2.725   -13.815 -0.954  1.00 33.73 ? 117 A   B "C3'" 1 
ATOM   673 O  "O3'" . A   B 2 16 ? 1.510   -14.100 -0.286  1.00 34.12 ? 117 A   B "O3'" 1 
ATOM   674 C  "C2'" . A   B 2 16 ? 3.835   -13.296 -0.041  1.00 33.12 ? 117 A   B "C2'" 1 
ATOM   675 O  "O2'" . A   B 2 16 ? 3.909   -14.040 1.146   1.00 35.32 ? 117 A   B "O2'" 1 
ATOM   676 C  "C1'" . A   B 2 16 ? 5.064   -13.586 -0.869  1.00 31.09 ? 117 A   B "C1'" 1 
ATOM   677 N  N9    . A   B 2 16 ? 5.611   -12.473 -1.625  1.00 27.44 ? 117 A   B N9    1 
ATOM   678 C  C8    . A   B 2 16 ? 5.589   -12.317 -2.988  1.00 27.30 ? 117 A   B C8    1 
ATOM   679 N  N7    . A   B 2 16 ? 6.187   -11.238 -3.450  1.00 24.65 ? 117 A   B N7    1 
ATOM   680 C  C5    . A   B 2 16 ? 6.619   -10.646 -2.292  1.00 24.98 ? 117 A   B C5    1 
ATOM   681 C  C6    . A   B 2 16 ? 7.315   -9.457  -2.114  1.00 24.45 ? 117 A   B C6    1 
ATOM   682 N  N6    . A   B 2 16 ? 7.680   -8.685  -3.145  1.00 21.97 ? 117 A   B N6    1 
ATOM   683 N  N1    . A   B 2 16 ? 7.612   -9.130  -0.833  1.00 26.20 ? 117 A   B N1    1 
ATOM   684 C  C2    . A   B 2 16 ? 7.232   -9.942  0.182   1.00 25.97 ? 117 A   B C2    1 
ATOM   685 N  N3    . A   B 2 16 ? 6.565   -11.095 0.141   1.00 25.80 ? 117 A   B N3    1 
ATOM   686 C  C4    . A   B 2 16 ? 6.288   -11.383 -1.151  1.00 26.52 ? 117 A   B C4    1 
ATOM   687 P  P     . G   B 2 17 ? 0.369   -12.966 -0.416  1.00 35.35 ? 118 G   B P     1 
ATOM   688 O  OP1   . G   B 2 17 ? -0.834  -13.433 0.316   1.00 33.66 ? 118 G   B OP1   1 
ATOM   689 O  OP2   . G   B 2 17 ? 0.309   -12.464 -1.824  1.00 32.26 ? 118 G   B OP2   1 
ATOM   690 O  "O5'" . G   B 2 17 ? 1.017   -11.848 0.531   1.00 34.99 ? 118 G   B "O5'" 1 
ATOM   691 C  "C5'" . G   B 2 17 ? 1.226   -12.273 1.868   1.00 35.66 ? 118 G   B "C5'" 1 
ATOM   692 C  "C4'" . G   B 2 17 ? 1.929   -11.192 2.632   1.00 37.81 ? 118 G   B "C4'" 1 
ATOM   693 O  "O4'" . G   B 2 17 ? 3.254   -10.861 2.124   1.00 37.00 ? 118 G   B "O4'" 1 
ATOM   694 C  "C3'" . G   B 2 17 ? 1.193   -9.872  2.586   1.00 38.69 ? 118 G   B "C3'" 1 
ATOM   695 O  "O3'" . G   B 2 17 ? 0.054   -10.047 3.422   1.00 42.56 ? 118 G   B "O3'" 1 
ATOM   696 C  "C2'" . G   B 2 17 ? 2.313   -9.077  3.226   1.00 35.04 ? 118 G   B "C2'" 1 
ATOM   697 O  "O2'" . G   B 2 17 ? 2.496   -9.620  4.520   1.00 33.20 ? 118 G   B "O2'" 1 
ATOM   698 C  "C1'" . G   B 2 17 ? 3.499   -9.492  2.361   1.00 32.49 ? 118 G   B "C1'" 1 
ATOM   699 N  N9    . G   B 2 17 ? 3.727   -8.863  1.052   1.00 29.02 ? 118 G   B N9    1 
ATOM   700 C  C8    . G   B 2 17 ? 3.207   -9.256  -0.151  1.00 28.54 ? 118 G   B C8    1 
ATOM   701 N  N7    . G   B 2 17 ? 3.598   -8.549  -1.175  1.00 27.30 ? 118 G   B N7    1 
ATOM   702 C  C5    . G   B 2 17 ? 4.433   -7.617  -0.622  1.00 27.48 ? 118 G   B C5    1 
ATOM   703 C  C6    . G   B 2 17 ? 5.138   -6.567  -1.259  1.00 28.28 ? 118 G   B C6    1 
ATOM   704 O  O6    . G   B 2 17 ? 5.146   -6.287  -2.462  1.00 28.64 ? 118 G   B O6    1 
ATOM   705 N  N1    . G   B 2 17 ? 5.914   -5.823  -0.368  1.00 27.13 ? 118 G   B N1    1 
ATOM   706 C  C2    . G   B 2 17 ? 5.966   -6.063  0.986   1.00 27.55 ? 118 G   B C2    1 
ATOM   707 N  N2    . G   B 2 17 ? 6.758   -5.231  1.677   1.00 30.52 ? 118 G   B N2    1 
ATOM   708 N  N3    . G   B 2 17 ? 5.296   -7.025  1.618   1.00 27.52 ? 118 G   B N3    1 
ATOM   709 C  C4    . G   B 2 17 ? 4.544   -7.785  0.747   1.00 28.96 ? 118 G   B C4    1 
ATOM   710 P  P     . U   B 2 18 ? -1.145  -9.000  3.420   1.00 46.62 ? 119 U   B P     1 
ATOM   711 O  OP1   . U   B 2 18 ? -2.185  -9.585  4.293   1.00 46.50 ? 119 U   B OP1   1 
ATOM   712 O  OP2   . U   B 2 18 ? -1.410  -8.472  2.045   1.00 44.29 ? 119 U   B OP2   1 
ATOM   713 O  "O5'" . U   B 2 18 ? -0.496  -7.793  4.240   1.00 47.57 ? 119 U   B "O5'" 1 
ATOM   714 C  "C5'" . U   B 2 18 ? -0.029  -7.967  5.565   1.00 49.19 ? 119 U   B "C5'" 1 
ATOM   715 C  "C4'" . U   B 2 18 ? 0.587   -6.641  5.993   1.00 49.96 ? 119 U   B "C4'" 1 
ATOM   716 O  "O4'" . U   B 2 18 ? 1.712   -6.267  5.115   1.00 49.39 ? 119 U   B "O4'" 1 
ATOM   717 C  "C3'" . U   B 2 18 ? -0.454  -5.523  5.967   1.00 49.66 ? 119 U   B "C3'" 1 
ATOM   718 O  "O3'" . U   B 2 18 ? -0.278  -4.641  7.088   1.00 49.36 ? 119 U   B "O3'" 1 
ATOM   719 C  "C2'" . U   B 2 18 ? -0.105  -4.898  4.627   1.00 49.28 ? 119 U   B "C2'" 1 
ATOM   720 O  "O2'" . U   B 2 18 ? -0.512  -3.551  4.531   1.00 51.22 ? 119 U   B "O2'" 1 
ATOM   721 C  "C1'" . U   B 2 18 ? 1.425   -5.026  4.521   1.00 47.75 ? 119 U   B "C1'" 1 
ATOM   722 N  N1    . U   B 2 18 ? 1.847   -4.859  3.076   1.00 44.64 ? 119 U   B N1    1 
ATOM   723 C  C2    . U   B 2 18 ? 2.976   -4.162  2.714   1.00 44.47 ? 119 U   B C2    1 
ATOM   724 O  O2    . U   B 2 18 ? 3.743   -3.684  3.515   1.00 46.40 ? 119 U   B O2    1 
ATOM   725 N  N3    . U   B 2 18 ? 3.216   -4.031  1.368   1.00 43.10 ? 119 U   B N3    1 
ATOM   726 C  C4    . U   B 2 18 ? 2.436   -4.499  0.343   1.00 41.21 ? 119 U   B C4    1 
ATOM   727 O  O4    . U   B 2 18 ? 2.744   -4.324  -0.826  1.00 40.40 ? 119 U   B O4    1 
ATOM   728 C  C5    . U   B 2 18 ? 1.283   -5.192  0.791   1.00 42.20 ? 119 U   B C5    1 
ATOM   729 C  C6    . U   B 2 18 ? 1.037   -5.333  2.092   1.00 43.23 ? 119 U   B C6    1 
ATOM   730 P  P     . C   B 2 19 ? -1.302  -3.485  7.533   1.00 47.81 ? 120 C   B P     1 
ATOM   731 O  OP1   . C   B 2 19 ? -2.447  -4.122  8.212   1.00 47.77 ? 120 C   B OP1   1 
ATOM   732 O  OP2   . C   B 2 19 ? -1.479  -2.452  6.488   1.00 47.30 ? 120 C   B OP2   1 
ATOM   733 O  "O5'" . C   B 2 19 ? -0.432  -2.738  8.628   1.00 47.82 ? 120 C   B "O5'" 1 
ATOM   734 C  "C5'" . C   B 2 19 ? 0.967   -2.828  8.536   1.00 48.02 ? 120 C   B "C5'" 1 
ATOM   735 C  "C4'" . C   B 2 19 ? 1.587   -2.478  9.865   1.00 48.31 ? 120 C   B "C4'" 1 
ATOM   736 O  "O4'" . C   B 2 19 ? 2.710   -1.610  9.575   1.00 49.24 ? 120 C   B "O4'" 1 
ATOM   737 C  "C3'" . C   B 2 19 ? 0.662   -1.695  10.784  1.00 48.42 ? 120 C   B "C3'" 1 
ATOM   738 O  "O3'" . C   B 2 19 ? 0.099   -2.565  11.748  1.00 46.73 ? 120 C   B "O3'" 1 
ATOM   739 C  "C2'" . C   B 2 19 ? 1.619   -0.708  11.430  1.00 49.15 ? 120 C   B "C2'" 1 
ATOM   740 O  "O2'" . C   B 2 19 ? 2.310   -1.350  12.480  1.00 51.24 ? 120 C   B "O2'" 1 
ATOM   741 C  "C1'" . C   B 2 19 ? 2.583   -0.395  10.297  1.00 48.76 ? 120 C   B "C1'" 1 
ATOM   742 N  N1    . C   B 2 19 ? 2.159   0.755   9.415   1.00 47.55 ? 120 C   B N1    1 
ATOM   743 C  C2    . C   B 2 19 ? 2.581   2.027   9.777   1.00 47.01 ? 120 C   B C2    1 
ATOM   744 O  O2    . C   B 2 19 ? 3.267   2.130   10.778  1.00 48.91 ? 120 C   B O2    1 
ATOM   745 N  N3    . C   B 2 19 ? 2.246   3.102   9.031   1.00 46.69 ? 120 C   B N3    1 
ATOM   746 C  C4    . C   B 2 19 ? 1.499   2.941   7.943   1.00 47.37 ? 120 C   B C4    1 
ATOM   747 N  N4    . C   B 2 19 ? 1.196   4.036   7.243   1.00 47.06 ? 120 C   B N4    1 
ATOM   748 C  C5    . C   B 2 19 ? 1.045   1.643   7.527   1.00 47.58 ? 120 C   B C5    1 
ATOM   749 C  C6    . C   B 2 19 ? 1.391   0.594   8.289   1.00 47.45 ? 120 C   B C6    1 
ATOM   750 P  P     . A   B 2 20 ? -1.211  -2.111  12.550  1.00 47.19 ? 121 A   B P     1 
ATOM   751 O  OP1   . A   B 2 20 ? -1.460  -3.129  13.605  1.00 45.56 ? 121 A   B OP1   1 
ATOM   752 O  OP2   . A   B 2 20 ? -2.263  -1.589  11.630  1.00 43.08 ? 121 A   B OP2   1 
ATOM   753 O  "O5'" . A   B 2 20 ? -0.646  -0.824  13.303  1.00 47.78 ? 121 A   B "O5'" 1 
ATOM   754 C  "C5'" . A   B 2 20 ? -0.214  -0.902  14.630  1.00 48.35 ? 121 A   B "C5'" 1 
ATOM   755 C  "C4'" . A   B 2 20 ? 0.162   0.505   15.006  1.00 50.20 ? 121 A   B "C4'" 1 
ATOM   756 O  "O4'" . A   B 2 20 ? 0.959   1.098   13.946  1.00 51.11 ? 121 A   B "O4'" 1 
ATOM   757 C  "C3'" . A   B 2 20 ? -0.989  1.486   15.148  1.00 49.53 ? 121 A   B "C3'" 1 
ATOM   758 O  "O3'" . A   B 2 20 ? -1.581  1.290   16.395  1.00 49.37 ? 121 A   B "O3'" 1 
ATOM   759 C  "C2'" . A   B 2 20 ? -0.149  2.744   15.166  1.00 49.28 ? 121 A   B "C2'" 1 
ATOM   760 O  "O2'" . A   B 2 20 ? 0.648   2.712   16.325  1.00 48.28 ? 121 A   B "O2'" 1 
ATOM   761 C  "C1'" . A   B 2 20 ? 0.733   2.495   13.951  1.00 49.48 ? 121 A   B "C1'" 1 
ATOM   762 N  N9    . A   B 2 20 ? 0.125   2.920   12.688  1.00 48.18 ? 121 A   B N9    1 
ATOM   763 C  C8    . A   B 2 20 ? -0.676  2.223   11.830  1.00 46.89 ? 121 A   B C8    1 
ATOM   764 N  N7    . A   B 2 20 ? -1.052  2.916   10.777  1.00 46.28 ? 121 A   B N7    1 
ATOM   765 C  C5    . A   B 2 20 ? -0.463  4.149   10.955  1.00 46.45 ? 121 A   B C5    1 
ATOM   766 C  C6    . A   B 2 20 ? -0.462  5.349   10.209  1.00 45.76 ? 121 A   B C6    1 
ATOM   767 N  N6    . A   B 2 20 ? -1.102  5.510   9.066   1.00 44.56 ? 121 A   B N6    1 
ATOM   768 N  N1    . A   B 2 20 ? 0.237   6.401   10.679  1.00 46.18 ? 121 A   B N1    1 
ATOM   769 C  C2    . A   B 2 20 ? 0.898   6.257   11.838  1.00 46.96 ? 121 A   B C2    1 
ATOM   770 N  N3    . A   B 2 20 ? 0.978   5.186   12.635  1.00 47.01 ? 121 A   B N3    1 
ATOM   771 C  C4    . A   B 2 20 ? 0.267   4.162   12.133  1.00 47.39 ? 121 A   B C4    1 
ATOM   772 P  P     . C   B 2 21 ? -2.929  2.053   16.732  1.00 49.81 ? 122 C   B P     1 
ATOM   773 O  OP1   . C   B 2 21 ? -3.381  1.548   18.044  1.00 50.34 ? 122 C   B OP1   1 
ATOM   774 O  OP2   . C   B 2 21 ? -3.813  2.028   15.541  1.00 48.56 ? 122 C   B OP2   1 
ATOM   775 O  "O5'" . C   B 2 21 ? -2.474  3.565   16.962  1.00 48.50 ? 122 C   B "O5'" 1 
ATOM   776 C  "C5'" . C   B 2 21 ? -3.402  4.612   16.689  1.00 46.24 ? 122 C   B "C5'" 1 
ATOM   777 C  "C4'" . C   B 2 21 ? -2.651  5.849   16.259  1.00 44.44 ? 122 C   B "C4'" 1 
ATOM   778 O  "O4'" . C   B 2 21 ? -2.012  5.653   14.984  1.00 43.86 ? 122 C   B "O4'" 1 
ATOM   779 C  "C3'" . C   B 2 21 ? -3.503  7.045   15.956  1.00 44.00 ? 122 C   B "C3'" 1 
ATOM   780 O  "O3'" . C   B 2 21 ? -3.903  7.575   17.168  1.00 45.48 ? 122 C   B "O3'" 1 
ATOM   781 C  "C2'" . C   B 2 21 ? -2.440  7.918   15.335  1.00 43.06 ? 122 C   B "C2'" 1 
ATOM   782 O  "O2'" . C   B 2 21 ? -1.486  8.299   16.299  1.00 43.62 ? 122 C   B "O2'" 1 
ATOM   783 C  "C1'" . C   B 2 21 ? -1.800  6.919   14.392  1.00 41.79 ? 122 C   B "C1'" 1 
ATOM   784 N  N1    . C   B 2 21 ? -2.394  6.929   13.029  1.00 39.71 ? 122 C   B N1    1 
ATOM   785 C  C2    . C   B 2 21 ? -2.227  8.065   12.212  1.00 38.86 ? 122 C   B C2    1 
ATOM   786 O  O2    . C   B 2 21 ? -1.606  9.040   12.611  1.00 37.44 ? 122 C   B O2    1 
ATOM   787 N  N3    . C   B 2 21 ? -2.771  8.068   10.970  1.00 38.82 ? 122 C   B N3    1 
ATOM   788 C  C4    . C   B 2 21 ? -3.452  7.004   10.545  1.00 36.23 ? 122 C   B C4    1 
ATOM   789 N  N4    . C   B 2 21 ? -3.944  7.103   9.326   1.00 34.22 ? 122 C   B N4    1 
ATOM   790 C  C5    . C   B 2 21 ? -3.642  5.835   11.342  1.00 35.99 ? 122 C   B C5    1 
ATOM   791 C  C6    . C   B 2 21 ? -3.100  5.839   12.566  1.00 37.99 ? 122 C   B C6    1 
ATOM   792 P  P     . C   B 2 22 ? -5.337  8.250   17.272  1.00 44.59 ? 123 C   B P     1 
ATOM   793 O  OP1   . C   B 2 22 ? -5.554  8.493   18.720  1.00 45.53 ? 123 C   B OP1   1 
ATOM   794 O  OP2   . C   B 2 22 ? -6.275  7.417   16.502  1.00 43.74 ? 123 C   B OP2   1 
ATOM   795 O  "O5'" . C   B 2 22 ? -5.057  9.639   16.538  1.00 42.64 ? 123 C   B "O5'" 1 
ATOM   796 C  "C5'" . C   B 2 22 ? -4.368  10.610  17.308  1.00 40.42 ? 123 C   B "C5'" 1 
ATOM   797 C  "C4'" . C   B 2 22 ? -4.057  11.850  16.505  1.00 38.94 ? 123 C   B "C4'" 1 
ATOM   798 O  "O4'" . C   B 2 22 ? -3.413  11.486  15.263  1.00 39.57 ? 123 C   B "O4'" 1 
ATOM   799 C  "C3'" . C   B 2 22 ? -5.272  12.615  16.051  1.00 37.35 ? 123 C   B "C3'" 1 
ATOM   800 O  "O3'" . C   B 2 22 ? -5.706  13.419  17.086  1.00 36.57 ? 123 C   B "O3'" 1 
ATOM   801 C  "C2'" . C   B 2 22 ? -4.697  13.428  14.908  1.00 37.52 ? 123 C   B "C2'" 1 
ATOM   802 O  "O2'" . C   B 2 22 ? -3.910  14.509  15.320  1.00 38.59 ? 123 C   B "O2'" 1 
ATOM   803 C  "C1'" . C   B 2 22 ? -3.771  12.420  14.261  1.00 38.34 ? 123 C   B "C1'" 1 
ATOM   804 N  N1    . C   B 2 22 ? -4.420  11.751  13.091  1.00 38.77 ? 123 C   B N1    1 
ATOM   805 C  C2    . C   B 2 22 ? -4.606  12.499  11.917  1.00 38.98 ? 123 C   B C2    1 
ATOM   806 O  O2    . C   B 2 22 ? -4.219  13.670  11.896  1.00 40.69 ? 123 C   B O2    1 
ATOM   807 N  N3    . C   B 2 22 ? -5.197  11.929  10.838  1.00 38.73 ? 123 C   B N3    1 
ATOM   808 C  C4    . C   B 2 22 ? -5.594  10.652  10.911  1.00 39.03 ? 123 C   B C4    1 
ATOM   809 N  N4    . C   B 2 22 ? -6.164  10.099  9.833   1.00 37.80 ? 123 C   B N4    1 
ATOM   810 C  C5    . C   B 2 22 ? -5.417  9.879   12.104  1.00 38.98 ? 123 C   B C5    1 
ATOM   811 C  C6    . C   B 2 22 ? -4.836  10.452  13.165  1.00 38.06 ? 123 C   B C6    1 
ATOM   812 P  P     . A   B 2 23 ? -7.254  13.755  17.184  1.00 36.78 ? 124 A   B P     1 
ATOM   813 O  OP1   . A   B 2 23 ? -7.576  14.447  18.439  1.00 36.92 ? 124 A   B OP1   1 
ATOM   814 O  OP2   . A   B 2 23 ? -7.974  12.512  16.812  1.00 37.14 ? 124 A   B OP2   1 
ATOM   815 O  "O5'" . A   B 2 23 ? -7.430  14.848  16.054  1.00 36.06 ? 124 A   B "O5'" 1 
ATOM   816 C  "C5'" . A   B 2 23 ? -6.939  16.126  16.250  1.00 35.50 ? 124 A   B "C5'" 1 
ATOM   817 C  "C4'" . A   B 2 23 ? -6.901  16.742  14.877  1.00 37.17 ? 124 A   B "C4'" 1 
ATOM   818 O  "O4'" . A   B 2 23 ? -6.405  15.772  13.929  1.00 37.63 ? 124 A   B "O4'" 1 
ATOM   819 C  "C3'" . A   B 2 23 ? -8.256  17.034  14.275  1.00 37.42 ? 124 A   B "C3'" 1 
ATOM   820 O  "O3'" . A   B 2 23 ? -8.799  18.158  14.877  1.00 39.59 ? 124 A   B "O3'" 1 
ATOM   821 C  "C2'" . A   B 2 23 ? -7.857  17.280  12.827  1.00 36.96 ? 124 A   B "C2'" 1 
ATOM   822 O  "O2'" . A   B 2 23 ? -7.111  18.466  12.633  1.00 34.77 ? 124 A   B "O2'" 1 
ATOM   823 C  "C1'" . A   B 2 23 ? -6.940  16.082  12.656  1.00 37.16 ? 124 A   B "C1'" 1 
ATOM   824 N  N9    . A   B 2 23 ? -7.515  14.844  12.143  1.00 37.68 ? 124 A   B N9    1 
ATOM   825 C  C8    . A   B 2 23 ? -7.640  13.661  12.816  1.00 38.18 ? 124 A   B C8    1 
ATOM   826 N  N7    . A   B 2 23 ? -8.150  12.686  12.099  1.00 38.61 ? 124 A   B N7    1 
ATOM   827 C  C5    . A   B 2 23 ? -8.369  13.282  10.878  1.00 38.06 ? 124 A   B C5    1 
ATOM   828 C  C6    . A   B 2 23 ? -8.889  12.776  9.681   1.00 38.59 ? 124 A   B C6    1 
ATOM   829 N  N6    . A   B 2 23 ? -9.293  11.512  9.560   1.00 38.15 ? 124 A   B N6    1 
ATOM   830 N  N1    . A   B 2 23 ? -8.979  13.618  8.630   1.00 38.60 ? 124 A   B N1    1 
ATOM   831 C  C2    . A   B 2 23 ? -8.564  14.883  8.781   1.00 38.07 ? 124 A   B C2    1 
ATOM   832 N  N3    . A   B 2 23 ? -8.053  15.472  9.858   1.00 37.36 ? 124 A   B N3    1 
ATOM   833 C  C4    . A   B 2 23 ? -7.983  14.606  10.878  1.00 37.53 ? 124 A   B C4    1 
ATOM   834 P  P     . C   B 2 24 ? -10.346 18.209  15.264  1.00 41.14 ? 125 C   B P     1 
ATOM   835 O  OP1   . C   B 2 24 ? -10.501 19.488  16.012  1.00 40.59 ? 125 C   B OP1   1 
ATOM   836 O  OP2   . C   B 2 24 ? -10.765 16.914  15.859  1.00 39.24 ? 125 C   B OP2   1 
ATOM   837 O  "O5'" . C   B 2 24 ? -10.997 18.372  13.813  1.00 42.01 ? 125 C   B "O5'" 1 
ATOM   838 C  "C5'" . C   B 2 24 ? -10.665 19.539  13.046  1.00 44.10 ? 125 C   B "C5'" 1 
ATOM   839 C  "C4'" . C   B 2 24 ? -11.190 19.438  11.629  1.00 45.94 ? 125 C   B "C4'" 1 
ATOM   840 O  "O4'" . C   B 2 24 ? -10.581 18.316  10.933  1.00 46.25 ? 125 C   B "O4'" 1 
ATOM   841 C  "C3'" . C   B 2 24 ? -12.685 19.156  11.543  1.00 47.13 ? 125 C   B "C3'" 1 
ATOM   842 O  "O3'" . C   B 2 24 ? -13.422 20.364  11.742  1.00 46.80 ? 125 C   B "O3'" 1 
ATOM   843 C  "C2'" . C   B 2 24 ? -12.801 18.559  10.137  1.00 47.28 ? 125 C   B "C2'" 1 
ATOM   844 O  "O2'" . C   B 2 24 ? -12.866 19.538  9.118   1.00 50.30 ? 125 C   B "O2'" 1 
ATOM   845 C  "C1'" . C   B 2 24 ? -11.493 17.786  9.990   1.00 45.34 ? 125 C   B "C1'" 1 
ATOM   846 N  N1    . C   B 2 24 ? -11.664 16.351  10.253  1.00 43.92 ? 125 C   B N1    1 
ATOM   847 C  C2    . C   B 2 24 ? -11.902 15.507  9.166   1.00 43.57 ? 125 C   B C2    1 
ATOM   848 O  O2    . C   B 2 24 ? -11.950 16.025  8.041   1.00 43.45 ? 125 C   B O2    1 
ATOM   849 N  N3    . C   B 2 24 ? -12.063 14.168  9.392   1.00 42.61 ? 125 C   B N3    1 
ATOM   850 C  C4    . C   B 2 24 ? -11.991 13.692  10.645  1.00 42.57 ? 125 C   B C4    1 
ATOM   851 N  N4    . C   B 2 24 ? -12.149 12.386  10.854  1.00 41.40 ? 125 C   B N4    1 
ATOM   852 C  C5    . C   B 2 24 ? -11.750 14.544  11.764  1.00 43.43 ? 125 C   B C5    1 
ATOM   853 C  C6    . C   B 2 24 ? -11.595 15.853  11.526  1.00 43.65 ? 125 C   B C6    1 
HETATM 854 CO CO    . CO  C 3 .  ? 6.108   -8.959  9.394   1.00 72.82 ? 2   CO  A CO    1 
HETATM 855 O  "O5'" . 5GP D 4 .  ? -14.024 5.254   1.063   1.00 52.49 ? 500 5GP A "O5'" 1 
HETATM 856 C  "C5'" . 5GP D 4 .  ? -15.123 5.083   1.959   1.00 53.02 ? 500 5GP A "C5'" 1 
HETATM 857 C  "C4'" . 5GP D 4 .  ? -15.827 3.768   1.703   1.00 52.41 ? 500 5GP A "C4'" 1 
HETATM 858 O  "O4'" . 5GP D 4 .  ? -16.857 3.973   0.699   1.00 51.64 ? 500 5GP A "O4'" 1 
HETATM 859 C  "C3'" . 5GP D 4 .  ? -14.893 2.706   1.132   1.00 52.96 ? 500 5GP A "C3'" 1 
HETATM 860 O  "O3'" . 5GP D 4 .  ? -14.286 1.931   2.167   1.00 54.07 ? 500 5GP A "O3'" 1 
HETATM 861 C  "C2'" . 5GP D 4 .  ? -15.831 1.901   0.235   1.00 52.74 ? 500 5GP A "C2'" 1 
HETATM 862 O  "O2'" . 5GP D 4 .  ? -16.635 0.978   0.955   1.00 54.16 ? 500 5GP A "O2'" 1 
HETATM 863 C  "C1'" . 5GP D 4 .  ? -16.699 3.016   -0.342  1.00 51.18 ? 500 5GP A "C1'" 1 
HETATM 864 N  N9    . 5GP D 4 .  ? -16.253 3.656   -1.601  1.00 48.62 ? 500 5GP A N9    1 
HETATM 865 C  C8    . 5GP D 4 .  ? -15.586 4.852   -1.750  1.00 47.17 ? 500 5GP A C8    1 
HETATM 866 N  N7    . 5GP D 4 .  ? -15.355 5.179   -2.992  1.00 46.59 ? 500 5GP A N7    1 
HETATM 867 C  C5    . 5GP D 4 .  ? -15.904 4.139   -3.731  1.00 46.82 ? 500 5GP A C5    1 
HETATM 868 C  C6    . 5GP D 4 .  ? -15.969 3.945   -5.139  1.00 46.50 ? 500 5GP A C6    1 
HETATM 869 O  O6    . 5GP D 4 .  ? -15.527 4.671   -6.038  1.00 46.19 ? 500 5GP A O6    1 
HETATM 870 N  N1    . 5GP D 4 .  ? -16.621 2.761   -5.482  1.00 45.89 ? 500 5GP A N1    1 
HETATM 871 C  C2    . 5GP D 4 .  ? -17.154 1.881   -4.572  1.00 45.67 ? 500 5GP A C2    1 
HETATM 872 N  N2    . 5GP D 4 .  ? -17.737 0.800   -5.093  1.00 45.34 ? 500 5GP A N2    1 
HETATM 873 N  N3    . 5GP D 4 .  ? -17.114 2.045   -3.253  1.00 46.06 ? 500 5GP A N3    1 
HETATM 874 C  C4    . 5GP D 4 .  ? -16.471 3.194   -2.894  1.00 47.46 ? 500 5GP A C4    1 
HETATM 875 CO CO    . CO  E 3 .  ? -6.143  4.301   8.376   1.00 77.87 ? 1   CO  B CO    1 
HETATM 876 CO CO    . CO  F 3 .  ? 6.153   -23.935 -1.582  1.00 86.11 ? 3   CO  B CO    1 
HETATM 877 CO CO    . CO  G 3 .  ? -0.811  -3.570  2.773   1.00 86.73 ? 4   CO  B CO    1 
# 
